data_3L9T
# 
_entry.id   3L9T 
# 
_audit_conform.dict_name       mmcif_pdbx.dic 
_audit_conform.dict_version    5.398 
_audit_conform.dict_location   http://mmcif.pdb.org/dictionaries/ascii/mmcif_pdbx.dic 
# 
loop_
_database_2.database_id 
_database_2.database_code 
_database_2.pdbx_database_accession 
_database_2.pdbx_DOI 
PDB   3L9T         pdb_00003l9t 10.2210/pdb3l9t/pdb 
RCSB  RCSB057013   ?            ?                   
WWPDB D_1000057013 ?            ?                   
# 
loop_
_pdbx_audit_revision_history.ordinal 
_pdbx_audit_revision_history.data_content_type 
_pdbx_audit_revision_history.major_revision 
_pdbx_audit_revision_history.minor_revision 
_pdbx_audit_revision_history.revision_date 
1 'Structure model' 1 0 2011-01-05 
2 'Structure model' 1 1 2011-07-13 
3 'Structure model' 1 2 2024-11-13 
# 
_pdbx_audit_revision_details.ordinal             1 
_pdbx_audit_revision_details.revision_ordinal    1 
_pdbx_audit_revision_details.data_content_type   'Structure model' 
_pdbx_audit_revision_details.provider            repository 
_pdbx_audit_revision_details.type                'Initial release' 
_pdbx_audit_revision_details.description         ? 
_pdbx_audit_revision_details.details             ? 
# 
loop_
_pdbx_audit_revision_group.ordinal 
_pdbx_audit_revision_group.revision_ordinal 
_pdbx_audit_revision_group.data_content_type 
_pdbx_audit_revision_group.group 
1 2 'Structure model' 'Version format compliance' 
2 3 'Structure model' 'Data collection'           
3 3 'Structure model' 'Database references'       
4 3 'Structure model' 'Derived calculations'      
5 3 'Structure model' 'Structure summary'         
# 
loop_
_pdbx_audit_revision_category.ordinal 
_pdbx_audit_revision_category.revision_ordinal 
_pdbx_audit_revision_category.data_content_type 
_pdbx_audit_revision_category.category 
1 3 'Structure model' chem_comp_atom            
2 3 'Structure model' chem_comp_bond            
3 3 'Structure model' database_2                
4 3 'Structure model' pdbx_entry_details        
5 3 'Structure model' pdbx_modification_feature 
6 3 'Structure model' struct_conn               
7 3 'Structure model' struct_ref_seq_dif        
8 3 'Structure model' struct_site               
# 
loop_
_pdbx_audit_revision_item.ordinal 
_pdbx_audit_revision_item.revision_ordinal 
_pdbx_audit_revision_item.data_content_type 
_pdbx_audit_revision_item.item 
1 3 'Structure model' '_database_2.pdbx_DOI'                
2 3 'Structure model' '_database_2.pdbx_database_accession' 
3 3 'Structure model' '_struct_conn.pdbx_leaving_atom_flag' 
4 3 'Structure model' '_struct_ref_seq_dif.details'         
5 3 'Structure model' '_struct_site.pdbx_auth_asym_id'      
6 3 'Structure model' '_struct_site.pdbx_auth_comp_id'      
7 3 'Structure model' '_struct_site.pdbx_auth_seq_id'       
# 
_pdbx_database_status.status_code                     REL 
_pdbx_database_status.entry_id                        3L9T 
_pdbx_database_status.recvd_initial_deposition_date   2010-01-05 
_pdbx_database_status.deposit_site                    RCSB 
_pdbx_database_status.process_site                    PDBJ 
_pdbx_database_status.status_code_sf                  REL 
_pdbx_database_status.status_code_mr                  ? 
_pdbx_database_status.SG_entry                        ? 
_pdbx_database_status.status_code_cs                  ? 
_pdbx_database_status.pdb_format_compatible           Y 
_pdbx_database_status.status_code_nmr_data            ? 
_pdbx_database_status.methods_development_category    ? 
# 
loop_
_audit_author.name 
_audit_author.pdbx_ordinal 
'Su, X.-D.' 1 
'Cao, Q.'   2 
'Liu, X.'   3 
# 
_citation.id                        primary 
_citation.title                     'The Crystal Structure of smu.31 from Streptococcus mutans UA159' 
_citation.journal_abbrev            'TO BE PUBLISHED' 
_citation.journal_volume            ? 
_citation.page_first                ? 
_citation.page_last                 ? 
_citation.year                      ? 
_citation.journal_id_ASTM           ? 
_citation.country                   ? 
_citation.journal_id_ISSN           ? 
_citation.journal_id_CSD            0353 
_citation.book_publisher            ? 
_citation.pdbx_database_id_PubMed   ? 
_citation.pdbx_database_id_DOI      ? 
# 
loop_
_citation_author.citation_id 
_citation_author.name 
_citation_author.ordinal 
_citation_author.identifier_ORCID 
primary 'Su, X.-D.' 1 ? 
primary 'Cao, Q.'   2 ? 
primary 'Liu, X.'   3 ? 
# 
loop_
_entity.id 
_entity.type 
_entity.src_method 
_entity.pdbx_description 
_entity.formula_weight 
_entity.pdbx_number_of_molecules 
_entity.pdbx_ec 
_entity.pdbx_mutation 
_entity.pdbx_fragment 
_entity.details 
1 polymer     man 'Putative uncharacterized protein smu.31'             28449.469 1  ? ? ? ? 
2 non-polymer syn '4-(2-HYDROXYETHYL)-1-PIPERAZINE ETHANESULFONIC ACID' 238.305   1  ? ? ? ? 
3 water       nat water                                                 18.015    14 ? ? ? ? 
# 
_entity_poly.entity_id                      1 
_entity_poly.type                           'polypeptide(L)' 
_entity_poly.nstd_linkage                   no 
_entity_poly.nstd_monomer                   yes 
_entity_poly.pdbx_seq_one_letter_code       
;(MSE)GSSHHHHHHSSGLVPRGSH(MSE)AS(MSE)TGGQQ(MSE)GRGS(MSE)KQYVARLEKDFSLIEHGFKEEEQRA
LTDYKSNDGEYIKKLAFLAYQSDVYQVR(MSE)YAVFLFGYLSKDKEILIF(MSE)RDEVSKDNNWRVQEVLAKAFDEFC
KKIEYKKALPIIDEWLKSSNLHTRRAATEGLRIWTNRPYFKENPNEAIRRIADLKEDVSEYVRKSVGNALRDISKKFPDL
VKIELKNWKLESKEINQVYKLASKFIDA
;
_entity_poly.pdbx_seq_one_letter_code_can   
;MGSSHHHHHHSSGLVPRGSHMASMTGGQQMGRGSMKQYVARLEKDFSLIEHGFKEEEQRALTDYKSNDGEYIKKLAFLAY
QSDVYQVRMYAVFLFGYLSKDKEILIFMRDEVSKDNNWRVQEVLAKAFDEFCKKIEYKKALPIIDEWLKSSNLHTRRAAT
EGLRIWTNRPYFKENPNEAIRRIADLKEDVSEYVRKSVGNALRDISKKFPDLVKIELKNWKLESKEINQVYKLASKFIDA
;
_entity_poly.pdbx_strand_id                 A 
_entity_poly.pdbx_target_identifier         ? 
# 
loop_
_pdbx_entity_nonpoly.entity_id 
_pdbx_entity_nonpoly.name 
_pdbx_entity_nonpoly.comp_id 
2 '4-(2-HYDROXYETHYL)-1-PIPERAZINE ETHANESULFONIC ACID' EPE 
3 water                                                 HOH 
# 
loop_
_entity_poly_seq.entity_id 
_entity_poly_seq.num 
_entity_poly_seq.mon_id 
_entity_poly_seq.hetero 
1 1   MSE n 
1 2   GLY n 
1 3   SER n 
1 4   SER n 
1 5   HIS n 
1 6   HIS n 
1 7   HIS n 
1 8   HIS n 
1 9   HIS n 
1 10  HIS n 
1 11  SER n 
1 12  SER n 
1 13  GLY n 
1 14  LEU n 
1 15  VAL n 
1 16  PRO n 
1 17  ARG n 
1 18  GLY n 
1 19  SER n 
1 20  HIS n 
1 21  MSE n 
1 22  ALA n 
1 23  SER n 
1 24  MSE n 
1 25  THR n 
1 26  GLY n 
1 27  GLY n 
1 28  GLN n 
1 29  GLN n 
1 30  MSE n 
1 31  GLY n 
1 32  ARG n 
1 33  GLY n 
1 34  SER n 
1 35  MSE n 
1 36  LYS n 
1 37  GLN n 
1 38  TYR n 
1 39  VAL n 
1 40  ALA n 
1 41  ARG n 
1 42  LEU n 
1 43  GLU n 
1 44  LYS n 
1 45  ASP n 
1 46  PHE n 
1 47  SER n 
1 48  LEU n 
1 49  ILE n 
1 50  GLU n 
1 51  HIS n 
1 52  GLY n 
1 53  PHE n 
1 54  LYS n 
1 55  GLU n 
1 56  GLU n 
1 57  GLU n 
1 58  GLN n 
1 59  ARG n 
1 60  ALA n 
1 61  LEU n 
1 62  THR n 
1 63  ASP n 
1 64  TYR n 
1 65  LYS n 
1 66  SER n 
1 67  ASN n 
1 68  ASP n 
1 69  GLY n 
1 70  GLU n 
1 71  TYR n 
1 72  ILE n 
1 73  LYS n 
1 74  LYS n 
1 75  LEU n 
1 76  ALA n 
1 77  PHE n 
1 78  LEU n 
1 79  ALA n 
1 80  TYR n 
1 81  GLN n 
1 82  SER n 
1 83  ASP n 
1 84  VAL n 
1 85  TYR n 
1 86  GLN n 
1 87  VAL n 
1 88  ARG n 
1 89  MSE n 
1 90  TYR n 
1 91  ALA n 
1 92  VAL n 
1 93  PHE n 
1 94  LEU n 
1 95  PHE n 
1 96  GLY n 
1 97  TYR n 
1 98  LEU n 
1 99  SER n 
1 100 LYS n 
1 101 ASP n 
1 102 LYS n 
1 103 GLU n 
1 104 ILE n 
1 105 LEU n 
1 106 ILE n 
1 107 PHE n 
1 108 MSE n 
1 109 ARG n 
1 110 ASP n 
1 111 GLU n 
1 112 VAL n 
1 113 SER n 
1 114 LYS n 
1 115 ASP n 
1 116 ASN n 
1 117 ASN n 
1 118 TRP n 
1 119 ARG n 
1 120 VAL n 
1 121 GLN n 
1 122 GLU n 
1 123 VAL n 
1 124 LEU n 
1 125 ALA n 
1 126 LYS n 
1 127 ALA n 
1 128 PHE n 
1 129 ASP n 
1 130 GLU n 
1 131 PHE n 
1 132 CYS n 
1 133 LYS n 
1 134 LYS n 
1 135 ILE n 
1 136 GLU n 
1 137 TYR n 
1 138 LYS n 
1 139 LYS n 
1 140 ALA n 
1 141 LEU n 
1 142 PRO n 
1 143 ILE n 
1 144 ILE n 
1 145 ASP n 
1 146 GLU n 
1 147 TRP n 
1 148 LEU n 
1 149 LYS n 
1 150 SER n 
1 151 SER n 
1 152 ASN n 
1 153 LEU n 
1 154 HIS n 
1 155 THR n 
1 156 ARG n 
1 157 ARG n 
1 158 ALA n 
1 159 ALA n 
1 160 THR n 
1 161 GLU n 
1 162 GLY n 
1 163 LEU n 
1 164 ARG n 
1 165 ILE n 
1 166 TRP n 
1 167 THR n 
1 168 ASN n 
1 169 ARG n 
1 170 PRO n 
1 171 TYR n 
1 172 PHE n 
1 173 LYS n 
1 174 GLU n 
1 175 ASN n 
1 176 PRO n 
1 177 ASN n 
1 178 GLU n 
1 179 ALA n 
1 180 ILE n 
1 181 ARG n 
1 182 ARG n 
1 183 ILE n 
1 184 ALA n 
1 185 ASP n 
1 186 LEU n 
1 187 LYS n 
1 188 GLU n 
1 189 ASP n 
1 190 VAL n 
1 191 SER n 
1 192 GLU n 
1 193 TYR n 
1 194 VAL n 
1 195 ARG n 
1 196 LYS n 
1 197 SER n 
1 198 VAL n 
1 199 GLY n 
1 200 ASN n 
1 201 ALA n 
1 202 LEU n 
1 203 ARG n 
1 204 ASP n 
1 205 ILE n 
1 206 SER n 
1 207 LYS n 
1 208 LYS n 
1 209 PHE n 
1 210 PRO n 
1 211 ASP n 
1 212 LEU n 
1 213 VAL n 
1 214 LYS n 
1 215 ILE n 
1 216 GLU n 
1 217 LEU n 
1 218 LYS n 
1 219 ASN n 
1 220 TRP n 
1 221 LYS n 
1 222 LEU n 
1 223 GLU n 
1 224 SER n 
1 225 LYS n 
1 226 GLU n 
1 227 ILE n 
1 228 ASN n 
1 229 GLN n 
1 230 VAL n 
1 231 TYR n 
1 232 LYS n 
1 233 LEU n 
1 234 ALA n 
1 235 SER n 
1 236 LYS n 
1 237 PHE n 
1 238 ILE n 
1 239 ASP n 
1 240 ALA n 
# 
_entity_src_gen.entity_id                          1 
_entity_src_gen.pdbx_src_id                        1 
_entity_src_gen.pdbx_alt_source_flag               sample 
_entity_src_gen.pdbx_seq_type                      ? 
_entity_src_gen.pdbx_beg_seq_num                   ? 
_entity_src_gen.pdbx_end_seq_num                   ? 
_entity_src_gen.gene_src_common_name               ? 
_entity_src_gen.gene_src_genus                     ? 
_entity_src_gen.pdbx_gene_src_gene                 smu.31 
_entity_src_gen.gene_src_species                   ? 
_entity_src_gen.gene_src_strain                    UA159 
_entity_src_gen.gene_src_tissue                    ? 
_entity_src_gen.gene_src_tissue_fraction           ? 
_entity_src_gen.gene_src_details                   ? 
_entity_src_gen.pdbx_gene_src_fragment             ? 
_entity_src_gen.pdbx_gene_src_scientific_name      'Streptococcus mutans' 
_entity_src_gen.pdbx_gene_src_ncbi_taxonomy_id     210007 
_entity_src_gen.pdbx_gene_src_variant              ? 
_entity_src_gen.pdbx_gene_src_cell_line            ? 
_entity_src_gen.pdbx_gene_src_atcc                 ? 
_entity_src_gen.pdbx_gene_src_organ                ? 
_entity_src_gen.pdbx_gene_src_organelle            ? 
_entity_src_gen.pdbx_gene_src_cell                 ? 
_entity_src_gen.pdbx_gene_src_cellular_location    ? 
_entity_src_gen.host_org_common_name               ? 
_entity_src_gen.pdbx_host_org_scientific_name      'Escherichia coli' 
_entity_src_gen.pdbx_host_org_ncbi_taxonomy_id     469008 
_entity_src_gen.host_org_genus                     ? 
_entity_src_gen.pdbx_host_org_gene                 ? 
_entity_src_gen.pdbx_host_org_organ                ? 
_entity_src_gen.host_org_species                   ? 
_entity_src_gen.pdbx_host_org_tissue               ? 
_entity_src_gen.pdbx_host_org_tissue_fraction      ? 
_entity_src_gen.pdbx_host_org_strain               'BL21(DE3)' 
_entity_src_gen.pdbx_host_org_variant              ? 
_entity_src_gen.pdbx_host_org_cell_line            ? 
_entity_src_gen.pdbx_host_org_atcc                 ? 
_entity_src_gen.pdbx_host_org_culture_collection   ? 
_entity_src_gen.pdbx_host_org_cell                 ? 
_entity_src_gen.pdbx_host_org_organelle            ? 
_entity_src_gen.pdbx_host_org_cellular_location    ? 
_entity_src_gen.pdbx_host_org_vector_type          plasmid 
_entity_src_gen.pdbx_host_org_vector               ? 
_entity_src_gen.host_org_details                   ? 
_entity_src_gen.expression_system_id               ? 
_entity_src_gen.plasmid_name                       pET28a 
_entity_src_gen.plasmid_details                    ? 
_entity_src_gen.pdbx_description                   ? 
# 
loop_
_chem_comp.id 
_chem_comp.type 
_chem_comp.mon_nstd_flag 
_chem_comp.name 
_chem_comp.pdbx_synonyms 
_chem_comp.formula 
_chem_comp.formula_weight 
ALA 'L-peptide linking' y ALANINE                                               ?     'C3 H7 N O2'     89.093  
ARG 'L-peptide linking' y ARGININE                                              ?     'C6 H15 N4 O2 1' 175.209 
ASN 'L-peptide linking' y ASPARAGINE                                            ?     'C4 H8 N2 O3'    132.118 
ASP 'L-peptide linking' y 'ASPARTIC ACID'                                       ?     'C4 H7 N O4'     133.103 
CYS 'L-peptide linking' y CYSTEINE                                              ?     'C3 H7 N O2 S'   121.158 
EPE non-polymer         . '4-(2-HYDROXYETHYL)-1-PIPERAZINE ETHANESULFONIC ACID' HEPES 'C8 H18 N2 O4 S' 238.305 
GLN 'L-peptide linking' y GLUTAMINE                                             ?     'C5 H10 N2 O3'   146.144 
GLU 'L-peptide linking' y 'GLUTAMIC ACID'                                       ?     'C5 H9 N O4'     147.129 
GLY 'peptide linking'   y GLYCINE                                               ?     'C2 H5 N O2'     75.067  
HIS 'L-peptide linking' y HISTIDINE                                             ?     'C6 H10 N3 O2 1' 156.162 
HOH non-polymer         . WATER                                                 ?     'H2 O'           18.015  
ILE 'L-peptide linking' y ISOLEUCINE                                            ?     'C6 H13 N O2'    131.173 
LEU 'L-peptide linking' y LEUCINE                                               ?     'C6 H13 N O2'    131.173 
LYS 'L-peptide linking' y LYSINE                                                ?     'C6 H15 N2 O2 1' 147.195 
MSE 'L-peptide linking' n SELENOMETHIONINE                                      ?     'C5 H11 N O2 Se' 196.106 
PHE 'L-peptide linking' y PHENYLALANINE                                         ?     'C9 H11 N O2'    165.189 
PRO 'L-peptide linking' y PROLINE                                               ?     'C5 H9 N O2'     115.130 
SER 'L-peptide linking' y SERINE                                                ?     'C3 H7 N O3'     105.093 
THR 'L-peptide linking' y THREONINE                                             ?     'C4 H9 N O3'     119.119 
TRP 'L-peptide linking' y TRYPTOPHAN                                            ?     'C11 H12 N2 O2'  204.225 
TYR 'L-peptide linking' y TYROSINE                                              ?     'C9 H11 N O3'    181.189 
VAL 'L-peptide linking' y VALINE                                                ?     'C5 H11 N O2'    117.146 
# 
loop_
_pdbx_poly_seq_scheme.asym_id 
_pdbx_poly_seq_scheme.entity_id 
_pdbx_poly_seq_scheme.seq_id 
_pdbx_poly_seq_scheme.mon_id 
_pdbx_poly_seq_scheme.ndb_seq_num 
_pdbx_poly_seq_scheme.pdb_seq_num 
_pdbx_poly_seq_scheme.auth_seq_num 
_pdbx_poly_seq_scheme.pdb_mon_id 
_pdbx_poly_seq_scheme.auth_mon_id 
_pdbx_poly_seq_scheme.pdb_strand_id 
_pdbx_poly_seq_scheme.pdb_ins_code 
_pdbx_poly_seq_scheme.hetero 
A 1 1   MSE 1   -33 ?   ?   ?   A . n 
A 1 2   GLY 2   -32 ?   ?   ?   A . n 
A 1 3   SER 3   -31 ?   ?   ?   A . n 
A 1 4   SER 4   -30 ?   ?   ?   A . n 
A 1 5   HIS 5   -29 ?   ?   ?   A . n 
A 1 6   HIS 6   -28 ?   ?   ?   A . n 
A 1 7   HIS 7   -27 ?   ?   ?   A . n 
A 1 8   HIS 8   -26 ?   ?   ?   A . n 
A 1 9   HIS 9   -25 ?   ?   ?   A . n 
A 1 10  HIS 10  -24 ?   ?   ?   A . n 
A 1 11  SER 11  -23 ?   ?   ?   A . n 
A 1 12  SER 12  -22 ?   ?   ?   A . n 
A 1 13  GLY 13  -21 ?   ?   ?   A . n 
A 1 14  LEU 14  -20 ?   ?   ?   A . n 
A 1 15  VAL 15  -19 ?   ?   ?   A . n 
A 1 16  PRO 16  -18 ?   ?   ?   A . n 
A 1 17  ARG 17  -17 ?   ?   ?   A . n 
A 1 18  GLY 18  -16 ?   ?   ?   A . n 
A 1 19  SER 19  -15 ?   ?   ?   A . n 
A 1 20  HIS 20  -14 ?   ?   ?   A . n 
A 1 21  MSE 21  -13 ?   ?   ?   A . n 
A 1 22  ALA 22  -12 ?   ?   ?   A . n 
A 1 23  SER 23  -11 ?   ?   ?   A . n 
A 1 24  MSE 24  -10 ?   ?   ?   A . n 
A 1 25  THR 25  -9  ?   ?   ?   A . n 
A 1 26  GLY 26  -8  ?   ?   ?   A . n 
A 1 27  GLY 27  -7  ?   ?   ?   A . n 
A 1 28  GLN 28  -6  ?   ?   ?   A . n 
A 1 29  GLN 29  -5  ?   ?   ?   A . n 
A 1 30  MSE 30  -4  ?   ?   ?   A . n 
A 1 31  GLY 31  -3  ?   ?   ?   A . n 
A 1 32  ARG 32  -2  ?   ?   ?   A . n 
A 1 33  GLY 33  -1  ?   ?   ?   A . n 
A 1 34  SER 34  0   0   SER SER A . n 
A 1 35  MSE 35  1   1   MSE MSE A . n 
A 1 36  LYS 36  2   2   LYS LYS A . n 
A 1 37  GLN 37  3   3   GLN GLN A . n 
A 1 38  TYR 38  4   4   TYR TYR A . n 
A 1 39  VAL 39  5   5   VAL VAL A . n 
A 1 40  ALA 40  6   6   ALA ALA A . n 
A 1 41  ARG 41  7   7   ARG ARG A . n 
A 1 42  LEU 42  8   8   LEU LEU A . n 
A 1 43  GLU 43  9   9   GLU GLU A . n 
A 1 44  LYS 44  10  10  LYS LYS A . n 
A 1 45  ASP 45  11  11  ASP ASP A . n 
A 1 46  PHE 46  12  12  PHE PHE A . n 
A 1 47  SER 47  13  13  SER SER A . n 
A 1 48  LEU 48  14  14  LEU LEU A . n 
A 1 49  ILE 49  15  ?   ?   ?   A . n 
A 1 50  GLU 50  16  ?   ?   ?   A . n 
A 1 51  HIS 51  17  ?   ?   ?   A . n 
A 1 52  GLY 52  18  ?   ?   ?   A . n 
A 1 53  PHE 53  19  ?   ?   ?   A . n 
A 1 54  LYS 54  20  20  LYS LYS A . n 
A 1 55  GLU 55  21  21  GLU GLU A . n 
A 1 56  GLU 56  22  22  GLU GLU A . n 
A 1 57  GLU 57  23  23  GLU GLU A . n 
A 1 58  GLN 58  24  24  GLN GLN A . n 
A 1 59  ARG 59  25  25  ARG ARG A . n 
A 1 60  ALA 60  26  26  ALA ALA A . n 
A 1 61  LEU 61  27  27  LEU LEU A . n 
A 1 62  THR 62  28  28  THR THR A . n 
A 1 63  ASP 63  29  29  ASP ASP A . n 
A 1 64  TYR 64  30  30  TYR TYR A . n 
A 1 65  LYS 65  31  31  LYS LYS A . n 
A 1 66  SER 66  32  32  SER SER A . n 
A 1 67  ASN 67  33  33  ASN ASN A . n 
A 1 68  ASP 68  34  34  ASP ASP A . n 
A 1 69  GLY 69  35  35  GLY GLY A . n 
A 1 70  GLU 70  36  36  GLU GLU A . n 
A 1 71  TYR 71  37  37  TYR TYR A . n 
A 1 72  ILE 72  38  38  ILE ILE A . n 
A 1 73  LYS 73  39  39  LYS LYS A . n 
A 1 74  LYS 74  40  40  LYS LYS A . n 
A 1 75  LEU 75  41  41  LEU LEU A . n 
A 1 76  ALA 76  42  42  ALA ALA A . n 
A 1 77  PHE 77  43  43  PHE PHE A . n 
A 1 78  LEU 78  44  44  LEU LEU A . n 
A 1 79  ALA 79  45  45  ALA ALA A . n 
A 1 80  TYR 80  46  46  TYR TYR A . n 
A 1 81  GLN 81  47  47  GLN GLN A . n 
A 1 82  SER 82  48  48  SER SER A . n 
A 1 83  ASP 83  49  49  ASP ASP A . n 
A 1 84  VAL 84  50  50  VAL VAL A . n 
A 1 85  TYR 85  51  51  TYR TYR A . n 
A 1 86  GLN 86  52  52  GLN GLN A . n 
A 1 87  VAL 87  53  53  VAL VAL A . n 
A 1 88  ARG 88  54  54  ARG ARG A . n 
A 1 89  MSE 89  55  55  MSE MSE A . n 
A 1 90  TYR 90  56  56  TYR TYR A . n 
A 1 91  ALA 91  57  57  ALA ALA A . n 
A 1 92  VAL 92  58  58  VAL VAL A . n 
A 1 93  PHE 93  59  59  PHE PHE A . n 
A 1 94  LEU 94  60  60  LEU LEU A . n 
A 1 95  PHE 95  61  61  PHE PHE A . n 
A 1 96  GLY 96  62  62  GLY GLY A . n 
A 1 97  TYR 97  63  63  TYR TYR A . n 
A 1 98  LEU 98  64  64  LEU LEU A . n 
A 1 99  SER 99  65  65  SER SER A . n 
A 1 100 LYS 100 66  66  LYS LYS A . n 
A 1 101 ASP 101 67  67  ASP ASP A . n 
A 1 102 LYS 102 68  68  LYS LYS A . n 
A 1 103 GLU 103 69  69  GLU GLU A . n 
A 1 104 ILE 104 70  70  ILE ILE A . n 
A 1 105 LEU 105 71  71  LEU LEU A . n 
A 1 106 ILE 106 72  72  ILE ILE A . n 
A 1 107 PHE 107 73  73  PHE PHE A . n 
A 1 108 MSE 108 74  74  MSE MSE A . n 
A 1 109 ARG 109 75  75  ARG ARG A . n 
A 1 110 ASP 110 76  76  ASP ASP A . n 
A 1 111 GLU 111 77  77  GLU GLU A . n 
A 1 112 VAL 112 78  78  VAL VAL A . n 
A 1 113 SER 113 79  79  SER SER A . n 
A 1 114 LYS 114 80  80  LYS LYS A . n 
A 1 115 ASP 115 81  81  ASP ASP A . n 
A 1 116 ASN 116 82  82  ASN ASN A . n 
A 1 117 ASN 117 83  83  ASN ASN A . n 
A 1 118 TRP 118 84  84  TRP TRP A . n 
A 1 119 ARG 119 85  85  ARG ARG A . n 
A 1 120 VAL 120 86  86  VAL VAL A . n 
A 1 121 GLN 121 87  87  GLN GLN A . n 
A 1 122 GLU 122 88  88  GLU GLU A . n 
A 1 123 VAL 123 89  89  VAL VAL A . n 
A 1 124 LEU 124 90  90  LEU LEU A . n 
A 1 125 ALA 125 91  91  ALA ALA A . n 
A 1 126 LYS 126 92  92  LYS LYS A . n 
A 1 127 ALA 127 93  93  ALA ALA A . n 
A 1 128 PHE 128 94  94  PHE PHE A . n 
A 1 129 ASP 129 95  95  ASP ASP A . n 
A 1 130 GLU 130 96  96  GLU GLU A . n 
A 1 131 PHE 131 97  97  PHE PHE A . n 
A 1 132 CYS 132 98  98  CYS CYS A . n 
A 1 133 LYS 133 99  99  LYS LYS A . n 
A 1 134 LYS 134 100 100 LYS LYS A . n 
A 1 135 ILE 135 101 101 ILE ILE A . n 
A 1 136 GLU 136 102 102 GLU GLU A . n 
A 1 137 TYR 137 103 103 TYR TYR A . n 
A 1 138 LYS 138 104 104 LYS LYS A . n 
A 1 139 LYS 139 105 105 LYS LYS A . n 
A 1 140 ALA 140 106 106 ALA ALA A . n 
A 1 141 LEU 141 107 107 LEU LEU A . n 
A 1 142 PRO 142 108 108 PRO PRO A . n 
A 1 143 ILE 143 109 109 ILE ILE A . n 
A 1 144 ILE 144 110 110 ILE ILE A . n 
A 1 145 ASP 145 111 111 ASP ASP A . n 
A 1 146 GLU 146 112 112 GLU GLU A . n 
A 1 147 TRP 147 113 113 TRP TRP A . n 
A 1 148 LEU 148 114 114 LEU LEU A . n 
A 1 149 LYS 149 115 115 LYS LYS A . n 
A 1 150 SER 150 116 116 SER SER A . n 
A 1 151 SER 151 117 117 SER SER A . n 
A 1 152 ASN 152 118 118 ASN ASN A . n 
A 1 153 LEU 153 119 119 LEU LEU A . n 
A 1 154 HIS 154 120 120 HIS HIS A . n 
A 1 155 THR 155 121 121 THR THR A . n 
A 1 156 ARG 156 122 122 ARG ARG A . n 
A 1 157 ARG 157 123 123 ARG ARG A . n 
A 1 158 ALA 158 124 124 ALA ALA A . n 
A 1 159 ALA 159 125 125 ALA ALA A . n 
A 1 160 THR 160 126 126 THR THR A . n 
A 1 161 GLU 161 127 127 GLU GLU A . n 
A 1 162 GLY 162 128 128 GLY GLY A . n 
A 1 163 LEU 163 129 129 LEU LEU A . n 
A 1 164 ARG 164 130 130 ARG ARG A . n 
A 1 165 ILE 165 131 131 ILE ILE A . n 
A 1 166 TRP 166 132 132 TRP TRP A . n 
A 1 167 THR 167 133 133 THR THR A . n 
A 1 168 ASN 168 134 134 ASN ASN A . n 
A 1 169 ARG 169 135 135 ARG ARG A . n 
A 1 170 PRO 170 136 136 PRO PRO A . n 
A 1 171 TYR 171 137 137 TYR TYR A . n 
A 1 172 PHE 172 138 138 PHE PHE A . n 
A 1 173 LYS 173 139 139 LYS LYS A . n 
A 1 174 GLU 174 140 140 GLU GLU A . n 
A 1 175 ASN 175 141 141 ASN ASN A . n 
A 1 176 PRO 176 142 142 PRO PRO A . n 
A 1 177 ASN 177 143 143 ASN ASN A . n 
A 1 178 GLU 178 144 144 GLU GLU A . n 
A 1 179 ALA 179 145 145 ALA ALA A . n 
A 1 180 ILE 180 146 146 ILE ILE A . n 
A 1 181 ARG 181 147 147 ARG ARG A . n 
A 1 182 ARG 182 148 148 ARG ARG A . n 
A 1 183 ILE 183 149 149 ILE ILE A . n 
A 1 184 ALA 184 150 150 ALA ALA A . n 
A 1 185 ASP 185 151 151 ASP ASP A . n 
A 1 186 LEU 186 152 152 LEU LEU A . n 
A 1 187 LYS 187 153 153 LYS LYS A . n 
A 1 188 GLU 188 154 154 GLU GLU A . n 
A 1 189 ASP 189 155 155 ASP ASP A . n 
A 1 190 VAL 190 156 156 VAL VAL A . n 
A 1 191 SER 191 157 157 SER SER A . n 
A 1 192 GLU 192 158 158 GLU GLU A . n 
A 1 193 TYR 193 159 159 TYR TYR A . n 
A 1 194 VAL 194 160 160 VAL VAL A . n 
A 1 195 ARG 195 161 161 ARG ARG A . n 
A 1 196 LYS 196 162 162 LYS LYS A . n 
A 1 197 SER 197 163 163 SER SER A . n 
A 1 198 VAL 198 164 164 VAL VAL A . n 
A 1 199 GLY 199 165 165 GLY GLY A . n 
A 1 200 ASN 200 166 166 ASN ASN A . n 
A 1 201 ALA 201 167 167 ALA ALA A . n 
A 1 202 LEU 202 168 168 LEU LEU A . n 
A 1 203 ARG 203 169 169 ARG ARG A . n 
A 1 204 ASP 204 170 170 ASP ASP A . n 
A 1 205 ILE 205 171 171 ILE ILE A . n 
A 1 206 SER 206 172 172 SER SER A . n 
A 1 207 LYS 207 173 173 LYS LYS A . n 
A 1 208 LYS 208 174 174 LYS LYS A . n 
A 1 209 PHE 209 175 175 PHE PHE A . n 
A 1 210 PRO 210 176 176 PRO PRO A . n 
A 1 211 ASP 211 177 177 ASP ASP A . n 
A 1 212 LEU 212 178 178 LEU LEU A . n 
A 1 213 VAL 213 179 179 VAL VAL A . n 
A 1 214 LYS 214 180 180 LYS LYS A . n 
A 1 215 ILE 215 181 181 ILE ILE A . n 
A 1 216 GLU 216 182 182 GLU GLU A . n 
A 1 217 LEU 217 183 183 LEU LEU A . n 
A 1 218 LYS 218 184 184 LYS LYS A . n 
A 1 219 ASN 219 185 185 ASN ASN A . n 
A 1 220 TRP 220 186 186 TRP TRP A . n 
A 1 221 LYS 221 187 187 LYS LYS A . n 
A 1 222 LEU 222 188 188 LEU LEU A . n 
A 1 223 GLU 223 189 189 GLU GLU A . n 
A 1 224 SER 224 190 190 SER SER A . n 
A 1 225 LYS 225 191 191 LYS LYS A . n 
A 1 226 GLU 226 192 192 GLU GLU A . n 
A 1 227 ILE 227 193 193 ILE ILE A . n 
A 1 228 ASN 228 194 194 ASN ASN A . n 
A 1 229 GLN 229 195 195 GLN GLN A . n 
A 1 230 VAL 230 196 196 VAL VAL A . n 
A 1 231 TYR 231 197 197 TYR TYR A . n 
A 1 232 LYS 232 198 198 LYS LYS A . n 
A 1 233 LEU 233 199 199 LEU LEU A . n 
A 1 234 ALA 234 200 200 ALA ALA A . n 
A 1 235 SER 235 201 201 SER SER A . n 
A 1 236 LYS 236 202 202 LYS LYS A . n 
A 1 237 PHE 237 203 203 PHE PHE A . n 
A 1 238 ILE 238 204 204 ILE ILE A . n 
A 1 239 ASP 239 205 205 ASP ASP A . n 
A 1 240 ALA 240 206 ?   ?   ?   A . n 
# 
loop_
_pdbx_nonpoly_scheme.asym_id 
_pdbx_nonpoly_scheme.entity_id 
_pdbx_nonpoly_scheme.mon_id 
_pdbx_nonpoly_scheme.ndb_seq_num 
_pdbx_nonpoly_scheme.pdb_seq_num 
_pdbx_nonpoly_scheme.auth_seq_num 
_pdbx_nonpoly_scheme.pdb_mon_id 
_pdbx_nonpoly_scheme.auth_mon_id 
_pdbx_nonpoly_scheme.pdb_strand_id 
_pdbx_nonpoly_scheme.pdb_ins_code 
B 2 EPE 1  207 207 EPE EPE A . 
C 3 HOH 1  208 208 HOH HOH A . 
C 3 HOH 2  209 209 HOH HOH A . 
C 3 HOH 3  210 210 HOH HOH A . 
C 3 HOH 4  211 211 HOH HOH A . 
C 3 HOH 5  212 212 HOH HOH A . 
C 3 HOH 6  213 213 HOH HOH A . 
C 3 HOH 7  214 214 HOH HOH A . 
C 3 HOH 8  215 215 HOH HOH A . 
C 3 HOH 9  216 216 HOH HOH A . 
C 3 HOH 10 217 217 HOH HOH A . 
C 3 HOH 11 218 218 HOH HOH A . 
C 3 HOH 12 219 219 HOH HOH A . 
C 3 HOH 13 220 220 HOH HOH A . 
C 3 HOH 14 221 221 HOH HOH A . 
# 
loop_
_pdbx_unobs_or_zero_occ_atoms.id 
_pdbx_unobs_or_zero_occ_atoms.PDB_model_num 
_pdbx_unobs_or_zero_occ_atoms.polymer_flag 
_pdbx_unobs_or_zero_occ_atoms.occupancy_flag 
_pdbx_unobs_or_zero_occ_atoms.auth_asym_id 
_pdbx_unobs_or_zero_occ_atoms.auth_comp_id 
_pdbx_unobs_or_zero_occ_atoms.auth_seq_id 
_pdbx_unobs_or_zero_occ_atoms.PDB_ins_code 
_pdbx_unobs_or_zero_occ_atoms.auth_atom_id 
_pdbx_unobs_or_zero_occ_atoms.label_alt_id 
_pdbx_unobs_or_zero_occ_atoms.label_asym_id 
_pdbx_unobs_or_zero_occ_atoms.label_comp_id 
_pdbx_unobs_or_zero_occ_atoms.label_seq_id 
_pdbx_unobs_or_zero_occ_atoms.label_atom_id 
1  1 Y 1 A LYS 20 ? CG  ? A LYS 54  CG  
2  1 Y 1 A LYS 20 ? CD  ? A LYS 54  CD  
3  1 Y 1 A LYS 20 ? CE  ? A LYS 54  CE  
4  1 Y 1 A LYS 20 ? NZ  ? A LYS 54  NZ  
5  1 Y 1 A GLU 21 ? CG  ? A GLU 55  CG  
6  1 Y 1 A GLU 21 ? CD  ? A GLU 55  CD  
7  1 Y 1 A GLU 21 ? OE1 ? A GLU 55  OE1 
8  1 Y 1 A GLU 21 ? OE2 ? A GLU 55  OE2 
9  1 Y 1 A LYS 68 ? CD  ? A LYS 102 CD  
10 1 Y 1 A LYS 68 ? CE  ? A LYS 102 CE  
11 1 Y 1 A LYS 68 ? NZ  ? A LYS 102 NZ  
# 
loop_
_software.name 
_software.classification 
_software.version 
_software.citation_id 
_software.pdbx_ordinal 
ADSC   'data collection' Quantum            ? 1 
PHENIX 'model building'  '(phenix.autosol)' ? 2 
PHENIX refinement        '(phenix.refine)'  ? 3 
XDS    'data reduction'  .                  ? 4 
XDS    'data scaling'    .                  ? 5 
PHENIX phasing           .                  ? 6 
# 
_cell.entry_id           3L9T 
_cell.length_a           59.470 
_cell.length_b           60.710 
_cell.length_c           66.140 
_cell.angle_alpha        90.00 
_cell.angle_beta         90.00 
_cell.angle_gamma        90.00 
_cell.Z_PDB              4 
_cell.pdbx_unique_axis   ? 
_cell.length_a_esd       ? 
_cell.length_b_esd       ? 
_cell.length_c_esd       ? 
_cell.angle_alpha_esd    ? 
_cell.angle_beta_esd     ? 
_cell.angle_gamma_esd    ? 
# 
_symmetry.entry_id                         3L9T 
_symmetry.space_group_name_H-M             'P 21 21 21' 
_symmetry.pdbx_full_space_group_name_H-M   ? 
_symmetry.cell_setting                     ? 
_symmetry.Int_Tables_number                19 
_symmetry.space_group_name_Hall            ? 
# 
_exptl.entry_id          3L9T 
_exptl.method            'X-RAY DIFFRACTION' 
_exptl.crystals_number   1 
# 
_exptl_crystal.id                    1 
_exptl_crystal.density_meas          ? 
_exptl_crystal.density_Matthews      2.10 
_exptl_crystal.density_percent_sol   41.38 
_exptl_crystal.description           ? 
_exptl_crystal.F_000                 ? 
_exptl_crystal.preparation           ? 
# 
_exptl_crystal_grow.crystal_id      1 
_exptl_crystal_grow.method          'VAPOR DIFFUSION, SITTING DROP' 
_exptl_crystal_grow.temp            289 
_exptl_crystal_grow.temp_details    ? 
_exptl_crystal_grow.pH              7.5 
_exptl_crystal_grow.pdbx_details    '14% PEG 6000, 0.1M HEPES pH7.5, VAPOR DIFFUSION, SITTING DROP, temperature 289K' 
_exptl_crystal_grow.pdbx_pH_range   . 
# 
_diffrn.id                     1 
_diffrn.ambient_temp           100 
_diffrn.ambient_temp_details   ? 
_diffrn.crystal_id             1 
# 
_diffrn_detector.diffrn_id              1 
_diffrn_detector.detector               CCD 
_diffrn_detector.type                   'ADSC QUANTUM 270' 
_diffrn_detector.pdbx_collection_date   2009-06-01 
_diffrn_detector.details                ? 
# 
_diffrn_radiation.diffrn_id                        1 
_diffrn_radiation.wavelength_id                    1 
_diffrn_radiation.pdbx_monochromatic_or_laue_m_l   M 
_diffrn_radiation.monochromator                    ? 
_diffrn_radiation.pdbx_diffrn_protocol             'SINGLE WAVELENGTH' 
_diffrn_radiation.pdbx_scattering_type             x-ray 
# 
_diffrn_radiation_wavelength.id           1 
_diffrn_radiation_wavelength.wavelength   0.9789 
_diffrn_radiation_wavelength.wt           1.0 
# 
_diffrn_source.diffrn_id                   1 
_diffrn_source.source                      SYNCHROTRON 
_diffrn_source.type                        'PHOTON FACTORY BEAMLINE BL-17A' 
_diffrn_source.pdbx_synchrotron_site       'Photon Factory' 
_diffrn_source.pdbx_synchrotron_beamline   BL-17A 
_diffrn_source.pdbx_wavelength             ? 
_diffrn_source.pdbx_wavelength_list        0.9789 
# 
_reflns.entry_id                     3L9T 
_reflns.observed_criterion_sigma_I   1 
_reflns.observed_criterion_sigma_F   ? 
_reflns.d_resolution_low             50 
_reflns.d_resolution_high            2.2 
_reflns.number_obs                   12558 
_reflns.number_all                   12788 
_reflns.percent_possible_obs         98.2 
_reflns.pdbx_Rmerge_I_obs            ? 
_reflns.pdbx_Rsym_value              ? 
_reflns.pdbx_netI_over_sigmaI        ? 
_reflns.B_iso_Wilson_estimate        23.980 
_reflns.pdbx_redundancy              ? 
_reflns.R_free_details               ? 
_reflns.limit_h_max                  ? 
_reflns.limit_h_min                  ? 
_reflns.limit_k_max                  ? 
_reflns.limit_k_min                  ? 
_reflns.limit_l_max                  ? 
_reflns.limit_l_min                  ? 
_reflns.observed_criterion_F_max     ? 
_reflns.observed_criterion_F_min     ? 
_reflns.pdbx_chi_squared             ? 
_reflns.pdbx_scaling_rejects         ? 
_reflns.pdbx_diffrn_id               1 
_reflns.pdbx_ordinal                 1 
# 
_reflns_shell.d_res_high             2.2 
_reflns_shell.d_res_low              2.3 
_reflns_shell.percent_possible_all   86.7 
_reflns_shell.Rmerge_I_obs           ? 
_reflns_shell.pdbx_Rsym_value        ? 
_reflns_shell.meanI_over_sigI_obs    ? 
_reflns_shell.pdbx_redundancy        ? 
_reflns_shell.percent_possible_obs   ? 
_reflns_shell.number_unique_all      ? 
_reflns_shell.number_measured_all    ? 
_reflns_shell.number_measured_obs    ? 
_reflns_shell.number_unique_obs      ? 
_reflns_shell.pdbx_chi_squared       ? 
_reflns_shell.pdbx_diffrn_id         ? 
_reflns_shell.pdbx_ordinal           1 
# 
_refine.entry_id                                 3L9T 
_refine.ls_number_reflns_obs                     12430 
_refine.ls_number_reflns_all                     ? 
_refine.pdbx_ls_sigma_I                          ? 
_refine.pdbx_ls_sigma_F                          2.03 
_refine.pdbx_data_cutoff_high_absF               ? 
_refine.pdbx_data_cutoff_low_absF                ? 
_refine.pdbx_data_cutoff_high_rms_absF           ? 
_refine.ls_d_res_low                             19.569 
_refine.ls_d_res_high                            2.206 
_refine.ls_percent_reflns_obs                    99.17 
_refine.ls_R_factor_obs                          0.2088 
_refine.ls_R_factor_all                          ? 
_refine.ls_R_factor_R_work                       0.2043 
_refine.ls_R_factor_R_free                       0.2495 
_refine.ls_R_factor_R_free_error                 ? 
_refine.ls_R_factor_R_free_error_details         ? 
_refine.ls_percent_reflns_R_free                 10.02 
_refine.ls_number_reflns_R_free                  1245 
_refine.ls_number_reflns_R_work                  11185 
_refine.ls_number_parameters                     ? 
_refine.ls_number_restraints                     ? 
_refine.correlation_coeff_Fo_to_Fc               ? 
_refine.correlation_coeff_Fo_to_Fc_free          ? 
_refine.B_iso_mean                               24.455 
_refine.aniso_B[1][1]                            6.038 
_refine.aniso_B[2][2]                            0.392 
_refine.aniso_B[3][3]                            -6.431 
_refine.aniso_B[1][2]                            0.000 
_refine.aniso_B[1][3]                            -0.000 
_refine.aniso_B[2][3]                            0.000 
_refine.solvent_model_details                    'FLAT BULK SOLVENT MODEL' 
_refine.solvent_model_param_ksol                 0.454 
_refine.solvent_model_param_bsol                 48.907 
_refine.pdbx_solvent_vdw_probe_radii             1.11 
_refine.pdbx_solvent_ion_probe_radii             ? 
_refine.pdbx_solvent_shrinkage_radii             0.90 
_refine.pdbx_ls_cross_valid_method               ? 
_refine.details                                  ? 
_refine.pdbx_starting_model                      ? 
_refine.pdbx_method_to_determine_struct          SAD 
_refine.pdbx_isotropic_thermal_model             ? 
_refine.pdbx_stereochemistry_target_values       ML 
_refine.pdbx_stereochem_target_val_spec_case     ? 
_refine.pdbx_R_Free_selection_details            ? 
_refine.pdbx_overall_ESU_R_Free                  ? 
_refine.overall_SU_ML                            0.32 
_refine.overall_SU_B                             ? 
_refine.ls_redundancy_reflns_obs                 ? 
_refine.overall_SU_R_Cruickshank_DPI             ? 
_refine.overall_SU_R_free                        ? 
_refine.ls_wR_factor_R_free                      ? 
_refine.ls_wR_factor_R_work                      ? 
_refine.overall_FOM_free_R_set                   ? 
_refine.overall_FOM_work_R_set                   0.836 
_refine.B_iso_max                                64.01 
_refine.B_iso_min                                9.60 
_refine.pdbx_overall_phase_error                 22.720 
_refine.occupancy_max                            1.00 
_refine.occupancy_min                            0.80 
_refine.pdbx_refine_id                           'X-RAY DIFFRACTION' 
_refine.pdbx_overall_ESU_R                       ? 
_refine.pdbx_diffrn_id                           1 
_refine.pdbx_TLS_residual_ADP_flag               ? 
_refine.pdbx_overall_SU_R_free_Cruickshank_DPI   ? 
_refine.pdbx_overall_SU_R_Blow_DPI               ? 
_refine.pdbx_overall_SU_R_free_Blow_DPI          ? 
# 
_refine_hist.pdbx_refine_id                   'X-RAY DIFFRACTION' 
_refine_hist.cycle_id                         LAST 
_refine_hist.pdbx_number_atoms_protein        1681 
_refine_hist.pdbx_number_atoms_nucleic_acid   0 
_refine_hist.pdbx_number_atoms_ligand         15 
_refine_hist.number_atoms_solvent             14 
_refine_hist.number_atoms_total               1710 
_refine_hist.d_res_high                       2.206 
_refine_hist.d_res_low                        19.569 
# 
loop_
_refine_ls_restr.type 
_refine_ls_restr.dev_ideal 
_refine_ls_restr.dev_ideal_target 
_refine_ls_restr.weight 
_refine_ls_restr.number 
_refine_ls_restr.pdbx_refine_id 
_refine_ls_restr.pdbx_restraint_function 
f_bond_d           0.006  ? ? 1727 'X-RAY DIFFRACTION' ? 
f_angle_d          0.898  ? ? 2317 'X-RAY DIFFRACTION' ? 
f_dihedral_angle_d 18.223 ? ? 659  'X-RAY DIFFRACTION' ? 
f_chiral_restr     0.068  ? ? 245  'X-RAY DIFFRACTION' ? 
f_plane_restr      0.003  ? ? 289  'X-RAY DIFFRACTION' ? 
# 
loop_
_refine_ls_shell.pdbx_total_number_of_bins_used 
_refine_ls_shell.d_res_high 
_refine_ls_shell.d_res_low 
_refine_ls_shell.number_reflns_R_work 
_refine_ls_shell.R_factor_R_work 
_refine_ls_shell.percent_reflns_obs 
_refine_ls_shell.R_factor_R_free 
_refine_ls_shell.R_factor_R_free_error 
_refine_ls_shell.percent_reflns_R_free 
_refine_ls_shell.number_reflns_R_free 
_refine_ls_shell.number_reflns_all 
_refine_ls_shell.R_factor_all 
_refine_ls_shell.number_reflns_obs 
_refine_ls_shell.redundancy_reflns_obs 
_refine_ls_shell.pdbx_refine_id 
. 2.2061 2.2943  1151 0.1838 93.00  0.2505 . . 124 . . . . 'X-RAY DIFFRACTION' 
. 2.2943 2.3986  1212 0.1942 100.00 0.2451 . . 137 . . . . 'X-RAY DIFFRACTION' 
. 2.3986 2.5248  1224 0.2020 100.00 0.2955 . . 136 . . . . 'X-RAY DIFFRACTION' 
. 2.5248 2.6826  1235 0.2007 100.00 0.2713 . . 137 . . . . 'X-RAY DIFFRACTION' 
. 2.6826 2.8891  1250 0.2028 100.00 0.2374 . . 140 . . . . 'X-RAY DIFFRACTION' 
. 2.8891 3.1788  1244 0.1895 100.00 0.2825 . . 136 . . . . 'X-RAY DIFFRACTION' 
. 3.1788 3.6362  1257 0.1958 100.00 0.2332 . . 138 . . . . 'X-RAY DIFFRACTION' 
. 3.6362 4.5715  1270 0.1827 100.00 0.2130 . . 144 . . . . 'X-RAY DIFFRACTION' 
. 4.5715 19.5693 1342 0.2098 100.00 0.2316 . . 153 . . . . 'X-RAY DIFFRACTION' 
# 
_struct.entry_id                  3L9T 
_struct.title                     'The Crystal Structure of smu.31 from Streptococcus mutans UA159' 
_struct.pdbx_model_details        ? 
_struct.pdbx_CASP_flag            ? 
_struct.pdbx_model_type_details   ? 
# 
_struct_keywords.entry_id        3L9T 
_struct_keywords.pdbx_keywords   'UNKNOWN FUNCTION' 
_struct_keywords.text            'hypothetical protein, UNKNOWN FUNCTION' 
# 
loop_
_struct_asym.id 
_struct_asym.pdbx_blank_PDB_chainid_flag 
_struct_asym.pdbx_modified 
_struct_asym.entity_id 
_struct_asym.details 
A N N 1 ? 
B N N 2 ? 
C N N 3 ? 
# 
_struct_ref.id                         1 
_struct_ref.db_name                    UNP 
_struct_ref.db_code                    Q8DWL4_STRMU 
_struct_ref.pdbx_db_accession          Q8DWL4 
_struct_ref.entity_id                  1 
_struct_ref.pdbx_seq_one_letter_code   
;MKQYVARLEKDFSLIEHGFKEEEQRALTDYKSNDGEYIKKLAFLAYQSDVYQVRMYAVFLFGYLSKDKEILIFMRDEVSK
DNNWRVQEVLAKAFDEFCKKIEYKKALPIIDEWLKSSNLHTRRAATEGLRIWTNRPYFKENPNEAIRRIADLKEDVSEYV
RKSVGNALRDISKKFPDLVKIELKNWKLESKEINQVYKLASKFIDA
;
_struct_ref.pdbx_align_begin           1 
_struct_ref.pdbx_db_isoform            ? 
# 
_struct_ref_seq.align_id                      1 
_struct_ref_seq.ref_id                        1 
_struct_ref_seq.pdbx_PDB_id_code              3L9T 
_struct_ref_seq.pdbx_strand_id                A 
_struct_ref_seq.seq_align_beg                 35 
_struct_ref_seq.pdbx_seq_align_beg_ins_code   ? 
_struct_ref_seq.seq_align_end                 240 
_struct_ref_seq.pdbx_seq_align_end_ins_code   ? 
_struct_ref_seq.pdbx_db_accession             Q8DWL4 
_struct_ref_seq.db_align_beg                  1 
_struct_ref_seq.pdbx_db_align_beg_ins_code    ? 
_struct_ref_seq.db_align_end                  206 
_struct_ref_seq.pdbx_db_align_end_ins_code    ? 
_struct_ref_seq.pdbx_auth_seq_align_beg       1 
_struct_ref_seq.pdbx_auth_seq_align_end       206 
# 
loop_
_struct_ref_seq_dif.align_id 
_struct_ref_seq_dif.pdbx_pdb_id_code 
_struct_ref_seq_dif.mon_id 
_struct_ref_seq_dif.pdbx_pdb_strand_id 
_struct_ref_seq_dif.seq_num 
_struct_ref_seq_dif.pdbx_pdb_ins_code 
_struct_ref_seq_dif.pdbx_seq_db_name 
_struct_ref_seq_dif.pdbx_seq_db_accession_code 
_struct_ref_seq_dif.db_mon_id 
_struct_ref_seq_dif.pdbx_seq_db_seq_num 
_struct_ref_seq_dif.details 
_struct_ref_seq_dif.pdbx_auth_seq_num 
_struct_ref_seq_dif.pdbx_ordinal 
1 3L9T MSE A 1  ? UNP Q8DWL4 ? ? 'expression tag' -33 1  
1 3L9T GLY A 2  ? UNP Q8DWL4 ? ? 'expression tag' -32 2  
1 3L9T SER A 3  ? UNP Q8DWL4 ? ? 'expression tag' -31 3  
1 3L9T SER A 4  ? UNP Q8DWL4 ? ? 'expression tag' -30 4  
1 3L9T HIS A 5  ? UNP Q8DWL4 ? ? 'expression tag' -29 5  
1 3L9T HIS A 6  ? UNP Q8DWL4 ? ? 'expression tag' -28 6  
1 3L9T HIS A 7  ? UNP Q8DWL4 ? ? 'expression tag' -27 7  
1 3L9T HIS A 8  ? UNP Q8DWL4 ? ? 'expression tag' -26 8  
1 3L9T HIS A 9  ? UNP Q8DWL4 ? ? 'expression tag' -25 9  
1 3L9T HIS A 10 ? UNP Q8DWL4 ? ? 'expression tag' -24 10 
1 3L9T SER A 11 ? UNP Q8DWL4 ? ? 'expression tag' -23 11 
1 3L9T SER A 12 ? UNP Q8DWL4 ? ? 'expression tag' -22 12 
1 3L9T GLY A 13 ? UNP Q8DWL4 ? ? 'expression tag' -21 13 
1 3L9T LEU A 14 ? UNP Q8DWL4 ? ? 'expression tag' -20 14 
1 3L9T VAL A 15 ? UNP Q8DWL4 ? ? 'expression tag' -19 15 
1 3L9T PRO A 16 ? UNP Q8DWL4 ? ? 'expression tag' -18 16 
1 3L9T ARG A 17 ? UNP Q8DWL4 ? ? 'expression tag' -17 17 
1 3L9T GLY A 18 ? UNP Q8DWL4 ? ? 'expression tag' -16 18 
1 3L9T SER A 19 ? UNP Q8DWL4 ? ? 'expression tag' -15 19 
1 3L9T HIS A 20 ? UNP Q8DWL4 ? ? 'expression tag' -14 20 
1 3L9T MSE A 21 ? UNP Q8DWL4 ? ? 'expression tag' -13 21 
1 3L9T ALA A 22 ? UNP Q8DWL4 ? ? 'expression tag' -12 22 
1 3L9T SER A 23 ? UNP Q8DWL4 ? ? 'expression tag' -11 23 
1 3L9T MSE A 24 ? UNP Q8DWL4 ? ? 'expression tag' -10 24 
1 3L9T THR A 25 ? UNP Q8DWL4 ? ? 'expression tag' -9  25 
1 3L9T GLY A 26 ? UNP Q8DWL4 ? ? 'expression tag' -8  26 
1 3L9T GLY A 27 ? UNP Q8DWL4 ? ? 'expression tag' -7  27 
1 3L9T GLN A 28 ? UNP Q8DWL4 ? ? 'expression tag' -6  28 
1 3L9T GLN A 29 ? UNP Q8DWL4 ? ? 'expression tag' -5  29 
1 3L9T MSE A 30 ? UNP Q8DWL4 ? ? 'expression tag' -4  30 
1 3L9T GLY A 31 ? UNP Q8DWL4 ? ? 'expression tag' -3  31 
1 3L9T ARG A 32 ? UNP Q8DWL4 ? ? 'expression tag' -2  32 
1 3L9T GLY A 33 ? UNP Q8DWL4 ? ? 'expression tag' -1  33 
1 3L9T SER A 34 ? UNP Q8DWL4 ? ? 'expression tag' 0   34 
# 
_pdbx_struct_assembly.id                   1 
_pdbx_struct_assembly.details              author_and_software_defined_assembly 
_pdbx_struct_assembly.method_details       PISA 
_pdbx_struct_assembly.oligomeric_details   monomeric 
_pdbx_struct_assembly.oligomeric_count     1 
# 
_pdbx_struct_assembly_gen.assembly_id       1 
_pdbx_struct_assembly_gen.oper_expression   1 
_pdbx_struct_assembly_gen.asym_id_list      A,B,C 
# 
_pdbx_struct_oper_list.id                   1 
_pdbx_struct_oper_list.type                 'identity operation' 
_pdbx_struct_oper_list.name                 1_555 
_pdbx_struct_oper_list.symmetry_operation   x,y,z 
_pdbx_struct_oper_list.matrix[1][1]         1.0000000000 
_pdbx_struct_oper_list.matrix[1][2]         0.0000000000 
_pdbx_struct_oper_list.matrix[1][3]         0.0000000000 
_pdbx_struct_oper_list.vector[1]            0.0000000000 
_pdbx_struct_oper_list.matrix[2][1]         0.0000000000 
_pdbx_struct_oper_list.matrix[2][2]         1.0000000000 
_pdbx_struct_oper_list.matrix[2][3]         0.0000000000 
_pdbx_struct_oper_list.vector[2]            0.0000000000 
_pdbx_struct_oper_list.matrix[3][1]         0.0000000000 
_pdbx_struct_oper_list.matrix[3][2]         0.0000000000 
_pdbx_struct_oper_list.matrix[3][3]         1.0000000000 
_pdbx_struct_oper_list.vector[3]            0.0000000000 
# 
_struct_biol.id        1 
_struct_biol.details   ? 
# 
loop_
_struct_conf.conf_type_id 
_struct_conf.id 
_struct_conf.pdbx_PDB_helix_id 
_struct_conf.beg_label_comp_id 
_struct_conf.beg_label_asym_id 
_struct_conf.beg_label_seq_id 
_struct_conf.pdbx_beg_PDB_ins_code 
_struct_conf.end_label_comp_id 
_struct_conf.end_label_asym_id 
_struct_conf.end_label_seq_id 
_struct_conf.pdbx_end_PDB_ins_code 
_struct_conf.beg_auth_comp_id 
_struct_conf.beg_auth_asym_id 
_struct_conf.beg_auth_seq_id 
_struct_conf.end_auth_comp_id 
_struct_conf.end_auth_asym_id 
_struct_conf.end_auth_seq_id 
_struct_conf.pdbx_PDB_helix_class 
_struct_conf.details 
_struct_conf.pdbx_PDB_helix_length 
HELX_P HELX_P1  1  SER A 34  ? SER A 47  ? SER A 0   SER A 13  1 ? 14 
HELX_P HELX_P2  2  LYS A 54  ? ASN A 67  ? LYS A 20  ASN A 33  1 ? 14 
HELX_P HELX_P3  3  ASP A 68  ? GLN A 81  ? ASP A 34  GLN A 47  1 ? 14 
HELX_P HELX_P4  4  VAL A 84  ? LEU A 98  ? VAL A 50  LEU A 64  1 ? 15 
HELX_P HELX_P5  5  ASP A 101 ? GLU A 111 ? ASP A 67  GLU A 77  1 ? 11 
HELX_P HELX_P6  6  VAL A 112 ? ASP A 115 ? VAL A 78  ASP A 81  5 ? 4  
HELX_P HELX_P7  7  ASN A 117 ? GLU A 136 ? ASN A 83  GLU A 102 1 ? 20 
HELX_P HELX_P8  8  ALA A 140 ? SER A 150 ? ALA A 106 SER A 116 1 ? 11 
HELX_P HELX_P9  9  ASN A 152 ? LEU A 163 ? ASN A 118 LEU A 129 1 ? 12 
HELX_P HELX_P10 10 ILE A 165 ? ARG A 169 ? ILE A 131 ARG A 135 5 ? 5  
HELX_P HELX_P11 11 ASN A 175 ? ASP A 185 ? ASN A 141 ASP A 151 1 ? 11 
HELX_P HELX_P12 12 SER A 191 ? LYS A 207 ? SER A 157 LYS A 173 1 ? 17 
HELX_P HELX_P13 13 PHE A 209 ? ASN A 219 ? PHE A 175 ASN A 185 1 ? 11 
HELX_P HELX_P14 14 SER A 224 ? SER A 235 ? SER A 190 SER A 201 1 ? 12 
# 
_struct_conf_type.id          HELX_P 
_struct_conf_type.criteria    ? 
_struct_conf_type.reference   ? 
# 
loop_
_struct_conn.id 
_struct_conn.conn_type_id 
_struct_conn.pdbx_leaving_atom_flag 
_struct_conn.pdbx_PDB_id 
_struct_conn.ptnr1_label_asym_id 
_struct_conn.ptnr1_label_comp_id 
_struct_conn.ptnr1_label_seq_id 
_struct_conn.ptnr1_label_atom_id 
_struct_conn.pdbx_ptnr1_label_alt_id 
_struct_conn.pdbx_ptnr1_PDB_ins_code 
_struct_conn.pdbx_ptnr1_standard_comp_id 
_struct_conn.ptnr1_symmetry 
_struct_conn.ptnr2_label_asym_id 
_struct_conn.ptnr2_label_comp_id 
_struct_conn.ptnr2_label_seq_id 
_struct_conn.ptnr2_label_atom_id 
_struct_conn.pdbx_ptnr2_label_alt_id 
_struct_conn.pdbx_ptnr2_PDB_ins_code 
_struct_conn.ptnr1_auth_asym_id 
_struct_conn.ptnr1_auth_comp_id 
_struct_conn.ptnr1_auth_seq_id 
_struct_conn.ptnr2_auth_asym_id 
_struct_conn.ptnr2_auth_comp_id 
_struct_conn.ptnr2_auth_seq_id 
_struct_conn.ptnr2_symmetry 
_struct_conn.pdbx_ptnr3_label_atom_id 
_struct_conn.pdbx_ptnr3_label_seq_id 
_struct_conn.pdbx_ptnr3_label_comp_id 
_struct_conn.pdbx_ptnr3_label_asym_id 
_struct_conn.pdbx_ptnr3_label_alt_id 
_struct_conn.pdbx_ptnr3_PDB_ins_code 
_struct_conn.details 
_struct_conn.pdbx_dist_value 
_struct_conn.pdbx_value_order 
_struct_conn.pdbx_role 
covale1 covale both ? A SER 34  C ? ? ? 1_555 A MSE 35  N ? ? A SER 0  A MSE 1  1_555 ? ? ? ? ? ? ? 1.330 ? ? 
covale2 covale both ? A MSE 35  C ? ? ? 1_555 A LYS 36  N ? ? A MSE 1  A LYS 2  1_555 ? ? ? ? ? ? ? 1.324 ? ? 
covale3 covale both ? A ARG 88  C ? ? ? 1_555 A MSE 89  N ? ? A ARG 54 A MSE 55 1_555 ? ? ? ? ? ? ? 1.334 ? ? 
covale4 covale both ? A MSE 89  C ? ? ? 1_555 A TYR 90  N ? ? A MSE 55 A TYR 56 1_555 ? ? ? ? ? ? ? 1.325 ? ? 
covale5 covale both ? A PHE 107 C ? ? ? 1_555 A MSE 108 N ? ? A PHE 73 A MSE 74 1_555 ? ? ? ? ? ? ? 1.324 ? ? 
covale6 covale both ? A MSE 108 C ? ? ? 1_555 A ARG 109 N ? ? A MSE 74 A ARG 75 1_555 ? ? ? ? ? ? ? 1.328 ? ? 
# 
_struct_conn_type.id          covale 
_struct_conn_type.criteria    ? 
_struct_conn_type.reference   ? 
# 
loop_
_pdbx_modification_feature.ordinal 
_pdbx_modification_feature.label_comp_id 
_pdbx_modification_feature.label_asym_id 
_pdbx_modification_feature.label_seq_id 
_pdbx_modification_feature.label_alt_id 
_pdbx_modification_feature.modified_residue_label_comp_id 
_pdbx_modification_feature.modified_residue_label_asym_id 
_pdbx_modification_feature.modified_residue_label_seq_id 
_pdbx_modification_feature.modified_residue_label_alt_id 
_pdbx_modification_feature.auth_comp_id 
_pdbx_modification_feature.auth_asym_id 
_pdbx_modification_feature.auth_seq_id 
_pdbx_modification_feature.PDB_ins_code 
_pdbx_modification_feature.symmetry 
_pdbx_modification_feature.modified_residue_auth_comp_id 
_pdbx_modification_feature.modified_residue_auth_asym_id 
_pdbx_modification_feature.modified_residue_auth_seq_id 
_pdbx_modification_feature.modified_residue_PDB_ins_code 
_pdbx_modification_feature.modified_residue_symmetry 
_pdbx_modification_feature.comp_id_linking_atom 
_pdbx_modification_feature.modified_residue_id_linking_atom 
_pdbx_modification_feature.modified_residue_id 
_pdbx_modification_feature.ref_pcm_id 
_pdbx_modification_feature.ref_comp_id 
_pdbx_modification_feature.type 
_pdbx_modification_feature.category 
1 MSE A 35  ? . . . . MSE A 1  ? 1_555 . . . . . . . MET 1 MSE Selenomethionine 'Named protein modification' 
2 MSE A 89  ? . . . . MSE A 55 ? 1_555 . . . . . . . MET 1 MSE Selenomethionine 'Named protein modification' 
3 MSE A 108 ? . . . . MSE A 74 ? 1_555 . . . . . . . MET 1 MSE Selenomethionine 'Named protein modification' 
# 
_struct_mon_prot_cis.pdbx_id                1 
_struct_mon_prot_cis.label_comp_id          ARG 
_struct_mon_prot_cis.label_seq_id           164 
_struct_mon_prot_cis.label_asym_id          A 
_struct_mon_prot_cis.label_alt_id           . 
_struct_mon_prot_cis.pdbx_PDB_ins_code      ? 
_struct_mon_prot_cis.auth_comp_id           ARG 
_struct_mon_prot_cis.auth_seq_id            130 
_struct_mon_prot_cis.auth_asym_id           A 
_struct_mon_prot_cis.pdbx_label_comp_id_2   ILE 
_struct_mon_prot_cis.pdbx_label_seq_id_2    165 
_struct_mon_prot_cis.pdbx_label_asym_id_2   A 
_struct_mon_prot_cis.pdbx_PDB_ins_code_2    ? 
_struct_mon_prot_cis.pdbx_auth_comp_id_2    ILE 
_struct_mon_prot_cis.pdbx_auth_seq_id_2     131 
_struct_mon_prot_cis.pdbx_auth_asym_id_2    A 
_struct_mon_prot_cis.pdbx_PDB_model_num     1 
_struct_mon_prot_cis.pdbx_omega_angle       -4.31 
# 
_struct_site.id                   AC1 
_struct_site.pdbx_evidence_code   Software 
_struct_site.pdbx_auth_asym_id    A 
_struct_site.pdbx_auth_comp_id    EPE 
_struct_site.pdbx_auth_seq_id     207 
_struct_site.pdbx_auth_ins_code   ? 
_struct_site.pdbx_num_residues    8 
_struct_site.details              'BINDING SITE FOR RESIDUE EPE A 207' 
# 
loop_
_struct_site_gen.id 
_struct_site_gen.site_id 
_struct_site_gen.pdbx_num_res 
_struct_site_gen.label_comp_id 
_struct_site_gen.label_asym_id 
_struct_site_gen.label_seq_id 
_struct_site_gen.pdbx_auth_ins_code 
_struct_site_gen.auth_comp_id 
_struct_site_gen.auth_asym_id 
_struct_site_gen.auth_seq_id 
_struct_site_gen.label_atom_id 
_struct_site_gen.label_alt_id 
_struct_site_gen.symmetry 
_struct_site_gen.details 
1 AC1 8 ASP A 115 ? ASP A 81  . ? 1_555 ? 
2 AC1 8 ASN A 116 ? ASN A 82  . ? 1_555 ? 
3 AC1 8 GLN A 121 ? GLN A 87  . ? 1_555 ? 
4 AC1 8 LEU A 153 ? LEU A 119 . ? 1_555 ? 
5 AC1 8 HIS A 154 ? HIS A 120 . ? 1_555 ? 
6 AC1 8 SER A 191 ? SER A 157 . ? 1_555 ? 
7 AC1 8 GLU A 192 ? GLU A 158 . ? 1_555 ? 
8 AC1 8 TYR A 193 ? TYR A 159 . ? 1_555 ? 
# 
_pdbx_entry_details.entry_id                   3L9T 
_pdbx_entry_details.compound_details           ? 
_pdbx_entry_details.source_details             ? 
_pdbx_entry_details.nonpolymer_details         ? 
_pdbx_entry_details.sequence_details           ? 
_pdbx_entry_details.has_ligand_of_interest     ? 
_pdbx_entry_details.has_protein_modification   Y 
# 
loop_
_pdbx_validate_torsion.id 
_pdbx_validate_torsion.PDB_model_num 
_pdbx_validate_torsion.auth_comp_id 
_pdbx_validate_torsion.auth_asym_id 
_pdbx_validate_torsion.auth_seq_id 
_pdbx_validate_torsion.PDB_ins_code 
_pdbx_validate_torsion.label_alt_id 
_pdbx_validate_torsion.phi 
_pdbx_validate_torsion.psi 
1 1 GLU A 102 ? ? 89.55 134.72 
2 1 TYR A 137 ? ? 71.15 -54.13 
# 
loop_
_pdbx_struct_mod_residue.id 
_pdbx_struct_mod_residue.label_asym_id 
_pdbx_struct_mod_residue.label_comp_id 
_pdbx_struct_mod_residue.label_seq_id 
_pdbx_struct_mod_residue.auth_asym_id 
_pdbx_struct_mod_residue.auth_comp_id 
_pdbx_struct_mod_residue.auth_seq_id 
_pdbx_struct_mod_residue.PDB_ins_code 
_pdbx_struct_mod_residue.parent_comp_id 
_pdbx_struct_mod_residue.details 
1 A MSE 35  A MSE 1  ? MET SELENOMETHIONINE 
2 A MSE 89  A MSE 55 ? MET SELENOMETHIONINE 
3 A MSE 108 A MSE 74 ? MET SELENOMETHIONINE 
# 
loop_
_pdbx_unobs_or_zero_occ_residues.id 
_pdbx_unobs_or_zero_occ_residues.PDB_model_num 
_pdbx_unobs_or_zero_occ_residues.polymer_flag 
_pdbx_unobs_or_zero_occ_residues.occupancy_flag 
_pdbx_unobs_or_zero_occ_residues.auth_asym_id 
_pdbx_unobs_or_zero_occ_residues.auth_comp_id 
_pdbx_unobs_or_zero_occ_residues.auth_seq_id 
_pdbx_unobs_or_zero_occ_residues.PDB_ins_code 
_pdbx_unobs_or_zero_occ_residues.label_asym_id 
_pdbx_unobs_or_zero_occ_residues.label_comp_id 
_pdbx_unobs_or_zero_occ_residues.label_seq_id 
1  1 Y 1 A MSE -33 ? A MSE 1   
2  1 Y 1 A GLY -32 ? A GLY 2   
3  1 Y 1 A SER -31 ? A SER 3   
4  1 Y 1 A SER -30 ? A SER 4   
5  1 Y 1 A HIS -29 ? A HIS 5   
6  1 Y 1 A HIS -28 ? A HIS 6   
7  1 Y 1 A HIS -27 ? A HIS 7   
8  1 Y 1 A HIS -26 ? A HIS 8   
9  1 Y 1 A HIS -25 ? A HIS 9   
10 1 Y 1 A HIS -24 ? A HIS 10  
11 1 Y 1 A SER -23 ? A SER 11  
12 1 Y 1 A SER -22 ? A SER 12  
13 1 Y 1 A GLY -21 ? A GLY 13  
14 1 Y 1 A LEU -20 ? A LEU 14  
15 1 Y 1 A VAL -19 ? A VAL 15  
16 1 Y 1 A PRO -18 ? A PRO 16  
17 1 Y 1 A ARG -17 ? A ARG 17  
18 1 Y 1 A GLY -16 ? A GLY 18  
19 1 Y 1 A SER -15 ? A SER 19  
20 1 Y 1 A HIS -14 ? A HIS 20  
21 1 Y 1 A MSE -13 ? A MSE 21  
22 1 Y 1 A ALA -12 ? A ALA 22  
23 1 Y 1 A SER -11 ? A SER 23  
24 1 Y 1 A MSE -10 ? A MSE 24  
25 1 Y 1 A THR -9  ? A THR 25  
26 1 Y 1 A GLY -8  ? A GLY 26  
27 1 Y 1 A GLY -7  ? A GLY 27  
28 1 Y 1 A GLN -6  ? A GLN 28  
29 1 Y 1 A GLN -5  ? A GLN 29  
30 1 Y 1 A MSE -4  ? A MSE 30  
31 1 Y 1 A GLY -3  ? A GLY 31  
32 1 Y 1 A ARG -2  ? A ARG 32  
33 1 Y 1 A GLY -1  ? A GLY 33  
34 1 Y 1 A ILE 15  ? A ILE 49  
35 1 Y 1 A GLU 16  ? A GLU 50  
36 1 Y 1 A HIS 17  ? A HIS 51  
37 1 Y 1 A GLY 18  ? A GLY 52  
38 1 Y 1 A PHE 19  ? A PHE 53  
39 1 Y 1 A ALA 206 ? A ALA 240 
# 
loop_
_chem_comp_atom.comp_id 
_chem_comp_atom.atom_id 
_chem_comp_atom.type_symbol 
_chem_comp_atom.pdbx_aromatic_flag 
_chem_comp_atom.pdbx_stereo_config 
_chem_comp_atom.pdbx_ordinal 
ALA N    N  N N 1   
ALA CA   C  N S 2   
ALA C    C  N N 3   
ALA O    O  N N 4   
ALA CB   C  N N 5   
ALA OXT  O  N N 6   
ALA H    H  N N 7   
ALA H2   H  N N 8   
ALA HA   H  N N 9   
ALA HB1  H  N N 10  
ALA HB2  H  N N 11  
ALA HB3  H  N N 12  
ALA HXT  H  N N 13  
ARG N    N  N N 14  
ARG CA   C  N S 15  
ARG C    C  N N 16  
ARG O    O  N N 17  
ARG CB   C  N N 18  
ARG CG   C  N N 19  
ARG CD   C  N N 20  
ARG NE   N  N N 21  
ARG CZ   C  N N 22  
ARG NH1  N  N N 23  
ARG NH2  N  N N 24  
ARG OXT  O  N N 25  
ARG H    H  N N 26  
ARG H2   H  N N 27  
ARG HA   H  N N 28  
ARG HB2  H  N N 29  
ARG HB3  H  N N 30  
ARG HG2  H  N N 31  
ARG HG3  H  N N 32  
ARG HD2  H  N N 33  
ARG HD3  H  N N 34  
ARG HE   H  N N 35  
ARG HH11 H  N N 36  
ARG HH12 H  N N 37  
ARG HH21 H  N N 38  
ARG HH22 H  N N 39  
ARG HXT  H  N N 40  
ASN N    N  N N 41  
ASN CA   C  N S 42  
ASN C    C  N N 43  
ASN O    O  N N 44  
ASN CB   C  N N 45  
ASN CG   C  N N 46  
ASN OD1  O  N N 47  
ASN ND2  N  N N 48  
ASN OXT  O  N N 49  
ASN H    H  N N 50  
ASN H2   H  N N 51  
ASN HA   H  N N 52  
ASN HB2  H  N N 53  
ASN HB3  H  N N 54  
ASN HD21 H  N N 55  
ASN HD22 H  N N 56  
ASN HXT  H  N N 57  
ASP N    N  N N 58  
ASP CA   C  N S 59  
ASP C    C  N N 60  
ASP O    O  N N 61  
ASP CB   C  N N 62  
ASP CG   C  N N 63  
ASP OD1  O  N N 64  
ASP OD2  O  N N 65  
ASP OXT  O  N N 66  
ASP H    H  N N 67  
ASP H2   H  N N 68  
ASP HA   H  N N 69  
ASP HB2  H  N N 70  
ASP HB3  H  N N 71  
ASP HD2  H  N N 72  
ASP HXT  H  N N 73  
CYS N    N  N N 74  
CYS CA   C  N R 75  
CYS C    C  N N 76  
CYS O    O  N N 77  
CYS CB   C  N N 78  
CYS SG   S  N N 79  
CYS OXT  O  N N 80  
CYS H    H  N N 81  
CYS H2   H  N N 82  
CYS HA   H  N N 83  
CYS HB2  H  N N 84  
CYS HB3  H  N N 85  
CYS HG   H  N N 86  
CYS HXT  H  N N 87  
EPE N1   N  N N 88  
EPE C2   C  N N 89  
EPE C3   C  N N 90  
EPE N4   N  N N 91  
EPE C5   C  N N 92  
EPE C6   C  N N 93  
EPE C7   C  N N 94  
EPE C8   C  N N 95  
EPE O8   O  N N 96  
EPE C9   C  N N 97  
EPE C10  C  N N 98  
EPE S    S  N N 99  
EPE O1S  O  N N 100 
EPE O2S  O  N N 101 
EPE O3S  O  N N 102 
EPE H21  H  N N 103 
EPE H22  H  N N 104 
EPE H31  H  N N 105 
EPE H32  H  N N 106 
EPE H51  H  N N 107 
EPE H52  H  N N 108 
EPE H61  H  N N 109 
EPE H62  H  N N 110 
EPE H71  H  N N 111 
EPE H72  H  N N 112 
EPE H81  H  N N 113 
EPE H82  H  N N 114 
EPE HO8  H  N N 115 
EPE H91  H  N N 116 
EPE H92  H  N N 117 
EPE H101 H  N N 118 
EPE H102 H  N N 119 
EPE HOS3 H  N N 120 
GLN N    N  N N 121 
GLN CA   C  N S 122 
GLN C    C  N N 123 
GLN O    O  N N 124 
GLN CB   C  N N 125 
GLN CG   C  N N 126 
GLN CD   C  N N 127 
GLN OE1  O  N N 128 
GLN NE2  N  N N 129 
GLN OXT  O  N N 130 
GLN H    H  N N 131 
GLN H2   H  N N 132 
GLN HA   H  N N 133 
GLN HB2  H  N N 134 
GLN HB3  H  N N 135 
GLN HG2  H  N N 136 
GLN HG3  H  N N 137 
GLN HE21 H  N N 138 
GLN HE22 H  N N 139 
GLN HXT  H  N N 140 
GLU N    N  N N 141 
GLU CA   C  N S 142 
GLU C    C  N N 143 
GLU O    O  N N 144 
GLU CB   C  N N 145 
GLU CG   C  N N 146 
GLU CD   C  N N 147 
GLU OE1  O  N N 148 
GLU OE2  O  N N 149 
GLU OXT  O  N N 150 
GLU H    H  N N 151 
GLU H2   H  N N 152 
GLU HA   H  N N 153 
GLU HB2  H  N N 154 
GLU HB3  H  N N 155 
GLU HG2  H  N N 156 
GLU HG3  H  N N 157 
GLU HE2  H  N N 158 
GLU HXT  H  N N 159 
GLY N    N  N N 160 
GLY CA   C  N N 161 
GLY C    C  N N 162 
GLY O    O  N N 163 
GLY OXT  O  N N 164 
GLY H    H  N N 165 
GLY H2   H  N N 166 
GLY HA2  H  N N 167 
GLY HA3  H  N N 168 
GLY HXT  H  N N 169 
HIS N    N  N N 170 
HIS CA   C  N S 171 
HIS C    C  N N 172 
HIS O    O  N N 173 
HIS CB   C  N N 174 
HIS CG   C  Y N 175 
HIS ND1  N  Y N 176 
HIS CD2  C  Y N 177 
HIS CE1  C  Y N 178 
HIS NE2  N  Y N 179 
HIS OXT  O  N N 180 
HIS H    H  N N 181 
HIS H2   H  N N 182 
HIS HA   H  N N 183 
HIS HB2  H  N N 184 
HIS HB3  H  N N 185 
HIS HD1  H  N N 186 
HIS HD2  H  N N 187 
HIS HE1  H  N N 188 
HIS HE2  H  N N 189 
HIS HXT  H  N N 190 
HOH O    O  N N 191 
HOH H1   H  N N 192 
HOH H2   H  N N 193 
ILE N    N  N N 194 
ILE CA   C  N S 195 
ILE C    C  N N 196 
ILE O    O  N N 197 
ILE CB   C  N S 198 
ILE CG1  C  N N 199 
ILE CG2  C  N N 200 
ILE CD1  C  N N 201 
ILE OXT  O  N N 202 
ILE H    H  N N 203 
ILE H2   H  N N 204 
ILE HA   H  N N 205 
ILE HB   H  N N 206 
ILE HG12 H  N N 207 
ILE HG13 H  N N 208 
ILE HG21 H  N N 209 
ILE HG22 H  N N 210 
ILE HG23 H  N N 211 
ILE HD11 H  N N 212 
ILE HD12 H  N N 213 
ILE HD13 H  N N 214 
ILE HXT  H  N N 215 
LEU N    N  N N 216 
LEU CA   C  N S 217 
LEU C    C  N N 218 
LEU O    O  N N 219 
LEU CB   C  N N 220 
LEU CG   C  N N 221 
LEU CD1  C  N N 222 
LEU CD2  C  N N 223 
LEU OXT  O  N N 224 
LEU H    H  N N 225 
LEU H2   H  N N 226 
LEU HA   H  N N 227 
LEU HB2  H  N N 228 
LEU HB3  H  N N 229 
LEU HG   H  N N 230 
LEU HD11 H  N N 231 
LEU HD12 H  N N 232 
LEU HD13 H  N N 233 
LEU HD21 H  N N 234 
LEU HD22 H  N N 235 
LEU HD23 H  N N 236 
LEU HXT  H  N N 237 
LYS N    N  N N 238 
LYS CA   C  N S 239 
LYS C    C  N N 240 
LYS O    O  N N 241 
LYS CB   C  N N 242 
LYS CG   C  N N 243 
LYS CD   C  N N 244 
LYS CE   C  N N 245 
LYS NZ   N  N N 246 
LYS OXT  O  N N 247 
LYS H    H  N N 248 
LYS H2   H  N N 249 
LYS HA   H  N N 250 
LYS HB2  H  N N 251 
LYS HB3  H  N N 252 
LYS HG2  H  N N 253 
LYS HG3  H  N N 254 
LYS HD2  H  N N 255 
LYS HD3  H  N N 256 
LYS HE2  H  N N 257 
LYS HE3  H  N N 258 
LYS HZ1  H  N N 259 
LYS HZ2  H  N N 260 
LYS HZ3  H  N N 261 
LYS HXT  H  N N 262 
MSE N    N  N N 263 
MSE CA   C  N S 264 
MSE C    C  N N 265 
MSE O    O  N N 266 
MSE OXT  O  N N 267 
MSE CB   C  N N 268 
MSE CG   C  N N 269 
MSE SE   SE N N 270 
MSE CE   C  N N 271 
MSE H    H  N N 272 
MSE H2   H  N N 273 
MSE HA   H  N N 274 
MSE HXT  H  N N 275 
MSE HB2  H  N N 276 
MSE HB3  H  N N 277 
MSE HG2  H  N N 278 
MSE HG3  H  N N 279 
MSE HE1  H  N N 280 
MSE HE2  H  N N 281 
MSE HE3  H  N N 282 
PHE N    N  N N 283 
PHE CA   C  N S 284 
PHE C    C  N N 285 
PHE O    O  N N 286 
PHE CB   C  N N 287 
PHE CG   C  Y N 288 
PHE CD1  C  Y N 289 
PHE CD2  C  Y N 290 
PHE CE1  C  Y N 291 
PHE CE2  C  Y N 292 
PHE CZ   C  Y N 293 
PHE OXT  O  N N 294 
PHE H    H  N N 295 
PHE H2   H  N N 296 
PHE HA   H  N N 297 
PHE HB2  H  N N 298 
PHE HB3  H  N N 299 
PHE HD1  H  N N 300 
PHE HD2  H  N N 301 
PHE HE1  H  N N 302 
PHE HE2  H  N N 303 
PHE HZ   H  N N 304 
PHE HXT  H  N N 305 
PRO N    N  N N 306 
PRO CA   C  N S 307 
PRO C    C  N N 308 
PRO O    O  N N 309 
PRO CB   C  N N 310 
PRO CG   C  N N 311 
PRO CD   C  N N 312 
PRO OXT  O  N N 313 
PRO H    H  N N 314 
PRO HA   H  N N 315 
PRO HB2  H  N N 316 
PRO HB3  H  N N 317 
PRO HG2  H  N N 318 
PRO HG3  H  N N 319 
PRO HD2  H  N N 320 
PRO HD3  H  N N 321 
PRO HXT  H  N N 322 
SER N    N  N N 323 
SER CA   C  N S 324 
SER C    C  N N 325 
SER O    O  N N 326 
SER CB   C  N N 327 
SER OG   O  N N 328 
SER OXT  O  N N 329 
SER H    H  N N 330 
SER H2   H  N N 331 
SER HA   H  N N 332 
SER HB2  H  N N 333 
SER HB3  H  N N 334 
SER HG   H  N N 335 
SER HXT  H  N N 336 
THR N    N  N N 337 
THR CA   C  N S 338 
THR C    C  N N 339 
THR O    O  N N 340 
THR CB   C  N R 341 
THR OG1  O  N N 342 
THR CG2  C  N N 343 
THR OXT  O  N N 344 
THR H    H  N N 345 
THR H2   H  N N 346 
THR HA   H  N N 347 
THR HB   H  N N 348 
THR HG1  H  N N 349 
THR HG21 H  N N 350 
THR HG22 H  N N 351 
THR HG23 H  N N 352 
THR HXT  H  N N 353 
TRP N    N  N N 354 
TRP CA   C  N S 355 
TRP C    C  N N 356 
TRP O    O  N N 357 
TRP CB   C  N N 358 
TRP CG   C  Y N 359 
TRP CD1  C  Y N 360 
TRP CD2  C  Y N 361 
TRP NE1  N  Y N 362 
TRP CE2  C  Y N 363 
TRP CE3  C  Y N 364 
TRP CZ2  C  Y N 365 
TRP CZ3  C  Y N 366 
TRP CH2  C  Y N 367 
TRP OXT  O  N N 368 
TRP H    H  N N 369 
TRP H2   H  N N 370 
TRP HA   H  N N 371 
TRP HB2  H  N N 372 
TRP HB3  H  N N 373 
TRP HD1  H  N N 374 
TRP HE1  H  N N 375 
TRP HE3  H  N N 376 
TRP HZ2  H  N N 377 
TRP HZ3  H  N N 378 
TRP HH2  H  N N 379 
TRP HXT  H  N N 380 
TYR N    N  N N 381 
TYR CA   C  N S 382 
TYR C    C  N N 383 
TYR O    O  N N 384 
TYR CB   C  N N 385 
TYR CG   C  Y N 386 
TYR CD1  C  Y N 387 
TYR CD2  C  Y N 388 
TYR CE1  C  Y N 389 
TYR CE2  C  Y N 390 
TYR CZ   C  Y N 391 
TYR OH   O  N N 392 
TYR OXT  O  N N 393 
TYR H    H  N N 394 
TYR H2   H  N N 395 
TYR HA   H  N N 396 
TYR HB2  H  N N 397 
TYR HB3  H  N N 398 
TYR HD1  H  N N 399 
TYR HD2  H  N N 400 
TYR HE1  H  N N 401 
TYR HE2  H  N N 402 
TYR HH   H  N N 403 
TYR HXT  H  N N 404 
VAL N    N  N N 405 
VAL CA   C  N S 406 
VAL C    C  N N 407 
VAL O    O  N N 408 
VAL CB   C  N N 409 
VAL CG1  C  N N 410 
VAL CG2  C  N N 411 
VAL OXT  O  N N 412 
VAL H    H  N N 413 
VAL H2   H  N N 414 
VAL HA   H  N N 415 
VAL HB   H  N N 416 
VAL HG11 H  N N 417 
VAL HG12 H  N N 418 
VAL HG13 H  N N 419 
VAL HG21 H  N N 420 
VAL HG22 H  N N 421 
VAL HG23 H  N N 422 
VAL HXT  H  N N 423 
# 
loop_
_chem_comp_bond.comp_id 
_chem_comp_bond.atom_id_1 
_chem_comp_bond.atom_id_2 
_chem_comp_bond.value_order 
_chem_comp_bond.pdbx_aromatic_flag 
_chem_comp_bond.pdbx_stereo_config 
_chem_comp_bond.pdbx_ordinal 
ALA N   CA   sing N N 1   
ALA N   H    sing N N 2   
ALA N   H2   sing N N 3   
ALA CA  C    sing N N 4   
ALA CA  CB   sing N N 5   
ALA CA  HA   sing N N 6   
ALA C   O    doub N N 7   
ALA C   OXT  sing N N 8   
ALA CB  HB1  sing N N 9   
ALA CB  HB2  sing N N 10  
ALA CB  HB3  sing N N 11  
ALA OXT HXT  sing N N 12  
ARG N   CA   sing N N 13  
ARG N   H    sing N N 14  
ARG N   H2   sing N N 15  
ARG CA  C    sing N N 16  
ARG CA  CB   sing N N 17  
ARG CA  HA   sing N N 18  
ARG C   O    doub N N 19  
ARG C   OXT  sing N N 20  
ARG CB  CG   sing N N 21  
ARG CB  HB2  sing N N 22  
ARG CB  HB3  sing N N 23  
ARG CG  CD   sing N N 24  
ARG CG  HG2  sing N N 25  
ARG CG  HG3  sing N N 26  
ARG CD  NE   sing N N 27  
ARG CD  HD2  sing N N 28  
ARG CD  HD3  sing N N 29  
ARG NE  CZ   sing N N 30  
ARG NE  HE   sing N N 31  
ARG CZ  NH1  sing N N 32  
ARG CZ  NH2  doub N N 33  
ARG NH1 HH11 sing N N 34  
ARG NH1 HH12 sing N N 35  
ARG NH2 HH21 sing N N 36  
ARG NH2 HH22 sing N N 37  
ARG OXT HXT  sing N N 38  
ASN N   CA   sing N N 39  
ASN N   H    sing N N 40  
ASN N   H2   sing N N 41  
ASN CA  C    sing N N 42  
ASN CA  CB   sing N N 43  
ASN CA  HA   sing N N 44  
ASN C   O    doub N N 45  
ASN C   OXT  sing N N 46  
ASN CB  CG   sing N N 47  
ASN CB  HB2  sing N N 48  
ASN CB  HB3  sing N N 49  
ASN CG  OD1  doub N N 50  
ASN CG  ND2  sing N N 51  
ASN ND2 HD21 sing N N 52  
ASN ND2 HD22 sing N N 53  
ASN OXT HXT  sing N N 54  
ASP N   CA   sing N N 55  
ASP N   H    sing N N 56  
ASP N   H2   sing N N 57  
ASP CA  C    sing N N 58  
ASP CA  CB   sing N N 59  
ASP CA  HA   sing N N 60  
ASP C   O    doub N N 61  
ASP C   OXT  sing N N 62  
ASP CB  CG   sing N N 63  
ASP CB  HB2  sing N N 64  
ASP CB  HB3  sing N N 65  
ASP CG  OD1  doub N N 66  
ASP CG  OD2  sing N N 67  
ASP OD2 HD2  sing N N 68  
ASP OXT HXT  sing N N 69  
CYS N   CA   sing N N 70  
CYS N   H    sing N N 71  
CYS N   H2   sing N N 72  
CYS CA  C    sing N N 73  
CYS CA  CB   sing N N 74  
CYS CA  HA   sing N N 75  
CYS C   O    doub N N 76  
CYS C   OXT  sing N N 77  
CYS CB  SG   sing N N 78  
CYS CB  HB2  sing N N 79  
CYS CB  HB3  sing N N 80  
CYS SG  HG   sing N N 81  
CYS OXT HXT  sing N N 82  
EPE N1  C2   sing N N 83  
EPE N1  C6   sing N N 84  
EPE N1  C9   sing N N 85  
EPE C2  C3   sing N N 86  
EPE C2  H21  sing N N 87  
EPE C2  H22  sing N N 88  
EPE C3  N4   sing N N 89  
EPE C3  H31  sing N N 90  
EPE C3  H32  sing N N 91  
EPE N4  C5   sing N N 92  
EPE N4  C7   sing N N 93  
EPE C5  C6   sing N N 94  
EPE C5  H51  sing N N 95  
EPE C5  H52  sing N N 96  
EPE C6  H61  sing N N 97  
EPE C6  H62  sing N N 98  
EPE C7  C8   sing N N 99  
EPE C7  H71  sing N N 100 
EPE C7  H72  sing N N 101 
EPE C8  O8   sing N N 102 
EPE C8  H81  sing N N 103 
EPE C8  H82  sing N N 104 
EPE O8  HO8  sing N N 105 
EPE C9  C10  sing N N 106 
EPE C9  H91  sing N N 107 
EPE C9  H92  sing N N 108 
EPE C10 S    sing N N 109 
EPE C10 H101 sing N N 110 
EPE C10 H102 sing N N 111 
EPE S   O1S  doub N N 112 
EPE S   O2S  doub N N 113 
EPE S   O3S  sing N N 114 
EPE O3S HOS3 sing N N 115 
GLN N   CA   sing N N 116 
GLN N   H    sing N N 117 
GLN N   H2   sing N N 118 
GLN CA  C    sing N N 119 
GLN CA  CB   sing N N 120 
GLN CA  HA   sing N N 121 
GLN C   O    doub N N 122 
GLN C   OXT  sing N N 123 
GLN CB  CG   sing N N 124 
GLN CB  HB2  sing N N 125 
GLN CB  HB3  sing N N 126 
GLN CG  CD   sing N N 127 
GLN CG  HG2  sing N N 128 
GLN CG  HG3  sing N N 129 
GLN CD  OE1  doub N N 130 
GLN CD  NE2  sing N N 131 
GLN NE2 HE21 sing N N 132 
GLN NE2 HE22 sing N N 133 
GLN OXT HXT  sing N N 134 
GLU N   CA   sing N N 135 
GLU N   H    sing N N 136 
GLU N   H2   sing N N 137 
GLU CA  C    sing N N 138 
GLU CA  CB   sing N N 139 
GLU CA  HA   sing N N 140 
GLU C   O    doub N N 141 
GLU C   OXT  sing N N 142 
GLU CB  CG   sing N N 143 
GLU CB  HB2  sing N N 144 
GLU CB  HB3  sing N N 145 
GLU CG  CD   sing N N 146 
GLU CG  HG2  sing N N 147 
GLU CG  HG3  sing N N 148 
GLU CD  OE1  doub N N 149 
GLU CD  OE2  sing N N 150 
GLU OE2 HE2  sing N N 151 
GLU OXT HXT  sing N N 152 
GLY N   CA   sing N N 153 
GLY N   H    sing N N 154 
GLY N   H2   sing N N 155 
GLY CA  C    sing N N 156 
GLY CA  HA2  sing N N 157 
GLY CA  HA3  sing N N 158 
GLY C   O    doub N N 159 
GLY C   OXT  sing N N 160 
GLY OXT HXT  sing N N 161 
HIS N   CA   sing N N 162 
HIS N   H    sing N N 163 
HIS N   H2   sing N N 164 
HIS CA  C    sing N N 165 
HIS CA  CB   sing N N 166 
HIS CA  HA   sing N N 167 
HIS C   O    doub N N 168 
HIS C   OXT  sing N N 169 
HIS CB  CG   sing N N 170 
HIS CB  HB2  sing N N 171 
HIS CB  HB3  sing N N 172 
HIS CG  ND1  sing Y N 173 
HIS CG  CD2  doub Y N 174 
HIS ND1 CE1  doub Y N 175 
HIS ND1 HD1  sing N N 176 
HIS CD2 NE2  sing Y N 177 
HIS CD2 HD2  sing N N 178 
HIS CE1 NE2  sing Y N 179 
HIS CE1 HE1  sing N N 180 
HIS NE2 HE2  sing N N 181 
HIS OXT HXT  sing N N 182 
HOH O   H1   sing N N 183 
HOH O   H2   sing N N 184 
ILE N   CA   sing N N 185 
ILE N   H    sing N N 186 
ILE N   H2   sing N N 187 
ILE CA  C    sing N N 188 
ILE CA  CB   sing N N 189 
ILE CA  HA   sing N N 190 
ILE C   O    doub N N 191 
ILE C   OXT  sing N N 192 
ILE CB  CG1  sing N N 193 
ILE CB  CG2  sing N N 194 
ILE CB  HB   sing N N 195 
ILE CG1 CD1  sing N N 196 
ILE CG1 HG12 sing N N 197 
ILE CG1 HG13 sing N N 198 
ILE CG2 HG21 sing N N 199 
ILE CG2 HG22 sing N N 200 
ILE CG2 HG23 sing N N 201 
ILE CD1 HD11 sing N N 202 
ILE CD1 HD12 sing N N 203 
ILE CD1 HD13 sing N N 204 
ILE OXT HXT  sing N N 205 
LEU N   CA   sing N N 206 
LEU N   H    sing N N 207 
LEU N   H2   sing N N 208 
LEU CA  C    sing N N 209 
LEU CA  CB   sing N N 210 
LEU CA  HA   sing N N 211 
LEU C   O    doub N N 212 
LEU C   OXT  sing N N 213 
LEU CB  CG   sing N N 214 
LEU CB  HB2  sing N N 215 
LEU CB  HB3  sing N N 216 
LEU CG  CD1  sing N N 217 
LEU CG  CD2  sing N N 218 
LEU CG  HG   sing N N 219 
LEU CD1 HD11 sing N N 220 
LEU CD1 HD12 sing N N 221 
LEU CD1 HD13 sing N N 222 
LEU CD2 HD21 sing N N 223 
LEU CD2 HD22 sing N N 224 
LEU CD2 HD23 sing N N 225 
LEU OXT HXT  sing N N 226 
LYS N   CA   sing N N 227 
LYS N   H    sing N N 228 
LYS N   H2   sing N N 229 
LYS CA  C    sing N N 230 
LYS CA  CB   sing N N 231 
LYS CA  HA   sing N N 232 
LYS C   O    doub N N 233 
LYS C   OXT  sing N N 234 
LYS CB  CG   sing N N 235 
LYS CB  HB2  sing N N 236 
LYS CB  HB3  sing N N 237 
LYS CG  CD   sing N N 238 
LYS CG  HG2  sing N N 239 
LYS CG  HG3  sing N N 240 
LYS CD  CE   sing N N 241 
LYS CD  HD2  sing N N 242 
LYS CD  HD3  sing N N 243 
LYS CE  NZ   sing N N 244 
LYS CE  HE2  sing N N 245 
LYS CE  HE3  sing N N 246 
LYS NZ  HZ1  sing N N 247 
LYS NZ  HZ2  sing N N 248 
LYS NZ  HZ3  sing N N 249 
LYS OXT HXT  sing N N 250 
MSE N   CA   sing N N 251 
MSE N   H    sing N N 252 
MSE N   H2   sing N N 253 
MSE CA  C    sing N N 254 
MSE CA  CB   sing N N 255 
MSE CA  HA   sing N N 256 
MSE C   O    doub N N 257 
MSE C   OXT  sing N N 258 
MSE OXT HXT  sing N N 259 
MSE CB  CG   sing N N 260 
MSE CB  HB2  sing N N 261 
MSE CB  HB3  sing N N 262 
MSE CG  SE   sing N N 263 
MSE CG  HG2  sing N N 264 
MSE CG  HG3  sing N N 265 
MSE SE  CE   sing N N 266 
MSE CE  HE1  sing N N 267 
MSE CE  HE2  sing N N 268 
MSE CE  HE3  sing N N 269 
PHE N   CA   sing N N 270 
PHE N   H    sing N N 271 
PHE N   H2   sing N N 272 
PHE CA  C    sing N N 273 
PHE CA  CB   sing N N 274 
PHE CA  HA   sing N N 275 
PHE C   O    doub N N 276 
PHE C   OXT  sing N N 277 
PHE CB  CG   sing N N 278 
PHE CB  HB2  sing N N 279 
PHE CB  HB3  sing N N 280 
PHE CG  CD1  doub Y N 281 
PHE CG  CD2  sing Y N 282 
PHE CD1 CE1  sing Y N 283 
PHE CD1 HD1  sing N N 284 
PHE CD2 CE2  doub Y N 285 
PHE CD2 HD2  sing N N 286 
PHE CE1 CZ   doub Y N 287 
PHE CE1 HE1  sing N N 288 
PHE CE2 CZ   sing Y N 289 
PHE CE2 HE2  sing N N 290 
PHE CZ  HZ   sing N N 291 
PHE OXT HXT  sing N N 292 
PRO N   CA   sing N N 293 
PRO N   CD   sing N N 294 
PRO N   H    sing N N 295 
PRO CA  C    sing N N 296 
PRO CA  CB   sing N N 297 
PRO CA  HA   sing N N 298 
PRO C   O    doub N N 299 
PRO C   OXT  sing N N 300 
PRO CB  CG   sing N N 301 
PRO CB  HB2  sing N N 302 
PRO CB  HB3  sing N N 303 
PRO CG  CD   sing N N 304 
PRO CG  HG2  sing N N 305 
PRO CG  HG3  sing N N 306 
PRO CD  HD2  sing N N 307 
PRO CD  HD3  sing N N 308 
PRO OXT HXT  sing N N 309 
SER N   CA   sing N N 310 
SER N   H    sing N N 311 
SER N   H2   sing N N 312 
SER CA  C    sing N N 313 
SER CA  CB   sing N N 314 
SER CA  HA   sing N N 315 
SER C   O    doub N N 316 
SER C   OXT  sing N N 317 
SER CB  OG   sing N N 318 
SER CB  HB2  sing N N 319 
SER CB  HB3  sing N N 320 
SER OG  HG   sing N N 321 
SER OXT HXT  sing N N 322 
THR N   CA   sing N N 323 
THR N   H    sing N N 324 
THR N   H2   sing N N 325 
THR CA  C    sing N N 326 
THR CA  CB   sing N N 327 
THR CA  HA   sing N N 328 
THR C   O    doub N N 329 
THR C   OXT  sing N N 330 
THR CB  OG1  sing N N 331 
THR CB  CG2  sing N N 332 
THR CB  HB   sing N N 333 
THR OG1 HG1  sing N N 334 
THR CG2 HG21 sing N N 335 
THR CG2 HG22 sing N N 336 
THR CG2 HG23 sing N N 337 
THR OXT HXT  sing N N 338 
TRP N   CA   sing N N 339 
TRP N   H    sing N N 340 
TRP N   H2   sing N N 341 
TRP CA  C    sing N N 342 
TRP CA  CB   sing N N 343 
TRP CA  HA   sing N N 344 
TRP C   O    doub N N 345 
TRP C   OXT  sing N N 346 
TRP CB  CG   sing N N 347 
TRP CB  HB2  sing N N 348 
TRP CB  HB3  sing N N 349 
TRP CG  CD1  doub Y N 350 
TRP CG  CD2  sing Y N 351 
TRP CD1 NE1  sing Y N 352 
TRP CD1 HD1  sing N N 353 
TRP CD2 CE2  doub Y N 354 
TRP CD2 CE3  sing Y N 355 
TRP NE1 CE2  sing Y N 356 
TRP NE1 HE1  sing N N 357 
TRP CE2 CZ2  sing Y N 358 
TRP CE3 CZ3  doub Y N 359 
TRP CE3 HE3  sing N N 360 
TRP CZ2 CH2  doub Y N 361 
TRP CZ2 HZ2  sing N N 362 
TRP CZ3 CH2  sing Y N 363 
TRP CZ3 HZ3  sing N N 364 
TRP CH2 HH2  sing N N 365 
TRP OXT HXT  sing N N 366 
TYR N   CA   sing N N 367 
TYR N   H    sing N N 368 
TYR N   H2   sing N N 369 
TYR CA  C    sing N N 370 
TYR CA  CB   sing N N 371 
TYR CA  HA   sing N N 372 
TYR C   O    doub N N 373 
TYR C   OXT  sing N N 374 
TYR CB  CG   sing N N 375 
TYR CB  HB2  sing N N 376 
TYR CB  HB3  sing N N 377 
TYR CG  CD1  doub Y N 378 
TYR CG  CD2  sing Y N 379 
TYR CD1 CE1  sing Y N 380 
TYR CD1 HD1  sing N N 381 
TYR CD2 CE2  doub Y N 382 
TYR CD2 HD2  sing N N 383 
TYR CE1 CZ   doub Y N 384 
TYR CE1 HE1  sing N N 385 
TYR CE2 CZ   sing Y N 386 
TYR CE2 HE2  sing N N 387 
TYR CZ  OH   sing N N 388 
TYR OH  HH   sing N N 389 
TYR OXT HXT  sing N N 390 
VAL N   CA   sing N N 391 
VAL N   H    sing N N 392 
VAL N   H2   sing N N 393 
VAL CA  C    sing N N 394 
VAL CA  CB   sing N N 395 
VAL CA  HA   sing N N 396 
VAL C   O    doub N N 397 
VAL C   OXT  sing N N 398 
VAL CB  CG1  sing N N 399 
VAL CB  CG2  sing N N 400 
VAL CB  HB   sing N N 401 
VAL CG1 HG11 sing N N 402 
VAL CG1 HG12 sing N N 403 
VAL CG1 HG13 sing N N 404 
VAL CG2 HG21 sing N N 405 
VAL CG2 HG22 sing N N 406 
VAL CG2 HG23 sing N N 407 
VAL OXT HXT  sing N N 408 
# 
_atom_sites.entry_id                    3L9T 
_atom_sites.fract_transf_matrix[1][1]   -0.01057688 
_atom_sites.fract_transf_matrix[1][2]   0.01129395 
_atom_sites.fract_transf_matrix[1][3]   0.00658182 
_atom_sites.fract_transf_matrix[2][1]   0.00371781 
_atom_sites.fract_transf_matrix[2][2]   0.01053562 
_atom_sites.fract_transf_matrix[2][3]   -0.01210394 
_atom_sites.fract_transf_matrix[3][1]   -0.01124713 
_atom_sites.fract_transf_matrix[3][2]   -0.00565247 
_atom_sites.fract_transf_matrix[3][3]   -0.00837471 
_atom_sites.fract_transf_vector[1]      0.242099 
_atom_sites.fract_transf_vector[2]      0.501926 
_atom_sites.fract_transf_vector[3]      0.594615 
# 
loop_
_atom_type.symbol 
C  
N  
O  
S  
SE 
# 
loop_
_atom_site.group_PDB 
_atom_site.id 
_atom_site.type_symbol 
_atom_site.label_atom_id 
_atom_site.label_alt_id 
_atom_site.label_comp_id 
_atom_site.label_asym_id 
_atom_site.label_entity_id 
_atom_site.label_seq_id 
_atom_site.pdbx_PDB_ins_code 
_atom_site.Cartn_x 
_atom_site.Cartn_y 
_atom_site.Cartn_z 
_atom_site.occupancy 
_atom_site.B_iso_or_equiv 
_atom_site.pdbx_formal_charge 
_atom_site.auth_seq_id 
_atom_site.auth_comp_id 
_atom_site.auth_asym_id 
_atom_site.auth_atom_id 
_atom_site.pdbx_PDB_model_num 
ATOM   1    N  N   . SER A 1 34  ? 0.310   -13.606 28.861  1.00 35.22 ? 0   SER A N   1 
ATOM   2    C  CA  . SER A 1 34  ? -0.855  -14.160 28.179  1.00 39.46 ? 0   SER A CA  1 
ATOM   3    C  C   . SER A 1 34  ? -1.134  -13.470 26.842  1.00 36.28 ? 0   SER A C   1 
ATOM   4    O  O   . SER A 1 34  ? -1.820  -14.024 25.983  1.00 37.91 ? 0   SER A O   1 
ATOM   5    C  CB  . SER A 1 34  ? -2.088  -14.105 29.076  1.00 39.48 ? 0   SER A CB  1 
ATOM   6    O  OG  . SER A 1 34  ? -2.411  -12.772 29.415  1.00 43.74 ? 0   SER A OG  1 
HETATM 7    N  N   . MSE A 1 35  ? -0.614  -12.258 26.671  1.00 36.61 ? 1   MSE A N   1 
HETATM 8    C  CA  . MSE A 1 35  ? -0.615  -11.625 25.360  1.00 33.69 ? 1   MSE A CA  1 
HETATM 9    C  C   . MSE A 1 35  ? 0.382   -12.417 24.524  1.00 29.08 ? 1   MSE A C   1 
HETATM 10   O  O   . MSE A 1 35  ? 0.162   -12.694 23.346  1.00 28.32 ? 1   MSE A O   1 
HETATM 11   C  CB  . MSE A 1 35  ? -0.205  -10.152 25.463  1.00 31.45 ? 1   MSE A CB  1 
HETATM 12   C  CG  . MSE A 1 35  ? -0.283  -9.377  24.148  1.00 34.84 ? 1   MSE A CG  1 
HETATM 13   SE SE  . MSE A 1 35  ? 0.099   -7.446  24.291  0.80 33.14 ? 1   MSE A SE  1 
HETATM 14   C  CE  . MSE A 1 35  ? -1.484  -6.851  25.207  1.00 25.84 ? 1   MSE A CE  1 
ATOM   15   N  N   . LYS A 1 36  ? 1.472   -12.806 25.169  1.00 28.34 ? 2   LYS A N   1 
ATOM   16   C  CA  . LYS A 1 36  ? 2.469   -13.661 24.557  1.00 30.84 ? 2   LYS A CA  1 
ATOM   17   C  C   . LYS A 1 36  ? 1.867   -15.038 24.258  1.00 32.64 ? 2   LYS A C   1 
ATOM   18   O  O   . LYS A 1 36  ? 2.188   -15.661 23.248  1.00 29.75 ? 2   LYS A O   1 
ATOM   19   C  CB  . LYS A 1 36  ? 3.669   -13.791 25.490  1.00 34.22 ? 2   LYS A CB  1 
ATOM   20   C  CG  . LYS A 1 36  ? 4.972   -14.086 24.783  1.00 40.66 ? 2   LYS A CG  1 
ATOM   21   C  CD  . LYS A 1 36  ? 6.139   -13.460 25.526  1.00 44.58 ? 2   LYS A CD  1 
ATOM   22   C  CE  . LYS A 1 36  ? 7.445   -13.749 24.815  1.00 49.94 ? 2   LYS A CE  1 
ATOM   23   N  NZ  . LYS A 1 36  ? 7.342   -13.447 23.361  1.00 42.88 ? 2   LYS A NZ  1 
ATOM   24   N  N   . GLN A 1 37  ? 0.996   -15.510 25.144  1.00 36.45 ? 3   GLN A N   1 
ATOM   25   C  CA  . GLN A 1 37  ? 0.280   -16.758 24.904  1.00 36.17 ? 3   GLN A CA  1 
ATOM   26   C  C   . GLN A 1 37  ? -0.622  -16.642 23.676  1.00 31.86 ? 3   GLN A C   1 
ATOM   27   O  O   . GLN A 1 37  ? -0.620  -17.522 22.817  1.00 30.00 ? 3   GLN A O   1 
ATOM   28   C  CB  . GLN A 1 37  ? -0.540  -17.163 26.135  1.00 35.92 ? 3   GLN A CB  1 
ATOM   29   C  CG  . GLN A 1 37  ? 0.297   -17.641 27.315  1.00 41.58 ? 3   GLN A CG  1 
ATOM   30   C  CD  . GLN A 1 37  ? -0.512  -17.748 28.604  1.00 49.70 ? 3   GLN A CD  1 
ATOM   31   O  OE1 . GLN A 1 37  ? -1.576  -17.144 28.737  1.00 49.97 ? 3   GLN A OE1 1 
ATOM   32   N  NE2 . GLN A 1 37  ? -0.005  -18.518 29.561  1.00 52.30 ? 3   GLN A NE2 1 
ATOM   33   N  N   . TYR A 1 38  ? -1.386  -15.553 23.589  1.00 30.05 ? 4   TYR A N   1 
ATOM   34   C  CA  . TYR A 1 38  ? -2.301  -15.358 22.462  1.00 27.01 ? 4   TYR A CA  1 
ATOM   35   C  C   . TYR A 1 38  ? -1.545  -15.358 21.132  1.00 28.65 ? 4   TYR A C   1 
ATOM   36   O  O   . TYR A 1 38  ? -1.997  -15.954 20.154  1.00 28.08 ? 4   TYR A O   1 
ATOM   37   C  CB  . TYR A 1 38  ? -3.119  -14.072 22.616  1.00 25.13 ? 4   TYR A CB  1 
ATOM   38   C  CG  . TYR A 1 38  ? -4.159  -13.872 21.523  1.00 30.21 ? 4   TYR A CG  1 
ATOM   39   C  CD1 . TYR A 1 38  ? -5.209  -14.771 21.363  1.00 29.09 ? 4   TYR A CD1 1 
ATOM   40   C  CD2 . TYR A 1 38  ? -4.090  -12.789 20.654  1.00 26.49 ? 4   TYR A CD2 1 
ATOM   41   C  CE1 . TYR A 1 38  ? -6.158  -14.602 20.373  1.00 25.31 ? 4   TYR A CE1 1 
ATOM   42   C  CE2 . TYR A 1 38  ? -5.042  -12.606 19.657  1.00 22.88 ? 4   TYR A CE2 1 
ATOM   43   C  CZ  . TYR A 1 38  ? -6.072  -13.517 19.525  1.00 30.69 ? 4   TYR A CZ  1 
ATOM   44   O  OH  . TYR A 1 38  ? -7.019  -13.350 18.537  1.00 31.09 ? 4   TYR A OH  1 
ATOM   45   N  N   . VAL A 1 39  ? -0.392  -14.696 21.108  1.00 24.21 ? 5   VAL A N   1 
ATOM   46   C  CA  . VAL A 1 39  ? 0.447   -14.671 19.920  1.00 26.65 ? 5   VAL A CA  1 
ATOM   47   C  C   . VAL A 1 39  ? 0.900   -16.076 19.522  1.00 29.03 ? 5   VAL A C   1 
ATOM   48   O  O   . VAL A 1 39  ? 0.854   -16.434 18.342  1.00 28.51 ? 5   VAL A O   1 
ATOM   49   C  CB  . VAL A 1 39  ? 1.682   -13.757 20.105  1.00 24.16 ? 5   VAL A CB  1 
ATOM   50   C  CG1 . VAL A 1 39  ? 2.661   -13.936 18.943  1.00 24.57 ? 5   VAL A CG1 1 
ATOM   51   C  CG2 . VAL A 1 39  ? 1.257   -12.301 20.230  1.00 22.67 ? 5   VAL A CG2 1 
ATOM   52   N  N   . ALA A 1 40  ? 1.348   -16.860 20.504  1.00 26.74 ? 6   ALA A N   1 
ATOM   53   C  CA  . ALA A 1 40  ? 1.787   -18.236 20.266  1.00 27.81 ? 6   ALA A CA  1 
ATOM   54   C  C   . ALA A 1 40  ? 0.643   -19.057 19.693  1.00 25.35 ? 6   ALA A C   1 
ATOM   55   O  O   . ALA A 1 40  ? 0.835   -19.885 18.799  1.00 25.44 ? 6   ALA A O   1 
ATOM   56   C  CB  . ALA A 1 40  ? 2.304   -18.872 21.560  1.00 29.69 ? 6   ALA A CB  1 
ATOM   57   N  N   . ARG A 1 41  ? -0.556  -18.805 20.202  1.00 26.58 ? 7   ARG A N   1 
ATOM   58   C  CA  . ARG A 1 41  ? -1.754  -19.430 19.662  1.00 29.41 ? 7   ARG A CA  1 
ATOM   59   C  C   . ARG A 1 41  ? -1.970  -19.049 18.191  1.00 28.86 ? 7   ARG A C   1 
ATOM   60   O  O   . ARG A 1 41  ? -2.328  -19.897 17.369  1.00 27.72 ? 7   ARG A O   1 
ATOM   61   C  CB  . ARG A 1 41  ? -2.977  -19.064 20.508  1.00 29.12 ? 7   ARG A CB  1 
ATOM   62   C  CG  . ARG A 1 41  ? -4.128  -20.046 20.371  1.00 37.08 ? 7   ARG A CG  1 
ATOM   63   C  CD  . ARG A 1 41  ? -5.342  -19.430 19.698  1.00 40.73 ? 7   ARG A CD  1 
ATOM   64   N  NE  . ARG A 1 41  ? -6.301  -18.934 20.681  1.00 44.81 ? 7   ARG A NE  1 
ATOM   65   C  CZ  . ARG A 1 41  ? -7.570  -18.640 20.410  1.00 54.01 ? 7   ARG A CZ  1 
ATOM   66   N  NH1 . ARG A 1 41  ? -8.043  -18.788 19.177  1.00 48.81 ? 7   ARG A NH1 1 
ATOM   67   N  NH2 . ARG A 1 41  ? -8.370  -18.199 21.376  1.00 52.76 ? 7   ARG A NH2 1 
ATOM   68   N  N   . LEU A 1 42  ? -1.740  -17.779 17.863  1.00 22.13 ? 8   LEU A N   1 
ATOM   69   C  CA  . LEU A 1 42  ? -1.930  -17.293 16.497  1.00 23.89 ? 8   LEU A CA  1 
ATOM   70   C  C   . LEU A 1 42  ? -0.936  -17.964 15.561  1.00 24.53 ? 8   LEU A C   1 
ATOM   71   O  O   . LEU A 1 42  ? -1.266  -18.312 14.430  1.00 24.79 ? 8   LEU A O   1 
ATOM   72   C  CB  . LEU A 1 42  ? -1.770  -15.769 16.420  1.00 24.94 ? 8   LEU A CB  1 
ATOM   73   C  CG  . LEU A 1 42  ? -2.864  -14.909 17.063  1.00 24.50 ? 8   LEU A CG  1 
ATOM   74   C  CD1 . LEU A 1 42  ? -2.583  -13.435 16.828  1.00 20.49 ? 8   LEU A CD1 1 
ATOM   75   C  CD2 . LEU A 1 42  ? -4.249  -15.290 16.525  1.00 26.67 ? 8   LEU A CD2 1 
ATOM   76   N  N   . GLU A 1 43  ? 0.286   -18.141 16.046  1.00 23.80 ? 9   GLU A N   1 
ATOM   77   C  CA  . GLU A 1 43  ? 1.322   -18.809 15.275  1.00 27.72 ? 9   GLU A CA  1 
ATOM   78   C  C   . GLU A 1 43  ? 0.923   -20.248 14.937  1.00 25.45 ? 9   GLU A C   1 
ATOM   79   O  O   . GLU A 1 43  ? 1.176   -20.724 13.834  1.00 30.41 ? 9   GLU A O   1 
ATOM   80   C  CB  . GLU A 1 43  ? 2.654   -18.770 16.032  1.00 28.31 ? 9   GLU A CB  1 
ATOM   81   C  CG  . GLU A 1 43  ? 3.226   -17.368 16.160  1.00 28.86 ? 9   GLU A CG  1 
ATOM   82   C  CD  . GLU A 1 43  ? 4.526   -17.319 16.947  1.00 32.57 ? 9   GLU A CD  1 
ATOM   83   O  OE1 . GLU A 1 43  ? 4.820   -18.280 17.688  1.00 30.88 ? 9   GLU A OE1 1 
ATOM   84   O  OE2 . GLU A 1 43  ? 5.251   -16.306 16.828  1.00 28.67 ? 9   GLU A OE2 1 
ATOM   85   N  N   . LYS A 1 44  ? 0.285   -20.926 15.885  1.00 27.98 ? 10  LYS A N   1 
ATOM   86   C  CA  . LYS A 1 44  ? -0.187  -22.289 15.674  1.00 30.36 ? 10  LYS A CA  1 
ATOM   87   C  C   . LYS A 1 44  ? -1.389  -22.342 14.725  1.00 25.18 ? 10  LYS A C   1 
ATOM   88   O  O   . LYS A 1 44  ? -1.412  -23.140 13.799  1.00 31.80 ? 10  LYS A O   1 
ATOM   89   C  CB  . LYS A 1 44  ? -0.534  -22.950 17.015  1.00 30.63 ? 10  LYS A CB  1 
ATOM   90   C  CG  . LYS A 1 44  ? 0.678   -23.376 17.841  1.00 34.88 ? 10  LYS A CG  1 
ATOM   91   C  CD  . LYS A 1 44  ? 0.255   -23.810 19.240  1.00 43.46 ? 10  LYS A CD  1 
ATOM   92   C  CE  . LYS A 1 44  ? 1.435   -23.866 20.205  1.00 41.15 ? 10  LYS A CE  1 
ATOM   93   N  NZ  . LYS A 1 44  ? 2.332   -25.026 19.935  1.00 49.31 ? 10  LYS A NZ  1 
ATOM   94   N  N   . ASP A 1 45  ? -2.381  -21.489 14.960  1.00 25.02 ? 11  ASP A N   1 
ATOM   95   C  CA  . ASP A 1 45  ? -3.587  -21.462 14.136  1.00 26.31 ? 11  ASP A CA  1 
ATOM   96   C  C   . ASP A 1 45  ? -3.315  -21.055 12.685  1.00 33.85 ? 11  ASP A C   1 
ATOM   97   O  O   . ASP A 1 45  ? -3.826  -21.677 11.753  1.00 31.37 ? 11  ASP A O   1 
ATOM   98   C  CB  . ASP A 1 45  ? -4.623  -20.505 14.727  1.00 27.06 ? 11  ASP A CB  1 
ATOM   99   C  CG  . ASP A 1 45  ? -5.182  -20.981 16.059  1.00 33.42 ? 11  ASP A CG  1 
ATOM   100  O  OD1 . ASP A 1 45  ? -5.007  -22.167 16.408  1.00 32.26 ? 11  ASP A OD1 1 
ATOM   101  O  OD2 . ASP A 1 45  ? -5.805  -20.155 16.756  1.00 33.53 ? 11  ASP A OD2 1 
ATOM   102  N  N   . PHE A 1 46  ? -2.523  -20.003 12.497  1.00 27.17 ? 12  PHE A N   1 
ATOM   103  C  CA  . PHE A 1 46  ? -2.295  -19.454 11.159  1.00 31.80 ? 12  PHE A CA  1 
ATOM   104  C  C   . PHE A 1 46  ? -1.304  -20.254 10.327  1.00 33.99 ? 12  PHE A C   1 
ATOM   105  O  O   . PHE A 1 46  ? -1.326  -20.180 9.099   1.00 36.22 ? 12  PHE A O   1 
ATOM   106  C  CB  . PHE A 1 46  ? -1.815  -18.002 11.224  1.00 27.29 ? 12  PHE A CB  1 
ATOM   107  C  CG  . PHE A 1 46  ? -2.870  -17.031 11.649  1.00 24.73 ? 12  PHE A CG  1 
ATOM   108  C  CD1 . PHE A 1 46  ? -4.209  -17.306 11.436  1.00 28.87 ? 12  PHE A CD1 1 
ATOM   109  C  CD2 . PHE A 1 46  ? -2.523  -15.829 12.232  1.00 21.25 ? 12  PHE A CD2 1 
ATOM   110  C  CE1 . PHE A 1 46  ? -5.185  -16.409 11.827  1.00 27.78 ? 12  PHE A CE1 1 
ATOM   111  C  CE2 . PHE A 1 46  ? -3.489  -14.933 12.618  1.00 23.01 ? 12  PHE A CE2 1 
ATOM   112  C  CZ  . PHE A 1 46  ? -4.823  -15.223 12.421  1.00 26.01 ? 12  PHE A CZ  1 
ATOM   113  N  N   . SER A 1 47  ? -0.423  -21.000 10.985  1.00 32.78 ? 13  SER A N   1 
ATOM   114  C  CA  . SER A 1 47  ? 0.590   -21.768 10.267  1.00 36.54 ? 13  SER A CA  1 
ATOM   115  C  C   . SER A 1 47  ? -0.060  -22.847 9.402   1.00 39.11 ? 13  SER A C   1 
ATOM   116  O  O   . SER A 1 47  ? 0.615   -23.569 8.666   1.00 40.57 ? 13  SER A O   1 
ATOM   117  C  CB  . SER A 1 47  ? 1.609   -22.368 11.239  1.00 35.18 ? 13  SER A CB  1 
ATOM   118  O  OG  . SER A 1 47  ? 0.956   -23.048 12.296  1.00 40.20 ? 13  SER A OG  1 
ATOM   119  N  N   . LEU A 1 48  ? -1.382  -22.937 9.485   1.00 41.83 ? 14  LEU A N   1 
ATOM   120  C  CA  . LEU A 1 48  ? -2.143  -23.848 8.642   1.00 48.31 ? 14  LEU A CA  1 
ATOM   121  C  C   . LEU A 1 48  ? -2.704  -23.106 7.431   1.00 45.66 ? 14  LEU A C   1 
ATOM   122  O  O   . LEU A 1 48  ? -2.581  -21.883 7.330   1.00 43.41 ? 14  LEU A O   1 
ATOM   123  C  CB  . LEU A 1 48  ? -3.273  -24.484 9.449   1.00 46.24 ? 14  LEU A CB  1 
ATOM   124  C  CG  . LEU A 1 48  ? -2.822  -24.922 10.841  1.00 44.35 ? 14  LEU A CG  1 
ATOM   125  C  CD1 . LEU A 1 48  ? -3.987  -25.453 11.664  1.00 46.99 ? 14  LEU A CD1 1 
ATOM   126  C  CD2 . LEU A 1 48  ? -1.711  -25.956 10.730  1.00 48.06 ? 14  LEU A CD2 1 
ATOM   127  N  N   . LYS A 1 54  ? -7.720  -13.735 4.141   1.00 38.18 ? 20  LYS A N   1 
ATOM   128  C  CA  . LYS A 1 54  ? -8.886  -13.163 4.807   1.00 29.42 ? 20  LYS A CA  1 
ATOM   129  C  C   . LYS A 1 54  ? -9.029  -13.680 6.238   1.00 22.74 ? 20  LYS A C   1 
ATOM   130  O  O   . LYS A 1 54  ? -9.651  -13.038 7.074   1.00 25.39 ? 20  LYS A O   1 
ATOM   131  C  CB  . LYS A 1 54  ? -10.162 -13.441 4.008   1.00 31.05 ? 20  LYS A CB  1 
ATOM   132  N  N   . GLU A 1 55  ? -8.447  -14.841 6.516   1.00 25.21 ? 21  GLU A N   1 
ATOM   133  C  CA  . GLU A 1 55  ? -8.481  -15.391 7.864   1.00 24.23 ? 21  GLU A CA  1 
ATOM   134  C  C   . GLU A 1 55  ? -7.671  -14.513 8.826   1.00 25.47 ? 21  GLU A C   1 
ATOM   135  O  O   . GLU A 1 55  ? -8.108  -14.239 9.944   1.00 20.78 ? 21  GLU A O   1 
ATOM   136  C  CB  . GLU A 1 55  ? -7.960  -16.831 7.880   1.00 31.06 ? 21  GLU A CB  1 
ATOM   137  N  N   . GLU A 1 56  ? -6.499  -14.068 8.385   1.00 21.67 ? 22  GLU A N   1 
ATOM   138  C  CA  . GLU A 1 56  ? -5.692  -13.165 9.203   1.00 22.52 ? 22  GLU A CA  1 
ATOM   139  C  C   . GLU A 1 56  ? -6.376  -11.812 9.317   1.00 18.97 ? 22  GLU A C   1 
ATOM   140  O  O   . GLU A 1 56  ? -6.466  -11.239 10.400  1.00 17.32 ? 22  GLU A O   1 
ATOM   141  C  CB  . GLU A 1 56  ? -4.281  -13.005 8.632   1.00 20.38 ? 22  GLU A CB  1 
ATOM   142  C  CG  . GLU A 1 56  ? -3.453  -14.281 8.679   1.00 20.40 ? 22  GLU A CG  1 
ATOM   143  C  CD  . GLU A 1 56  ? -3.613  -15.125 7.424   1.00 27.55 ? 22  GLU A CD  1 
ATOM   144  O  OE1 . GLU A 1 56  ? -4.604  -14.935 6.676   1.00 26.24 ? 22  GLU A OE1 1 
ATOM   145  O  OE2 . GLU A 1 56  ? -2.736  -15.979 7.185   1.00 28.79 ? 22  GLU A OE2 1 
ATOM   146  N  N   . GLU A 1 57  ? -6.875  -11.314 8.195   1.00 17.21 ? 23  GLU A N   1 
ATOM   147  C  CA  . GLU A 1 57  ? -7.605  -10.055 8.186   1.00 20.81 ? 23  GLU A CA  1 
ATOM   148  C  C   . GLU A 1 57  ? -8.848  -10.070 9.091   1.00 22.28 ? 23  GLU A C   1 
ATOM   149  O  O   . GLU A 1 57  ? -9.131  -9.093  9.791   1.00 22.54 ? 23  GLU A O   1 
ATOM   150  C  CB  . GLU A 1 57  ? -8.016  -9.711  6.764   1.00 21.53 ? 23  GLU A CB  1 
ATOM   151  C  CG  . GLU A 1 57  ? -8.734  -8.393  6.640   1.00 21.81 ? 23  GLU A CG  1 
ATOM   152  C  CD  . GLU A 1 57  ? -9.150  -8.122  5.218   1.00 25.50 ? 23  GLU A CD  1 
ATOM   153  O  OE1 . GLU A 1 57  ? -9.390  -9.104  4.484   1.00 35.80 ? 23  GLU A OE1 1 
ATOM   154  O  OE2 . GLU A 1 57  ? -9.233  -6.937  4.834   1.00 27.50 ? 23  GLU A OE2 1 
ATOM   155  N  N   . GLN A 1 58  ? -9.584  -11.174 9.076   1.00 22.32 ? 24  GLN A N   1 
ATOM   156  C  CA  . GLN A 1 58  ? -10.835 -11.265 9.835   1.00 24.77 ? 24  GLN A CA  1 
ATOM   157  C  C   . GLN A 1 58  ? -10.592 -11.340 11.335  1.00 20.31 ? 24  GLN A C   1 
ATOM   158  O  O   . GLN A 1 58  ? -11.321 -10.749 12.127  1.00 23.06 ? 24  GLN A O   1 
ATOM   159  C  CB  . GLN A 1 58  ? -11.675 -12.460 9.365   1.00 26.24 ? 24  GLN A CB  1 
ATOM   160  C  CG  . GLN A 1 58  ? -12.318 -12.254 8.006   1.00 33.48 ? 24  GLN A CG  1 
ATOM   161  C  CD  . GLN A 1 58  ? -13.315 -13.347 7.657   1.00 44.31 ? 24  GLN A CD  1 
ATOM   162  O  OE1 . GLN A 1 58  ? -13.096 -14.527 7.949   1.00 44.07 ? 24  GLN A OE1 1 
ATOM   163  N  NE2 . GLN A 1 58  ? -14.416 -12.958 7.018   1.00 42.81 ? 24  GLN A NE2 1 
ATOM   164  N  N   . ARG A 1 59  ? -9.563  -12.074 11.725  1.00 21.21 ? 25  ARG A N   1 
ATOM   165  C  CA  . ARG A 1 59  ? -9.177  -12.124 13.121  1.00 22.49 ? 25  ARG A CA  1 
ATOM   166  C  C   . ARG A 1 59  ? -8.710  -10.749 13.600  1.00 21.60 ? 25  ARG A C   1 
ATOM   167  O  O   . ARG A 1 59  ? -9.041  -10.327 14.705  1.00 22.32 ? 25  ARG A O   1 
ATOM   168  C  CB  . ARG A 1 59  ? -8.068  -13.148 13.326  1.00 20.72 ? 25  ARG A CB  1 
ATOM   169  C  CG  . ARG A 1 59  ? -7.823  -13.506 14.773  1.00 31.63 ? 25  ARG A CG  1 
ATOM   170  C  CD  . ARG A 1 59  ? -8.813  -14.554 15.266  1.00 37.41 ? 25  ARG A CD  1 
ATOM   171  N  NE  . ARG A 1 59  ? -8.114  -15.629 15.965  1.00 39.19 ? 25  ARG A NE  1 
ATOM   172  C  CZ  . ARG A 1 59  ? -7.719  -16.760 15.382  1.00 42.99 ? 25  ARG A CZ  1 
ATOM   173  N  NH1 . ARG A 1 59  ? -7.973  -16.967 14.095  1.00 39.85 ? 25  ARG A NH1 1 
ATOM   174  N  NH2 . ARG A 1 59  ? -7.082  -17.688 16.085  1.00 44.35 ? 25  ARG A NH2 1 
ATOM   175  N  N   . ALA A 1 60  ? -7.931  -10.063 12.771  1.00 19.98 ? 26  ALA A N   1 
ATOM   176  C  CA  . ALA A 1 60  ? -7.419  -8.737  13.126  1.00 22.23 ? 26  ALA A CA  1 
ATOM   177  C  C   . ALA A 1 60  ? -8.567  -7.750  13.337  1.00 20.72 ? 26  ALA A C   1 
ATOM   178  O  O   . ALA A 1 60  ? -8.616  -7.049  14.347  1.00 20.78 ? 26  ALA A O   1 
ATOM   179  C  CB  . ALA A 1 60  ? -6.451  -8.223  12.055  1.00 15.32 ? 26  ALA A CB  1 
ATOM   180  N  N   . LEU A 1 61  ? -9.484  -7.710  12.373  1.00 19.69 ? 27  LEU A N   1 
ATOM   181  C  CA  . LEU A 1 61  ? -10.680 -6.881  12.457  1.00 25.09 ? 27  LEU A CA  1 
ATOM   182  C  C   . LEU A 1 61  ? -11.463 -7.182  13.741  1.00 23.63 ? 27  LEU A C   1 
ATOM   183  O  O   . LEU A 1 61  ? -11.831 -6.275  14.488  1.00 22.82 ? 27  LEU A O   1 
ATOM   184  C  CB  . LEU A 1 61  ? -11.577 -7.135  11.241  1.00 25.34 ? 27  LEU A CB  1 
ATOM   185  C  CG  . LEU A 1 61  ? -12.233 -5.924  10.572  1.00 34.61 ? 27  LEU A CG  1 
ATOM   186  C  CD1 . LEU A 1 61  ? -13.628 -6.287  10.068  1.00 38.66 ? 27  LEU A CD1 1 
ATOM   187  C  CD2 . LEU A 1 61  ? -12.305 -4.752  11.520  1.00 30.11 ? 27  LEU A CD2 1 
ATOM   188  N  N   . THR A 1 62  ? -11.713 -8.462  13.989  1.00 24.98 ? 28  THR A N   1 
ATOM   189  C  CA  . THR A 1 62  ? -12.429 -8.878  15.190  1.00 25.18 ? 28  THR A CA  1 
ATOM   190  C  C   . THR A 1 62  ? -11.714 -8.399  16.454  1.00 26.16 ? 28  THR A C   1 
ATOM   191  O  O   . THR A 1 62  ? -12.323 -7.800  17.338  1.00 25.91 ? 28  THR A O   1 
ATOM   192  C  CB  . THR A 1 62  ? -12.597 -10.414 15.247  1.00 25.35 ? 28  THR A CB  1 
ATOM   193  O  OG1 . THR A 1 62  ? -13.513 -10.837 14.229  1.00 23.62 ? 28  THR A OG1 1 
ATOM   194  C  CG2 . THR A 1 62  ? -13.138 -10.844 16.606  1.00 24.58 ? 28  THR A CG2 1 
ATOM   195  N  N   . ASP A 1 63  ? -10.416 -8.665  16.531  1.00 26.89 ? 29  ASP A N   1 
ATOM   196  C  CA  . ASP A 1 63  ? -9.629  -8.263  17.689  1.00 22.94 ? 29  ASP A CA  1 
ATOM   197  C  C   . ASP A 1 63  ? -9.599  -6.751  17.864  1.00 22.18 ? 29  ASP A C   1 
ATOM   198  O  O   . ASP A 1 63  ? -9.661  -6.244  18.986  1.00 24.18 ? 29  ASP A O   1 
ATOM   199  C  CB  . ASP A 1 63  ? -8.216  -8.838  17.602  1.00 22.60 ? 29  ASP A CB  1 
ATOM   200  C  CG  . ASP A 1 63  ? -8.196  -10.340 17.819  1.00 28.31 ? 29  ASP A CG  1 
ATOM   201  O  OD1 . ASP A 1 63  ? -9.253  -10.891 18.200  1.00 27.09 ? 29  ASP A OD1 1 
ATOM   202  O  OD2 . ASP A 1 63  ? -7.137  -10.966 17.608  1.00 24.46 ? 29  ASP A OD2 1 
ATOM   203  N  N   . TYR A 1 64  ? -9.512  -6.032  16.752  1.00 22.21 ? 30  TYR A N   1 
ATOM   204  C  CA  . TYR A 1 64  ? -9.501  -4.575  16.788  1.00 23.00 ? 30  TYR A CA  1 
ATOM   205  C  C   . TYR A 1 64  ? -10.822 -4.031  17.300  1.00 22.90 ? 30  TYR A C   1 
ATOM   206  O  O   . TYR A 1 64  ? -10.845 -3.095  18.094  1.00 23.54 ? 30  TYR A O   1 
ATOM   207  C  CB  . TYR A 1 64  ? -9.221  -4.012  15.400  1.00 22.82 ? 30  TYR A CB  1 
ATOM   208  C  CG  . TYR A 1 64  ? -9.453  -2.522  15.285  1.00 21.66 ? 30  TYR A CG  1 
ATOM   209  C  CD1 . TYR A 1 64  ? -8.565  -1.616  15.845  1.00 19.48 ? 30  TYR A CD1 1 
ATOM   210  C  CD2 . TYR A 1 64  ? -10.554 -2.025  14.605  1.00 23.17 ? 30  TYR A CD2 1 
ATOM   211  C  CE1 . TYR A 1 64  ? -8.768  -0.252  15.729  1.00 22.54 ? 30  TYR A CE1 1 
ATOM   212  C  CE2 . TYR A 1 64  ? -10.767 -0.666  14.485  1.00 24.81 ? 30  TYR A CE2 1 
ATOM   213  C  CZ  . TYR A 1 64  ? -9.871  0.217   15.047  1.00 23.60 ? 30  TYR A CZ  1 
ATOM   214  O  OH  . TYR A 1 64  ? -10.088 1.570   14.922  1.00 27.99 ? 30  TYR A OH  1 
ATOM   215  N  N   . LYS A 1 65  ? -11.916 -4.629  16.835  1.00 24.79 ? 31  LYS A N   1 
ATOM   216  C  CA  . LYS A 1 65  ? -13.266 -4.239  17.238  1.00 26.85 ? 31  LYS A CA  1 
ATOM   217  C  C   . LYS A 1 65  ? -13.616 -4.652  18.660  1.00 28.85 ? 31  LYS A C   1 
ATOM   218  O  O   . LYS A 1 65  ? -14.576 -4.145  19.237  1.00 24.76 ? 31  LYS A O   1 
ATOM   219  C  CB  . LYS A 1 65  ? -14.297 -4.863  16.300  1.00 30.45 ? 31  LYS A CB  1 
ATOM   220  C  CG  . LYS A 1 65  ? -14.970 -3.905  15.344  1.00 35.44 ? 31  LYS A CG  1 
ATOM   221  C  CD  . LYS A 1 65  ? -14.072 -3.505  14.200  1.00 37.41 ? 31  LYS A CD  1 
ATOM   222  C  CE  . LYS A 1 65  ? -14.919 -3.032  13.020  1.00 48.65 ? 31  LYS A CE  1 
ATOM   223  N  NZ  . LYS A 1 65  ? -14.148 -2.188  12.061  1.00 52.13 ? 31  LYS A NZ  1 
ATOM   224  N  N   . SER A 1 66  ? -12.851 -5.579  19.224  1.00 26.29 ? 32  SER A N   1 
ATOM   225  C  CA  . SER A 1 66  ? -13.232 -6.176  20.498  1.00 26.97 ? 32  SER A CA  1 
ATOM   226  C  C   . SER A 1 66  ? -12.452 -5.641  21.691  1.00 29.61 ? 32  SER A C   1 
ATOM   227  O  O   . SER A 1 66  ? -12.784 -5.939  22.835  1.00 28.52 ? 32  SER A O   1 
ATOM   228  C  CB  . SER A 1 66  ? -13.082 -7.695  20.432  1.00 26.15 ? 32  SER A CB  1 
ATOM   229  O  OG  . SER A 1 66  ? -13.889 -8.224  19.397  1.00 35.61 ? 32  SER A OG  1 
ATOM   230  N  N   . ASN A 1 67  ? -11.410 -4.863  21.423  1.00 28.24 ? 33  ASN A N   1 
ATOM   231  C  CA  . ASN A 1 67  ? -10.563 -4.364  22.490  1.00 24.56 ? 33  ASN A CA  1 
ATOM   232  C  C   . ASN A 1 67  ? -10.247 -2.884  22.331  1.00 22.79 ? 33  ASN A C   1 
ATOM   233  O  O   . ASN A 1 67  ? -10.387 -2.328  21.246  1.00 23.94 ? 33  ASN A O   1 
ATOM   234  C  CB  . ASN A 1 67  ? -9.280  -5.185  22.561  1.00 26.53 ? 33  ASN A CB  1 
ATOM   235  C  CG  . ASN A 1 67  ? -9.541  -6.658  22.821  1.00 25.33 ? 33  ASN A CG  1 
ATOM   236  O  OD1 . ASN A 1 67  ? -9.415  -7.128  23.955  1.00 25.45 ? 33  ASN A OD1 1 
ATOM   237  N  ND2 . ASN A 1 67  ? -9.908  -7.398  21.771  1.00 25.57 ? 33  ASN A ND2 1 
ATOM   238  N  N   . ASP A 1 68  ? -9.830  -2.237  23.415  1.00 22.47 ? 34  ASP A N   1 
ATOM   239  C  CA  . ASP A 1 68  ? -9.444  -0.834  23.334  1.00 24.95 ? 34  ASP A CA  1 
ATOM   240  C  C   . ASP A 1 68  ? -8.128  -0.667  22.546  1.00 22.96 ? 34  ASP A C   1 
ATOM   241  O  O   . ASP A 1 68  ? -7.273  -1.557  22.550  1.00 19.51 ? 34  ASP A O   1 
ATOM   242  C  CB  . ASP A 1 68  ? -9.343  -0.207  24.733  1.00 25.13 ? 34  ASP A CB  1 
ATOM   243  C  CG  . ASP A 1 68  ? -8.631  1.130   24.716  1.00 24.12 ? 34  ASP A CG  1 
ATOM   244  O  OD1 . ASP A 1 68  ? -9.253  2.157   24.366  1.00 29.92 ? 34  ASP A OD1 1 
ATOM   245  O  OD2 . ASP A 1 68  ? -7.433  1.148   25.039  1.00 26.18 ? 34  ASP A OD2 1 
ATOM   246  N  N   . GLY A 1 69  ? -7.984  0.473   21.876  1.00 18.60 ? 35  GLY A N   1 
ATOM   247  C  CA  . GLY A 1 69  ? -6.840  0.729   21.016  1.00 20.99 ? 35  GLY A CA  1 
ATOM   248  C  C   . GLY A 1 69  ? -5.481  0.664   21.698  1.00 22.86 ? 35  GLY A C   1 
ATOM   249  O  O   . GLY A 1 69  ? -4.504  0.227   21.092  1.00 23.96 ? 35  GLY A O   1 
ATOM   250  N  N   . GLU A 1 70  ? -5.412  1.111   22.949  1.00 21.88 ? 36  GLU A N   1 
ATOM   251  C  CA  . GLU A 1 70  ? -4.162  1.107   23.705  1.00 22.47 ? 36  GLU A CA  1 
ATOM   252  C  C   . GLU A 1 70  ? -3.639  -0.322  23.832  1.00 22.30 ? 36  GLU A C   1 
ATOM   253  O  O   . GLU A 1 70  ? -2.456  -0.591  23.626  1.00 17.27 ? 36  GLU A O   1 
ATOM   254  C  CB  . GLU A 1 70  ? -4.374  1.736   25.098  1.00 27.06 ? 36  GLU A CB  1 
ATOM   255  C  CG  . GLU A 1 70  ? -3.266  1.417   26.101  1.00 32.40 ? 36  GLU A CG  1 
ATOM   256  C  CD  . GLU A 1 70  ? -3.420  2.140   27.441  1.00 40.42 ? 36  GLU A CD  1 
ATOM   257  O  OE1 . GLU A 1 70  ? -4.491  2.743   27.705  1.00 35.72 ? 36  GLU A OE1 1 
ATOM   258  O  OE2 . GLU A 1 70  ? -2.453  2.102   28.236  1.00 38.79 ? 36  GLU A OE2 1 
ATOM   259  N  N   . TYR A 1 71  ? -4.547  -1.235  24.162  1.00 23.01 ? 37  TYR A N   1 
ATOM   260  C  CA  . TYR A 1 71  ? -4.223  -2.646  24.283  1.00 20.88 ? 37  TYR A CA  1 
ATOM   261  C  C   . TYR A 1 71  ? -3.831  -3.277  22.938  1.00 21.97 ? 37  TYR A C   1 
ATOM   262  O  O   . TYR A 1 71  ? -2.815  -3.970  22.838  1.00 21.26 ? 37  TYR A O   1 
ATOM   263  C  CB  . TYR A 1 71  ? -5.415  -3.396  24.888  1.00 21.83 ? 37  TYR A CB  1 
ATOM   264  C  CG  . TYR A 1 71  ? -5.152  -4.865  25.084  1.00 21.87 ? 37  TYR A CG  1 
ATOM   265  C  CD1 . TYR A 1 71  ? -4.517  -5.324  26.231  1.00 27.90 ? 37  TYR A CD1 1 
ATOM   266  C  CD2 . TYR A 1 71  ? -5.515  -5.791  24.114  1.00 21.81 ? 37  TYR A CD2 1 
ATOM   267  C  CE1 . TYR A 1 71  ? -4.264  -6.672  26.418  1.00 32.65 ? 37  TYR A CE1 1 
ATOM   268  C  CE2 . TYR A 1 71  ? -5.262  -7.143  24.286  1.00 26.98 ? 37  TYR A CE2 1 
ATOM   269  C  CZ  . TYR A 1 71  ? -4.633  -7.576  25.442  1.00 32.62 ? 37  TYR A CZ  1 
ATOM   270  O  OH  . TYR A 1 71  ? -4.371  -8.914  25.631  1.00 40.15 ? 37  TYR A OH  1 
ATOM   271  N  N   . ILE A 1 72  ? -4.636  -3.036  21.908  1.00 19.84 ? 38  ILE A N   1 
ATOM   272  C  CA  . ILE A 1 72  ? -4.394  -3.641  20.601  1.00 19.89 ? 38  ILE A CA  1 
ATOM   273  C  C   . ILE A 1 72  ? -3.074  -3.199  19.956  1.00 18.26 ? 38  ILE A C   1 
ATOM   274  O  O   . ILE A 1 72  ? -2.448  -3.974  19.236  1.00 20.41 ? 38  ILE A O   1 
ATOM   275  C  CB  . ILE A 1 72  ? -5.591  -3.424  19.645  1.00 24.28 ? 38  ILE A CB  1 
ATOM   276  C  CG1 . ILE A 1 72  ? -6.758  -4.307  20.084  1.00 24.02 ? 38  ILE A CG1 1 
ATOM   277  C  CG2 . ILE A 1 72  ? -5.212  -3.755  18.194  1.00 18.51 ? 38  ILE A CG2 1 
ATOM   278  C  CD1 . ILE A 1 72  ? -6.400  -5.789  20.143  1.00 24.10 ? 38  ILE A CD1 1 
ATOM   279  N  N   . LYS A 1 73  ? -2.646  -1.969  20.228  1.00 17.34 ? 39  LYS A N   1 
ATOM   280  C  CA  . LYS A 1 73  ? -1.359  -1.478  19.739  1.00 17.68 ? 39  LYS A CA  1 
ATOM   281  C  C   . LYS A 1 73  ? -0.204  -2.308  20.280  1.00 18.82 ? 39  LYS A C   1 
ATOM   282  O  O   . LYS A 1 73  ? 0.751   -2.611  19.558  1.00 17.14 ? 39  LYS A O   1 
ATOM   283  C  CB  . LYS A 1 73  ? -1.149  -0.011  20.134  1.00 20.74 ? 39  LYS A CB  1 
ATOM   284  C  CG  . LYS A 1 73  ? -1.988  0.967   19.343  1.00 22.12 ? 39  LYS A CG  1 
ATOM   285  C  CD  . LYS A 1 73  ? -1.926  2.366   19.936  1.00 20.74 ? 39  LYS A CD  1 
ATOM   286  C  CE  . LYS A 1 73  ? -3.030  3.244   19.340  1.00 18.52 ? 39  LYS A CE  1 
ATOM   287  N  NZ  . LYS A 1 73  ? -2.857  4.662   19.751  1.00 19.86 ? 39  LYS A NZ  1 
ATOM   288  N  N   . LYS A 1 74  ? -0.284  -2.646  21.565  1.00 17.88 ? 40  LYS A N   1 
ATOM   289  C  CA  . LYS A 1 74  ? 0.724   -3.485  22.204  1.00 18.03 ? 40  LYS A CA  1 
ATOM   290  C  C   . LYS A 1 74  ? 0.690   -4.886  21.614  1.00 17.18 ? 40  LYS A C   1 
ATOM   291  O  O   . LYS A 1 74  ? 1.731   -5.498  21.380  1.00 15.08 ? 40  LYS A O   1 
ATOM   292  C  CB  . LYS A 1 74  ? 0.476   -3.561  23.714  1.00 20.39 ? 40  LYS A CB  1 
ATOM   293  C  CG  . LYS A 1 74  ? 0.471   -2.217  24.422  1.00 21.52 ? 40  LYS A CG  1 
ATOM   294  C  CD  . LYS A 1 74  ? 0.117   -2.376  25.896  1.00 24.81 ? 40  LYS A CD  1 
ATOM   295  C  CE  . LYS A 1 74  ? -0.105  -1.028  26.554  1.00 21.86 ? 40  LYS A CE  1 
ATOM   296  N  NZ  . LYS A 1 74  ? -0.026  -1.131  28.028  1.00 37.72 ? 40  LYS A NZ  1 
ATOM   297  N  N   . LEU A 1 75  ? -0.516  -5.399  21.385  1.00 15.35 ? 41  LEU A N   1 
ATOM   298  C  CA  . LEU A 1 75  ? -0.665  -6.698  20.754  1.00 19.26 ? 41  LEU A CA  1 
ATOM   299  C  C   . LEU A 1 75  ? -0.053  -6.675  19.342  1.00 15.23 ? 41  LEU A C   1 
ATOM   300  O  O   . LEU A 1 75  ? 0.668   -7.585  18.961  1.00 14.27 ? 41  LEU A O   1 
ATOM   301  C  CB  . LEU A 1 75  ? -2.144  -7.107  20.696  1.00 19.07 ? 41  LEU A CB  1 
ATOM   302  C  CG  . LEU A 1 75  ? -2.427  -8.516  20.166  1.00 20.77 ? 41  LEU A CG  1 
ATOM   303  C  CD1 . LEU A 1 75  ? -1.748  -9.571  21.048  1.00 18.65 ? 41  LEU A CD1 1 
ATOM   304  C  CD2 . LEU A 1 75  ? -3.933  -8.769  20.072  1.00 21.10 ? 41  LEU A CD2 1 
ATOM   305  N  N   . ALA A 1 76  ? -0.335  -5.618  18.588  1.00 14.13 ? 42  ALA A N   1 
ATOM   306  C  CA  . ALA A 1 76  ? 0.127   -5.518  17.204  1.00 17.96 ? 42  ALA A CA  1 
ATOM   307  C  C   . ALA A 1 76  ? 1.654   -5.566  17.084  1.00 14.87 ? 42  ALA A C   1 
ATOM   308  O  O   . ALA A 1 76  ? 2.193   -6.285  16.245  1.00 14.38 ? 42  ALA A O   1 
ATOM   309  C  CB  . ALA A 1 76  ? -0.429  -4.254  16.539  1.00 14.20 ? 42  ALA A CB  1 
ATOM   310  N  N   . PHE A 1 77  ? 2.346   -4.796  17.914  1.00 13.96 ? 43  PHE A N   1 
ATOM   311  C  CA  . PHE A 1 77  ? 3.808   -4.852  17.933  1.00 16.21 ? 43  PHE A CA  1 
ATOM   312  C  C   . PHE A 1 77  ? 4.366   -6.202  18.374  1.00 15.90 ? 43  PHE A C   1 
ATOM   313  O  O   . PHE A 1 77  ? 5.376   -6.663  17.845  1.00 16.96 ? 43  PHE A O   1 
ATOM   314  C  CB  . PHE A 1 77  ? 4.382   -3.732  18.798  1.00 16.64 ? 43  PHE A CB  1 
ATOM   315  C  CG  . PHE A 1 77  ? 4.331   -2.400  18.135  1.00 15.41 ? 43  PHE A CG  1 
ATOM   316  C  CD1 . PHE A 1 77  ? 5.141   -2.132  17.047  1.00 14.29 ? 43  PHE A CD1 1 
ATOM   317  C  CD2 . PHE A 1 77  ? 3.451   -1.429  18.575  1.00 18.27 ? 43  PHE A CD2 1 
ATOM   318  C  CE1 . PHE A 1 77  ? 5.091   -0.911  16.413  1.00 15.63 ? 43  PHE A CE1 1 
ATOM   319  C  CE2 . PHE A 1 77  ? 3.392   -0.198  17.947  1.00 21.88 ? 43  PHE A CE2 1 
ATOM   320  C  CZ  . PHE A 1 77  ? 4.218   0.061   16.865  1.00 20.73 ? 43  PHE A CZ  1 
ATOM   321  N  N   . LEU A 1 78  ? 3.727   -6.830  19.352  1.00 15.97 ? 44  LEU A N   1 
ATOM   322  C  CA  . LEU A 1 78  ? 4.180   -8.142  19.790  1.00 18.40 ? 44  LEU A CA  1 
ATOM   323  C  C   . LEU A 1 78  ? 4.012   -9.138  18.641  1.00 18.80 ? 44  LEU A C   1 
ATOM   324  O  O   . LEU A 1 78  ? 4.934   -9.876  18.296  1.00 19.70 ? 44  LEU A O   1 
ATOM   325  C  CB  . LEU A 1 78  ? 3.401   -8.615  21.019  1.00 19.95 ? 44  LEU A CB  1 
ATOM   326  C  CG  . LEU A 1 78  ? 3.865   -9.979  21.540  1.00 25.51 ? 44  LEU A CG  1 
ATOM   327  C  CD1 . LEU A 1 78  ? 5.366   -9.934  21.807  1.00 19.84 ? 44  LEU A CD1 1 
ATOM   328  C  CD2 . LEU A 1 78  ? 3.080   -10.415 22.784  1.00 19.50 ? 44  LEU A CD2 1 
ATOM   329  N  N   . ALA A 1 79  ? 2.833   -9.137  18.037  1.00 16.49 ? 45  ALA A N   1 
ATOM   330  C  CA  . ALA A 1 79  ? 2.566   -10.056 16.944  1.00 19.33 ? 45  ALA A CA  1 
ATOM   331  C  C   . ALA A 1 79  ? 3.449   -9.748  15.736  1.00 19.50 ? 45  ALA A C   1 
ATOM   332  O  O   . ALA A 1 79  ? 3.768   -10.644 14.954  1.00 18.27 ? 45  ALA A O   1 
ATOM   333  C  CB  . ALA A 1 79  ? 1.091   -10.026 16.563  1.00 18.62 ? 45  ALA A CB  1 
ATOM   334  N  N   . TYR A 1 80  ? 3.865   -8.495  15.579  1.00 18.96 ? 46  TYR A N   1 
ATOM   335  C  CA  . TYR A 1 80  ? 4.693   -8.178  14.423  1.00 17.37 ? 46  TYR A CA  1 
ATOM   336  C  C   . TYR A 1 80  ? 6.114   -8.720  14.569  1.00 17.95 ? 46  TYR A C   1 
ATOM   337  O  O   . TYR A 1 80  ? 6.846   -8.824  13.592  1.00 19.35 ? 46  TYR A O   1 
ATOM   338  C  CB  . TYR A 1 80  ? 4.706   -6.687  14.063  1.00 16.95 ? 46  TYR A CB  1 
ATOM   339  C  CG  . TYR A 1 80  ? 5.467   -6.487  12.776  1.00 16.17 ? 46  TYR A CG  1 
ATOM   340  C  CD1 . TYR A 1 80  ? 4.940   -6.932  11.577  1.00 15.58 ? 46  TYR A CD1 1 
ATOM   341  C  CD2 . TYR A 1 80  ? 6.744   -5.941  12.770  1.00 16.50 ? 46  TYR A CD2 1 
ATOM   342  C  CE1 . TYR A 1 80  ? 5.635   -6.802  10.405  1.00 15.76 ? 46  TYR A CE1 1 
ATOM   343  C  CE2 . TYR A 1 80  ? 7.460   -5.810  11.592  1.00 14.73 ? 46  TYR A CE2 1 
ATOM   344  C  CZ  . TYR A 1 80  ? 6.896   -6.247  10.410  1.00 17.42 ? 46  TYR A CZ  1 
ATOM   345  O  OH  . TYR A 1 80  ? 7.574   -6.131  9.220   1.00 14.16 ? 46  TYR A OH  1 
ATOM   346  N  N   . GLN A 1 81  ? 6.492   -9.092  15.783  1.00 18.99 ? 47  GLN A N   1 
ATOM   347  C  CA  . GLN A 1 81  ? 7.800   -9.694  15.989  1.00 20.17 ? 47  GLN A CA  1 
ATOM   348  C  C   . GLN A 1 81  ? 7.819   -11.200 15.745  1.00 22.20 ? 47  GLN A C   1 
ATOM   349  O  O   . GLN A 1 81  ? 8.877   -11.817 15.753  1.00 21.10 ? 47  GLN A O   1 
ATOM   350  C  CB  . GLN A 1 81  ? 8.358   -9.344  17.372  1.00 23.98 ? 47  GLN A CB  1 
ATOM   351  C  CG  . GLN A 1 81  ? 8.904   -7.921  17.424  1.00 25.23 ? 47  GLN A CG  1 
ATOM   352  C  CD  . GLN A 1 81  ? 9.772   -7.590  16.210  1.00 25.06 ? 47  GLN A CD  1 
ATOM   353  O  OE1 . GLN A 1 81  ? 10.781  -8.250  15.954  1.00 33.78 ? 47  GLN A OE1 1 
ATOM   354  N  NE2 . GLN A 1 81  ? 9.381   -6.573  15.463  1.00 21.74 ? 47  GLN A NE2 1 
ATOM   355  N  N   . SER A 1 82  ? 6.656   -11.790 15.494  1.00 21.97 ? 48  SER A N   1 
ATOM   356  C  CA  . SER A 1 82  ? 6.605   -13.217 15.204  1.00 23.29 ? 48  SER A CA  1 
ATOM   357  C  C   . SER A 1 82  ? 7.400   -13.591 13.946  1.00 23.79 ? 48  SER A C   1 
ATOM   358  O  O   . SER A 1 82  ? 7.430   -12.847 12.964  1.00 19.11 ? 48  SER A O   1 
ATOM   359  C  CB  . SER A 1 82  ? 5.163   -13.689 15.051  1.00 21.08 ? 48  SER A CB  1 
ATOM   360  O  OG  . SER A 1 82  ? 5.136   -14.997 14.499  1.00 22.20 ? 48  SER A OG  1 
ATOM   361  N  N   . ASP A 1 83  ? 8.041   -14.756 13.977  1.00 22.89 ? 49  ASP A N   1 
ATOM   362  C  CA  . ASP A 1 83  ? 8.735   -15.244 12.798  1.00 24.39 ? 49  ASP A CA  1 
ATOM   363  C  C   . ASP A 1 83  ? 7.779   -15.929 11.820  1.00 22.41 ? 49  ASP A C   1 
ATOM   364  O  O   . ASP A 1 83  ? 8.181   -16.320 10.729  1.00 22.92 ? 49  ASP A O   1 
ATOM   365  C  CB  . ASP A 1 83  ? 9.916   -16.151 13.169  1.00 24.89 ? 49  ASP A CB  1 
ATOM   366  C  CG  . ASP A 1 83  ? 9.509   -17.345 14.009  1.00 33.05 ? 49  ASP A CG  1 
ATOM   367  O  OD1 . ASP A 1 83  ? 8.298   -17.538 14.256  1.00 33.26 ? 49  ASP A OD1 1 
ATOM   368  O  OD2 . ASP A 1 83  ? 10.415  -18.098 14.430  1.00 38.99 ? 49  ASP A OD2 1 
ATOM   369  N  N   . VAL A 1 84  ? 6.516   -16.053 12.214  1.00 18.03 ? 50  VAL A N   1 
ATOM   370  C  CA  . VAL A 1 84  ? 5.486   -16.640 11.360  1.00 20.36 ? 50  VAL A CA  1 
ATOM   371  C  C   . VAL A 1 84  ? 4.831   -15.548 10.520  1.00 21.31 ? 50  VAL A C   1 
ATOM   372  O  O   . VAL A 1 84  ? 4.142   -14.677 11.050  1.00 17.51 ? 50  VAL A O   1 
ATOM   373  C  CB  . VAL A 1 84  ? 4.407   -17.374 12.197  1.00 22.34 ? 50  VAL A CB  1 
ATOM   374  C  CG1 . VAL A 1 84  ? 3.323   -17.960 11.302  1.00 19.82 ? 50  VAL A CG1 1 
ATOM   375  C  CG2 . VAL A 1 84  ? 5.036   -18.469 13.036  1.00 23.52 ? 50  VAL A CG2 1 
ATOM   376  N  N   . TYR A 1 85  ? 5.045   -15.589 9.209   1.00 17.63 ? 51  TYR A N   1 
ATOM   377  C  CA  . TYR A 1 85  ? 4.633   -14.476 8.365   1.00 19.25 ? 51  TYR A CA  1 
ATOM   378  C  C   . TYR A 1 85  ? 3.120   -14.197 8.411   1.00 19.94 ? 51  TYR A C   1 
ATOM   379  O  O   . TYR A 1 85  ? 2.699   -13.046 8.276   1.00 19.09 ? 51  TYR A O   1 
ATOM   380  C  CB  . TYR A 1 85  ? 5.147   -14.642 6.931   1.00 20.01 ? 51  TYR A CB  1 
ATOM   381  C  CG  . TYR A 1 85  ? 4.349   -15.607 6.103   1.00 22.56 ? 51  TYR A CG  1 
ATOM   382  C  CD1 . TYR A 1 85  ? 3.159   -15.217 5.508   1.00 22.83 ? 51  TYR A CD1 1 
ATOM   383  C  CD2 . TYR A 1 85  ? 4.783   -16.915 5.920   1.00 23.57 ? 51  TYR A CD2 1 
ATOM   384  C  CE1 . TYR A 1 85  ? 2.417   -16.108 4.747   1.00 25.62 ? 51  TYR A CE1 1 
ATOM   385  C  CE2 . TYR A 1 85  ? 4.051   -17.814 5.160   1.00 28.25 ? 51  TYR A CE2 1 
ATOM   386  C  CZ  . TYR A 1 85  ? 2.868   -17.404 4.576   1.00 30.51 ? 51  TYR A CZ  1 
ATOM   387  O  OH  . TYR A 1 85  ? 2.140   -18.294 3.825   1.00 36.33 ? 51  TYR A OH  1 
ATOM   388  N  N   . GLN A 1 86  ? 2.312   -15.233 8.625   1.00 19.21 ? 52  GLN A N   1 
ATOM   389  C  CA  . GLN A 1 86  ? 0.859   -15.059 8.747   1.00 21.71 ? 52  GLN A CA  1 
ATOM   390  C  C   . GLN A 1 86  ? 0.506   -14.180 9.951   1.00 19.61 ? 52  GLN A C   1 
ATOM   391  O  O   . GLN A 1 86  ? -0.420  -13.371 9.894   1.00 17.15 ? 52  GLN A O   1 
ATOM   392  C  CB  . GLN A 1 86  ? 0.137   -16.410 8.895   1.00 20.90 ? 52  GLN A CB  1 
ATOM   393  C  CG  . GLN A 1 86  ? 0.178   -17.321 7.680   1.00 24.20 ? 52  GLN A CG  1 
ATOM   394  C  CD  . GLN A 1 86  ? 1.370   -18.263 7.707   1.00 27.76 ? 52  GLN A CD  1 
ATOM   395  O  OE1 . GLN A 1 86  ? 2.387   -17.973 8.332   1.00 24.99 ? 52  GLN A OE1 1 
ATOM   396  N  NE2 . GLN A 1 86  ? 1.247   -19.397 7.024   1.00 27.39 ? 52  GLN A NE2 1 
ATOM   397  N  N   . VAL A 1 87  ? 1.233   -14.360 11.047  1.00 16.30 ? 53  VAL A N   1 
ATOM   398  C  CA  . VAL A 1 87  ? 0.992   -13.561 12.235  1.00 17.39 ? 53  VAL A CA  1 
ATOM   399  C  C   . VAL A 1 87  ? 1.381   -12.104 11.991  1.00 17.90 ? 53  VAL A C   1 
ATOM   400  O  O   . VAL A 1 87  ? 0.678   -11.202 12.435  1.00 17.12 ? 53  VAL A O   1 
ATOM   401  C  CB  . VAL A 1 87  ? 1.695   -14.151 13.493  1.00 19.08 ? 53  VAL A CB  1 
ATOM   402  C  CG1 . VAL A 1 87  ? 1.570   -13.207 14.697  1.00 16.09 ? 53  VAL A CG1 1 
ATOM   403  C  CG2 . VAL A 1 87  ? 1.105   -15.509 13.826  1.00 18.84 ? 53  VAL A CG2 1 
ATOM   404  N  N   . ARG A 1 88  ? 2.475   -11.873 11.264  1.00 15.92 ? 54  ARG A N   1 
ATOM   405  C  CA  . ARG A 1 88  ? 2.877   -10.511 10.919  1.00 14.36 ? 54  ARG A CA  1 
ATOM   406  C  C   . ARG A 1 88  ? 1.849   -9.850  9.998   1.00 16.01 ? 54  ARG A C   1 
ATOM   407  O  O   . ARG A 1 88  ? 1.591   -8.647  10.111  1.00 13.32 ? 54  ARG A O   1 
ATOM   408  C  CB  . ARG A 1 88  ? 4.292   -10.466 10.309  1.00 15.32 ? 54  ARG A CB  1 
ATOM   409  C  CG  . ARG A 1 88  ? 5.364   -11.034 11.232  1.00 17.37 ? 54  ARG A CG  1 
ATOM   410  C  CD  . ARG A 1 88  ? 6.770   -10.502 10.933  1.00 17.49 ? 54  ARG A CD  1 
ATOM   411  N  NE  . ARG A 1 88  ? 7.183   -10.704 9.544   1.00 18.07 ? 54  ARG A NE  1 
ATOM   412  C  CZ  . ARG A 1 88  ? 7.568   -11.872 9.033   1.00 19.07 ? 54  ARG A CZ  1 
ATOM   413  N  NH1 . ARG A 1 88  ? 7.579   -12.965 9.788   1.00 17.66 ? 54  ARG A NH1 1 
ATOM   414  N  NH2 . ARG A 1 88  ? 7.937   -11.951 7.762   1.00 18.14 ? 54  ARG A NH2 1 
HETATM 415  N  N   . MSE A 1 89  ? 1.256   -10.640 9.101   1.00 15.00 ? 55  MSE A N   1 
HETATM 416  C  CA  . MSE A 1 89  ? 0.161   -10.156 8.263   1.00 16.71 ? 55  MSE A CA  1 
HETATM 417  C  C   . MSE A 1 89  ? -0.986  -9.671  9.140   1.00 17.06 ? 55  MSE A C   1 
HETATM 418  O  O   . MSE A 1 89  ? -1.494  -8.562  8.970   1.00 17.81 ? 55  MSE A O   1 
HETATM 419  C  CB  . MSE A 1 89  ? -0.344  -11.253 7.330   1.00 16.06 ? 55  MSE A CB  1 
HETATM 420  C  CG  . MSE A 1 89  ? 0.539   -11.512 6.118   1.00 20.51 ? 55  MSE A CG  1 
HETATM 421  SE SE  . MSE A 1 89  ? -0.049  -13.098 5.117   0.80 27.53 ? 55  MSE A SE  1 
HETATM 422  C  CE  . MSE A 1 89  ? -1.852  -12.544 4.585   1.00 17.23 ? 55  MSE A CE  1 
ATOM   423  N  N   . TYR A 1 90  ? -1.392  -10.519 10.074  1.00 13.35 ? 56  TYR A N   1 
ATOM   424  C  CA  . TYR A 1 90  ? -2.388  -10.150 11.069  1.00 15.64 ? 56  TYR A CA  1 
ATOM   425  C  C   . TYR A 1 90  ? -2.014  -8.836  11.766  1.00 17.30 ? 56  TYR A C   1 
ATOM   426  O  O   . TYR A 1 90  ? -2.840  -7.930  11.874  1.00 16.24 ? 56  TYR A O   1 
ATOM   427  C  CB  . TYR A 1 90  ? -2.554  -11.295 12.072  1.00 16.66 ? 56  TYR A CB  1 
ATOM   428  C  CG  . TYR A 1 90  ? -3.117  -10.910 13.421  1.00 17.78 ? 56  TYR A CG  1 
ATOM   429  C  CD1 . TYR A 1 90  ? -2.276  -10.587 14.470  1.00 15.60 ? 56  TYR A CD1 1 
ATOM   430  C  CD2 . TYR A 1 90  ? -4.489  -10.918 13.655  1.00 18.60 ? 56  TYR A CD2 1 
ATOM   431  C  CE1 . TYR A 1 90  ? -2.779  -10.251 15.713  1.00 15.34 ? 56  TYR A CE1 1 
ATOM   432  C  CE2 . TYR A 1 90  ? -5.004  -10.586 14.898  1.00 17.98 ? 56  TYR A CE2 1 
ATOM   433  C  CZ  . TYR A 1 90  ? -4.137  -10.249 15.920  1.00 19.30 ? 56  TYR A CZ  1 
ATOM   434  O  OH  . TYR A 1 90  ? -4.622  -9.910  17.162  1.00 22.62 ? 56  TYR A OH  1 
ATOM   435  N  N   . ALA A 1 91  ? -0.760  -8.734  12.214  1.00 13.79 ? 57  ALA A N   1 
ATOM   436  C  CA  . ALA A 1 91  ? -0.284  -7.538  12.895  1.00 15.58 ? 57  ALA A CA  1 
ATOM   437  C  C   . ALA A 1 91  ? -0.368  -6.298  12.004  1.00 14.51 ? 57  ALA A C   1 
ATOM   438  O  O   . ALA A 1 91  ? -0.747  -5.214  12.464  1.00 13.33 ? 57  ALA A O   1 
ATOM   439  C  CB  . ALA A 1 91  ? 1.152   -7.741  13.405  1.00 15.05 ? 57  ALA A CB  1 
ATOM   440  N  N   . VAL A 1 92  ? -0.005  -6.455  10.734  1.00 13.10 ? 58  VAL A N   1 
ATOM   441  C  CA  . VAL A 1 92  ? -0.021  -5.329  9.810   1.00 11.42 ? 58  VAL A CA  1 
ATOM   442  C  C   . VAL A 1 92  ? -1.436  -4.849  9.473   1.00 12.49 ? 58  VAL A C   1 
ATOM   443  O  O   . VAL A 1 92  ? -1.648  -3.650  9.277   1.00 14.68 ? 58  VAL A O   1 
ATOM   444  C  CB  . VAL A 1 92  ? 0.797   -5.590  8.528   1.00 13.89 ? 58  VAL A CB  1 
ATOM   445  C  CG1 . VAL A 1 92  ? 0.641   -4.413  7.555   1.00 12.19 ? 58  VAL A CG1 1 
ATOM   446  C  CG2 . VAL A 1 92  ? 2.277   -5.802  8.877   1.00 12.14 ? 58  VAL A CG2 1 
ATOM   447  N  N   . PHE A 1 93  ? -2.400  -5.768  9.411   1.00 12.55 ? 59  PHE A N   1 
ATOM   448  C  CA  . PHE A 1 93  ? -3.805  -5.369  9.319   1.00 15.84 ? 59  PHE A CA  1 
ATOM   449  C  C   . PHE A 1 93  ? -4.158  -4.510  10.541  1.00 13.96 ? 59  PHE A C   1 
ATOM   450  O  O   . PHE A 1 93  ? -4.758  -3.437  10.410  1.00 11.93 ? 59  PHE A O   1 
ATOM   451  C  CB  . PHE A 1 93  ? -4.747  -6.585  9.222   1.00 13.33 ? 59  PHE A CB  1 
ATOM   452  C  CG  . PHE A 1 93  ? -4.867  -7.171  7.828   1.00 14.84 ? 59  PHE A CG  1 
ATOM   453  C  CD1 . PHE A 1 93  ? -5.413  -6.426  6.792   1.00 16.27 ? 59  PHE A CD1 1 
ATOM   454  C  CD2 . PHE A 1 93  ? -4.462  -8.471  7.568   1.00 15.62 ? 59  PHE A CD2 1 
ATOM   455  C  CE1 . PHE A 1 93  ? -5.536  -6.960  5.507   1.00 18.51 ? 59  PHE A CE1 1 
ATOM   456  C  CE2 . PHE A 1 93  ? -4.576  -9.016  6.280   1.00 17.01 ? 59  PHE A CE2 1 
ATOM   457  C  CZ  . PHE A 1 93  ? -5.120  -8.255  5.252   1.00 17.61 ? 59  PHE A CZ  1 
ATOM   458  N  N   . LEU A 1 94  ? -3.769  -4.976  11.724  1.00 10.85 ? 60  LEU A N   1 
ATOM   459  C  CA  . LEU A 1 94  ? -4.008  -4.207  12.952  1.00 12.91 ? 60  LEU A CA  1 
ATOM   460  C  C   . LEU A 1 94  ? -3.427  -2.793  12.855  1.00 15.15 ? 60  LEU A C   1 
ATOM   461  O  O   . LEU A 1 94  ? -4.094  -1.817  13.206  1.00 13.34 ? 60  LEU A O   1 
ATOM   462  C  CB  . LEU A 1 94  ? -3.428  -4.916  14.184  1.00 12.40 ? 60  LEU A CB  1 
ATOM   463  C  CG  . LEU A 1 94  ? -4.175  -6.112  14.779  1.00 18.17 ? 60  LEU A CG  1 
ATOM   464  C  CD1 . LEU A 1 94  ? -3.477  -6.590  16.057  1.00 15.51 ? 60  LEU A CD1 1 
ATOM   465  C  CD2 . LEU A 1 94  ? -5.641  -5.778  15.054  1.00 15.60 ? 60  LEU A CD2 1 
ATOM   466  N  N   . PHE A 1 95  ? -2.186  -2.694  12.377  1.00 11.15 ? 61  PHE A N   1 
ATOM   467  C  CA  . PHE A 1 95  ? -1.552  -1.391  12.178  1.00 11.64 ? 61  PHE A CA  1 
ATOM   468  C  C   . PHE A 1 95  ? -2.433  -0.489  11.311  1.00 13.41 ? 61  PHE A C   1 
ATOM   469  O  O   . PHE A 1 95  ? -2.638  0.688   11.618  1.00 15.81 ? 61  PHE A O   1 
ATOM   470  C  CB  . PHE A 1 95  ? -0.154  -1.546  11.548  1.00 9.60  ? 61  PHE A CB  1 
ATOM   471  C  CG  . PHE A 1 95  ? 0.890   -2.124  12.480  1.00 12.19 ? 61  PHE A CG  1 
ATOM   472  C  CD1 . PHE A 1 95  ? 0.864   -1.853  13.842  1.00 11.33 ? 61  PHE A CD1 1 
ATOM   473  C  CD2 . PHE A 1 95  ? 1.935   -2.899  11.977  1.00 12.44 ? 61  PHE A CD2 1 
ATOM   474  C  CE1 . PHE A 1 95  ? 1.844   -2.373  14.690  1.00 14.03 ? 61  PHE A CE1 1 
ATOM   475  C  CE2 . PHE A 1 95  ? 2.921   -3.426  12.818  1.00 12.25 ? 61  PHE A CE2 1 
ATOM   476  C  CZ  . PHE A 1 95  ? 2.878   -3.158  14.173  1.00 12.44 ? 61  PHE A CZ  1 
ATOM   477  N  N   . GLY A 1 96  ? -2.959  -1.045  10.222  1.00 13.87 ? 62  GLY A N   1 
ATOM   478  C  CA  . GLY A 1 96  ? -3.877  -0.314  9.364   1.00 14.91 ? 62  GLY A CA  1 
ATOM   479  C  C   . GLY A 1 96  ? -5.069  0.265   10.121  1.00 15.95 ? 62  GLY A C   1 
ATOM   480  O  O   . GLY A 1 96  ? -5.419  1.439   9.954   1.00 17.80 ? 62  GLY A O   1 
ATOM   481  N  N   . TYR A 1 97  ? -5.689  -0.545  10.970  1.00 16.56 ? 63  TYR A N   1 
ATOM   482  C  CA  . TYR A 1 97  ? -6.842  -0.082  11.749  1.00 17.70 ? 63  TYR A CA  1 
ATOM   483  C  C   . TYR A 1 97  ? -6.445  0.970   12.780  1.00 17.53 ? 63  TYR A C   1 
ATOM   484  O  O   . TYR A 1 97  ? -7.259  1.816   13.144  1.00 16.63 ? 63  TYR A O   1 
ATOM   485  C  CB  . TYR A 1 97  ? -7.535  -1.251  12.448  1.00 14.55 ? 63  TYR A CB  1 
ATOM   486  C  CG  . TYR A 1 97  ? -7.836  -2.397  11.513  1.00 16.68 ? 63  TYR A CG  1 
ATOM   487  C  CD1 . TYR A 1 97  ? -8.339  -2.160  10.240  1.00 15.97 ? 63  TYR A CD1 1 
ATOM   488  C  CD2 . TYR A 1 97  ? -7.625  -3.714  11.907  1.00 14.02 ? 63  TYR A CD2 1 
ATOM   489  C  CE1 . TYR A 1 97  ? -8.616  -3.203  9.381   1.00 20.50 ? 63  TYR A CE1 1 
ATOM   490  C  CE2 . TYR A 1 97  ? -7.888  -4.761  11.057  1.00 14.15 ? 63  TYR A CE2 1 
ATOM   491  C  CZ  . TYR A 1 97  ? -8.385  -4.505  9.799   1.00 18.25 ? 63  TYR A CZ  1 
ATOM   492  O  OH  . TYR A 1 97  ? -8.652  -5.550  8.954   1.00 22.40 ? 63  TYR A OH  1 
ATOM   493  N  N   . LEU A 1 98  ? -5.195  0.902   13.240  1.00 13.90 ? 64  LEU A N   1 
ATOM   494  C  CA  . LEU A 1 98  ? -4.666  1.795   14.271  1.00 14.24 ? 64  LEU A CA  1 
ATOM   495  C  C   . LEU A 1 98  ? -3.911  2.998   13.695  1.00 15.35 ? 64  LEU A C   1 
ATOM   496  O  O   . LEU A 1 98  ? -3.339  3.800   14.442  1.00 14.92 ? 64  LEU A O   1 
ATOM   497  C  CB  . LEU A 1 98  ? -3.696  1.021   15.174  1.00 14.55 ? 64  LEU A CB  1 
ATOM   498  C  CG  . LEU A 1 98  ? -4.209  -0.215  15.910  1.00 17.60 ? 64  LEU A CG  1 
ATOM   499  C  CD1 . LEU A 1 98  ? -3.038  -1.078  16.351  1.00 16.89 ? 64  LEU A CD1 1 
ATOM   500  C  CD2 . LEU A 1 98  ? -5.072  0.198   17.106  1.00 20.83 ? 64  LEU A CD2 1 
ATOM   501  N  N   . SER A 1 99  ? -3.907  3.121   12.373  1.00 15.35 ? 65  SER A N   1 
ATOM   502  C  CA  . SER A 1 99  ? -2.996  4.049   11.694  1.00 16.10 ? 65  SER A CA  1 
ATOM   503  C  C   . SER A 1 99  ? -3.268  5.544   11.913  1.00 16.30 ? 65  SER A C   1 
ATOM   504  O  O   . SER A 1 99  ? -2.532  6.387   11.411  1.00 14.64 ? 65  SER A O   1 
ATOM   505  C  CB  . SER A 1 99  ? -2.925  3.733   10.189  1.00 12.16 ? 65  SER A CB  1 
ATOM   506  O  OG  . SER A 1 99  ? -4.207  3.787   9.596   1.00 16.48 ? 65  SER A OG  1 
ATOM   507  N  N   . LYS A 1 100 ? -4.286  5.897   12.649  1.00 19.17 ? 66  LYS A N   1 
ATOM   508  C  CA  . LYS A 1 100 ? -4.500  7.264   13.026  1.00 22.35 ? 66  LYS A CA  1 
ATOM   509  C  C   . LYS A 1 100 ? -3.484  7.687   14.058  1.00 17.71 ? 66  LYS A C   1 
ATOM   510  O  O   . LYS A 1 100 ? -3.235  8.818   14.182  1.00 17.32 ? 66  LYS A O   1 
ATOM   511  C  CB  . LYS A 1 100 ? -5.926  7.506   13.501  1.00 24.06 ? 66  LYS A CB  1 
ATOM   512  C  CG  . LYS A 1 100 ? -6.969  7.419   12.392  1.00 27.05 ? 66  LYS A CG  1 
ATOM   513  C  CD  . LYS A 1 100 ? -8.129  8.314   12.642  1.00 32.44 ? 66  LYS A CD  1 
ATOM   514  C  CE  . LYS A 1 100 ? -9.194  7.708   13.499  1.00 38.65 ? 66  LYS A CE  1 
ATOM   515  N  NZ  . LYS A 1 100 ? -9.590  8.602   14.620  1.00 36.08 ? 66  LYS A NZ  1 
ATOM   516  N  N   . ASP A 1 101 ? -2.906  6.734   14.755  1.00 20.00 ? 67  ASP A N   1 
ATOM   517  C  CA  . ASP A 1 101 ? -1.748  6.954   15.563  1.00 20.00 ? 67  ASP A CA  1 
ATOM   518  C  C   . ASP A 1 101 ? -0.574  7.100   14.619  1.00 20.00 ? 67  ASP A C   1 
ATOM   519  O  O   . ASP A 1 101 ? -0.258  6.175   13.966  1.00 20.00 ? 67  ASP A O   1 
ATOM   520  C  CB  . ASP A 1 101 ? -1.548  5.774   16.498  1.00 20.00 ? 67  ASP A CB  1 
ATOM   521  C  CG  . ASP A 1 101 ? -0.518  6.010   17.556  1.00 20.00 ? 67  ASP A CG  1 
ATOM   522  O  OD1 . ASP A 1 101 ? -0.717  5.570   18.655  1.00 20.00 ? 67  ASP A OD1 1 
ATOM   523  O  OD2 . ASP A 1 101 ? 0.470   6.638   17.316  1.00 20.00 ? 67  ASP A OD2 1 
ATOM   524  N  N   . LYS A 1 102 ? 0.020   8.275   14.550  1.00 13.70 ? 68  LYS A N   1 
ATOM   525  C  CA  . LYS A 1 102 ? 1.125   8.572   13.677  1.00 18.55 ? 68  LYS A CA  1 
ATOM   526  C  C   . LYS A 1 102 ? 2.362   7.738   13.961  1.00 15.39 ? 68  LYS A C   1 
ATOM   527  O  O   . LYS A 1 102 ? 3.087   7.399   13.098  1.00 16.74 ? 68  LYS A O   1 
ATOM   528  C  CB  . LYS A 1 102 ? 1.396   10.081  13.665  1.00 19.91 ? 68  LYS A CB  1 
ATOM   529  C  CG  . LYS A 1 102 ? 2.738   10.490  14.039  1.00 23.05 ? 68  LYS A CG  1 
ATOM   530  N  N   . GLU A 1 103 ? 2.543   7.378   15.202  1.00 18.35 ? 69  GLU A N   1 
ATOM   531  C  CA  . GLU A 1 103 ? 3.636   6.469   15.536  1.00 18.66 ? 69  GLU A CA  1 
ATOM   532  C  C   . GLU A 1 103 ? 3.433   5.098   14.880  1.00 17.60 ? 69  GLU A C   1 
ATOM   533  O  O   . GLU A 1 103 ? 4.393   4.450   14.472  1.00 16.93 ? 69  GLU A O   1 
ATOM   534  C  CB  . GLU A 1 103 ? 3.792   6.319   17.053  1.00 22.71 ? 69  GLU A CB  1 
ATOM   535  C  CG  . GLU A 1 103 ? 4.716   7.349   17.688  1.00 26.44 ? 69  GLU A CG  1 
ATOM   536  C  CD  . GLU A 1 103 ? 5.055   7.028   19.143  1.00 35.35 ? 69  GLU A CD  1 
ATOM   537  O  OE1 . GLU A 1 103 ? 4.431   7.641   20.039  1.00 37.86 ? 69  GLU A OE1 1 
ATOM   538  O  OE2 . GLU A 1 103 ? 5.938   6.172   19.392  1.00 24.88 ? 69  GLU A OE2 1 
ATOM   539  N  N   . ILE A 1 104 ? 2.183   4.657   14.787  1.00 16.87 ? 70  ILE A N   1 
ATOM   540  C  CA  . ILE A 1 104 ? 1.875   3.407   14.096  1.00 13.33 ? 70  ILE A CA  1 
ATOM   541  C  C   . ILE A 1 104 ? 2.125   3.581   12.608  1.00 13.56 ? 70  ILE A C   1 
ATOM   542  O  O   . ILE A 1 104 ? 2.714   2.710   11.971  1.00 13.77 ? 70  ILE A O   1 
ATOM   543  C  CB  . ILE A 1 104 ? 0.415   2.957   14.330  1.00 12.77 ? 70  ILE A CB  1 
ATOM   544  C  CG1 . ILE A 1 104 ? 0.190   2.610   15.797  1.00 16.19 ? 70  ILE A CG1 1 
ATOM   545  C  CG2 . ILE A 1 104 ? 0.073   1.746   13.472  1.00 12.27 ? 70  ILE A CG2 1 
ATOM   546  C  CD1 . ILE A 1 104 ? 1.002   1.429   16.251  1.00 21.25 ? 70  ILE A CD1 1 
ATOM   547  N  N   . LEU A 1 105 ? 1.688   4.719   12.068  1.00 12.64 ? 71  LEU A N   1 
ATOM   548  C  CA  . LEU A 1 105 ? 1.799   5.005   10.639  1.00 15.41 ? 71  LEU A CA  1 
ATOM   549  C  C   . LEU A 1 105 ? 3.269   5.081   10.236  1.00 14.99 ? 71  LEU A C   1 
ATOM   550  O  O   . LEU A 1 105 ? 3.676   4.532   9.211   1.00 15.66 ? 71  LEU A O   1 
ATOM   551  C  CB  . LEU A 1 105 ? 1.116   6.332   10.299  1.00 12.98 ? 71  LEU A CB  1 
ATOM   552  C  CG  . LEU A 1 105 ? 0.310   6.500   9.006   1.00 18.88 ? 71  LEU A CG  1 
ATOM   553  C  CD1 . LEU A 1 105 ? 0.447   7.917   8.486   1.00 16.05 ? 71  LEU A CD1 1 
ATOM   554  C  CD2 . LEU A 1 105 ? 0.645   5.485   7.916   1.00 14.86 ? 71  LEU A CD2 1 
ATOM   555  N  N   . ILE A 1 106 ? 4.059   5.769   11.056  1.00 17.30 ? 72  ILE A N   1 
ATOM   556  C  CA  . ILE A 1 106 ? 5.508   5.840   10.857  1.00 17.18 ? 72  ILE A CA  1 
ATOM   557  C  C   . ILE A 1 106 ? 6.158   4.458   10.907  1.00 14.93 ? 72  ILE A C   1 
ATOM   558  O  O   . ILE A 1 106 ? 7.000   4.140   10.074  1.00 16.21 ? 72  ILE A O   1 
ATOM   559  C  CB  . ILE A 1 106 ? 6.182   6.747   11.900  1.00 15.38 ? 72  ILE A CB  1 
ATOM   560  C  CG1 . ILE A 1 106 ? 5.743   8.204   11.702  1.00 18.20 ? 72  ILE A CG1 1 
ATOM   561  C  CG2 . ILE A 1 106 ? 7.710   6.593   11.838  1.00 16.78 ? 72  ILE A CG2 1 
ATOM   562  C  CD1 . ILE A 1 106 ? 6.218   9.143   12.810  1.00 22.68 ? 72  ILE A CD1 1 
ATOM   563  N  N   . PHE A 1 107 ? 5.773   3.640   11.884  1.00 13.37 ? 73  PHE A N   1 
ATOM   564  C  CA  . PHE A 1 107 ? 6.283   2.268   11.948  1.00 15.81 ? 73  PHE A CA  1 
ATOM   565  C  C   . PHE A 1 107 ? 5.942   1.474   10.678  1.00 12.13 ? 73  PHE A C   1 
ATOM   566  O  O   . PHE A 1 107 ? 6.726   0.657   10.225  1.00 13.99 ? 73  PHE A O   1 
ATOM   567  C  CB  . PHE A 1 107 ? 5.753   1.528   13.181  1.00 14.94 ? 73  PHE A CB  1 
ATOM   568  C  CG  . PHE A 1 107 ? 6.469   0.234   13.469  1.00 14.18 ? 73  PHE A CG  1 
ATOM   569  C  CD1 . PHE A 1 107 ? 5.913   -0.984  13.097  1.00 12.92 ? 73  PHE A CD1 1 
ATOM   570  C  CD2 . PHE A 1 107 ? 7.694   0.237   14.125  1.00 14.98 ? 73  PHE A CD2 1 
ATOM   571  C  CE1 . PHE A 1 107 ? 6.559   -2.176  13.368  1.00 14.00 ? 73  PHE A CE1 1 
ATOM   572  C  CE2 . PHE A 1 107 ? 8.357   -0.955  14.396  1.00 17.69 ? 73  PHE A CE2 1 
ATOM   573  C  CZ  . PHE A 1 107 ? 7.786   -2.165  14.013  1.00 17.67 ? 73  PHE A CZ  1 
HETATM 574  N  N   . MSE A 1 108 ? 4.764   1.704   10.118  1.00 12.97 ? 74  MSE A N   1 
HETATM 575  C  CA  . MSE A 1 108 ? 4.417   1.077   8.840   1.00 14.52 ? 74  MSE A CA  1 
HETATM 576  C  C   . MSE A 1 108 ? 5.332   1.586   7.721   1.00 14.58 ? 74  MSE A C   1 
HETATM 577  O  O   . MSE A 1 108 ? 5.858   0.810   6.922   1.00 13.14 ? 74  MSE A O   1 
HETATM 578  C  CB  . MSE A 1 108 ? 2.965   1.376   8.477   1.00 12.56 ? 74  MSE A CB  1 
HETATM 579  C  CG  . MSE A 1 108 ? 1.931   0.719   9.386   1.00 10.71 ? 74  MSE A CG  1 
HETATM 580  SE SE  . MSE A 1 108 ? 0.131   1.446   9.089   1.00 24.77 ? 74  MSE A SE  1 
HETATM 581  C  CE  . MSE A 1 108 ? 0.045   1.474   7.121   1.00 13.46 ? 74  MSE A CE  1 
ATOM   582  N  N   . ARG A 1 109 ? 5.498   2.903   7.674   1.00 13.71 ? 75  ARG A N   1 
ATOM   583  C  CA  . ARG A 1 109 ? 6.305   3.562   6.661   1.00 15.03 ? 75  ARG A CA  1 
ATOM   584  C  C   . ARG A 1 109 ? 7.744   3.067   6.640   1.00 14.96 ? 75  ARG A C   1 
ATOM   585  O  O   . ARG A 1 109 ? 8.285   2.747   5.579   1.00 14.88 ? 75  ARG A O   1 
ATOM   586  C  CB  . ARG A 1 109 ? 6.297   5.078   6.906   1.00 16.83 ? 75  ARG A CB  1 
ATOM   587  C  CG  . ARG A 1 109 ? 6.752   5.909   5.722   1.00 18.41 ? 75  ARG A CG  1 
ATOM   588  C  CD  . ARG A 1 109 ? 6.916   7.369   6.122   1.00 18.92 ? 75  ARG A CD  1 
ATOM   589  N  NE  . ARG A 1 109 ? 7.984   7.520   7.101   1.00 20.95 ? 75  ARG A NE  1 
ATOM   590  C  CZ  . ARG A 1 109 ? 8.162   8.593   7.861   1.00 20.58 ? 75  ARG A CZ  1 
ATOM   591  N  NH1 . ARG A 1 109 ? 7.328   9.620   7.769   1.00 18.44 ? 75  ARG A NH1 1 
ATOM   592  N  NH2 . ARG A 1 109 ? 9.175   8.631   8.720   1.00 20.83 ? 75  ARG A NH2 1 
ATOM   593  N  N   . ASP A 1 110 ? 8.356   2.996   7.820   1.00 16.06 ? 76  ASP A N   1 
ATOM   594  C  CA  . ASP A 1 110 ? 9.799   2.790   7.933   1.00 15.30 ? 76  ASP A CA  1 
ATOM   595  C  C   . ASP A 1 110 ? 10.236  1.386   8.325   1.00 16.21 ? 76  ASP A C   1 
ATOM   596  O  O   . ASP A 1 110 ? 11.316  0.951   7.935   1.00 19.22 ? 76  ASP A O   1 
ATOM   597  C  CB  . ASP A 1 110 ? 10.382  3.783   8.936   1.00 18.28 ? 76  ASP A CB  1 
ATOM   598  C  CG  . ASP A 1 110 ? 10.261  5.210   8.465   1.00 20.90 ? 76  ASP A CG  1 
ATOM   599  O  OD1 . ASP A 1 110 ? 9.988   5.400   7.260   1.00 18.53 ? 76  ASP A OD1 1 
ATOM   600  O  OD2 . ASP A 1 110 ? 10.435  6.132   9.293   1.00 19.17 ? 76  ASP A OD2 1 
ATOM   601  N  N   . GLU A 1 111 ? 9.426   0.684   9.109   1.00 15.24 ? 77  GLU A N   1 
ATOM   602  C  CA  . GLU A 1 111 ? 9.846   -0.622  9.615   1.00 14.91 ? 77  GLU A CA  1 
ATOM   603  C  C   . GLU A 1 111 ? 9.147   -1.796  8.933   1.00 16.15 ? 77  GLU A C   1 
ATOM   604  O  O   . GLU A 1 111 ? 9.805   -2.762  8.561   1.00 15.83 ? 77  GLU A O   1 
ATOM   605  C  CB  . GLU A 1 111 ? 9.680   -0.704  11.139  1.00 16.57 ? 77  GLU A CB  1 
ATOM   606  C  CG  . GLU A 1 111 ? 10.367  0.427   11.896  1.00 20.17 ? 77  GLU A CG  1 
ATOM   607  C  CD  . GLU A 1 111 ? 11.880  0.478   11.657  1.00 26.16 ? 77  GLU A CD  1 
ATOM   608  O  OE1 . GLU A 1 111 ? 12.488  -0.570  11.351  1.00 20.96 ? 77  GLU A OE1 1 
ATOM   609  O  OE2 . GLU A 1 111 ? 12.461  1.579   11.781  1.00 32.04 ? 77  GLU A OE2 1 
ATOM   610  N  N   . VAL A 1 112 ? 7.821   -1.725  8.773   1.00 14.77 ? 78  VAL A N   1 
ATOM   611  C  CA  . VAL A 1 112 ? 7.094   -2.804  8.096   1.00 13.75 ? 78  VAL A CA  1 
ATOM   612  C  C   . VAL A 1 112 ? 7.560   -2.913  6.643   1.00 14.11 ? 78  VAL A C   1 
ATOM   613  O  O   . VAL A 1 112 ? 7.578   -3.990  6.056   1.00 15.28 ? 78  VAL A O   1 
ATOM   614  C  CB  . VAL A 1 112 ? 5.559   -2.605  8.130   1.00 13.64 ? 78  VAL A CB  1 
ATOM   615  C  CG1 . VAL A 1 112 ? 4.861   -3.742  7.386   1.00 13.25 ? 78  VAL A CG1 1 
ATOM   616  C  CG2 . VAL A 1 112 ? 5.066   -2.541  9.550   1.00 13.66 ? 78  VAL A CG2 1 
ATOM   617  N  N   . SER A 1 113 ? 7.956   -1.783  6.080   1.00 13.30 ? 79  SER A N   1 
ATOM   618  C  CA  . SER A 1 113 ? 8.458   -1.725  4.722   1.00 16.24 ? 79  SER A CA  1 
ATOM   619  C  C   . SER A 1 113 ? 9.760   -2.516  4.556   1.00 14.77 ? 79  SER A C   1 
ATOM   620  O  O   . SER A 1 113 ? 10.175  -2.796  3.441   1.00 15.62 ? 79  SER A O   1 
ATOM   621  C  CB  . SER A 1 113 ? 8.683   -0.269  4.339   1.00 13.44 ? 79  SER A CB  1 
ATOM   622  O  OG  . SER A 1 113 ? 9.527   0.351   5.294   1.00 15.28 ? 79  SER A OG  1 
ATOM   623  N  N   . LYS A 1 114 ? 10.403  -2.861  5.667   1.00 17.17 ? 80  LYS A N   1 
ATOM   624  C  CA  . LYS A 1 114 ? 11.621  -3.665  5.620   1.00 16.76 ? 80  LYS A CA  1 
ATOM   625  C  C   . LYS A 1 114 ? 11.304  -5.159  5.597   1.00 16.70 ? 80  LYS A C   1 
ATOM   626  O  O   . LYS A 1 114 ? 12.205  -5.981  5.482   1.00 18.54 ? 80  LYS A O   1 
ATOM   627  C  CB  . LYS A 1 114 ? 12.503  -3.369  6.834   1.00 17.11 ? 80  LYS A CB  1 
ATOM   628  C  CG  . LYS A 1 114 ? 13.168  -1.987  6.844   1.00 22.73 ? 80  LYS A CG  1 
ATOM   629  C  CD  . LYS A 1 114 ? 13.704  -1.692  8.250   1.00 26.22 ? 80  LYS A CD  1 
ATOM   630  C  CE  . LYS A 1 114 ? 14.589  -0.456  8.313   1.00 23.61 ? 80  LYS A CE  1 
ATOM   631  N  NZ  . LYS A 1 114 ? 14.945  -0.136  9.735   1.00 21.25 ? 80  LYS A NZ  1 
ATOM   632  N  N   . ASP A 1 115 ? 10.030  -5.514  5.720   1.00 14.38 ? 81  ASP A N   1 
ATOM   633  C  CA  . ASP A 1 115 ? 9.677   -6.925  5.874   1.00 19.34 ? 81  ASP A CA  1 
ATOM   634  C  C   . ASP A 1 115 ? 10.165  -7.790  4.713   1.00 19.15 ? 81  ASP A C   1 
ATOM   635  O  O   . ASP A 1 115 ? 9.972   -7.447  3.547   1.00 17.45 ? 81  ASP A O   1 
ATOM   636  C  CB  . ASP A 1 115 ? 8.172   -7.117  6.085   1.00 18.39 ? 81  ASP A CB  1 
ATOM   637  C  CG  . ASP A 1 115 ? 7.859   -8.403  6.815   1.00 20.36 ? 81  ASP A CG  1 
ATOM   638  O  OD1 . ASP A 1 115 ? 8.070   -9.488  6.229   1.00 18.33 ? 81  ASP A OD1 1 
ATOM   639  O  OD2 . ASP A 1 115 ? 7.412   -8.327  7.984   1.00 21.98 ? 81  ASP A OD2 1 
ATOM   640  N  N   . ASN A 1 116 ? 10.784  -8.915  5.060   1.00 19.93 ? 82  ASN A N   1 
ATOM   641  C  CA  . ASN A 1 116 ? 11.404  -9.815  4.098   1.00 21.46 ? 82  ASN A CA  1 
ATOM   642  C  C   . ASN A 1 116 ? 10.398  -10.652 3.344   1.00 21.05 ? 82  ASN A C   1 
ATOM   643  O  O   . ASN A 1 116 ? 10.729  -11.276 2.342   1.00 19.95 ? 82  ASN A O   1 
ATOM   644  C  CB  . ASN A 1 116 ? 12.365  -10.770 4.813   1.00 23.16 ? 82  ASN A CB  1 
ATOM   645  C  CG  . ASN A 1 116 ? 13.731  -10.164 5.033   1.00 28.95 ? 82  ASN A CG  1 
ATOM   646  O  OD1 . ASN A 1 116 ? 14.118  -9.220  4.342   1.00 26.63 ? 82  ASN A OD1 1 
ATOM   647  N  ND2 . ASN A 1 116 ? 14.470  -10.705 6.002   1.00 28.35 ? 82  ASN A ND2 1 
ATOM   648  N  N   . ASN A 1 117 ? 9.176   -10.694 3.851   1.00 16.45 ? 83  ASN A N   1 
ATOM   649  C  CA  . ASN A 1 117 ? 8.170   -11.547 3.255   1.00 19.46 ? 83  ASN A CA  1 
ATOM   650  C  C   . ASN A 1 117 ? 7.218   -10.788 2.332   1.00 21.20 ? 83  ASN A C   1 
ATOM   651  O  O   . ASN A 1 117 ? 6.590   -9.812  2.738   1.00 21.33 ? 83  ASN A O   1 
ATOM   652  C  CB  . ASN A 1 117 ? 7.403   -12.298 4.338   1.00 21.35 ? 83  ASN A CB  1 
ATOM   653  C  CG  . ASN A 1 117 ? 6.485   -13.337 3.762   1.00 22.50 ? 83  ASN A CG  1 
ATOM   654  O  OD1 . ASN A 1 117 ? 5.381   -13.019 3.322   1.00 24.07 ? 83  ASN A OD1 1 
ATOM   655  N  ND2 . ASN A 1 117 ? 6.935   -14.588 3.748   1.00 15.97 ? 83  ASN A ND2 1 
ATOM   656  N  N   . TRP A 1 118 ? 7.120   -11.253 1.091   1.00 19.36 ? 84  TRP A N   1 
ATOM   657  C  CA  . TRP A 1 118 ? 6.345   -10.571 0.063   1.00 23.36 ? 84  TRP A CA  1 
ATOM   658  C  C   . TRP A 1 118 ? 4.857   -10.453 0.393   1.00 19.59 ? 84  TRP A C   1 
ATOM   659  O  O   . TRP A 1 118 ? 4.206   -9.483  0.010   1.00 20.25 ? 84  TRP A O   1 
ATOM   660  C  CB  . TRP A 1 118 ? 6.542   -11.255 -1.298  1.00 26.93 ? 84  TRP A CB  1 
ATOM   661  C  CG  . TRP A 1 118 ? 5.822   -12.568 -1.455  1.00 31.75 ? 84  TRP A CG  1 
ATOM   662  C  CD1 . TRP A 1 118 ? 6.271   -13.807 -1.082  1.00 33.52 ? 84  TRP A CD1 1 
ATOM   663  C  CD2 . TRP A 1 118 ? 4.529   -12.774 -2.046  1.00 34.85 ? 84  TRP A CD2 1 
ATOM   664  N  NE1 . TRP A 1 118 ? 5.335   -14.766 -1.396  1.00 38.34 ? 84  TRP A NE1 1 
ATOM   665  C  CE2 . TRP A 1 118 ? 4.259   -14.158 -1.991  1.00 37.49 ? 84  TRP A CE2 1 
ATOM   666  C  CE3 . TRP A 1 118 ? 3.574   -11.919 -2.615  1.00 35.45 ? 84  TRP A CE3 1 
ATOM   667  C  CZ2 . TRP A 1 118 ? 3.073   -14.708 -2.481  1.00 36.88 ? 84  TRP A CZ2 1 
ATOM   668  C  CZ3 . TRP A 1 118 ? 2.399   -12.465 -3.098  1.00 37.20 ? 84  TRP A CZ3 1 
ATOM   669  C  CH2 . TRP A 1 118 ? 2.158   -13.847 -3.030  1.00 43.85 ? 84  TRP A CH2 1 
ATOM   670  N  N   . ARG A 1 119 ? 4.321   -11.441 1.097   1.00 22.47 ? 85  ARG A N   1 
ATOM   671  C  CA  . ARG A 1 119 ? 2.913   -11.424 1.459   1.00 24.96 ? 85  ARG A CA  1 
ATOM   672  C  C   . ARG A 1 119 ? 2.637   -10.339 2.487   1.00 20.35 ? 85  ARG A C   1 
ATOM   673  O  O   . ARG A 1 119 ? 1.599   -9.676  2.440   1.00 19.81 ? 85  ARG A O   1 
ATOM   674  C  CB  . ARG A 1 119 ? 2.481   -12.779 2.003   1.00 27.90 ? 85  ARG A CB  1 
ATOM   675  C  CG  . ARG A 1 119 ? 2.387   -13.857 0.953   1.00 31.18 ? 85  ARG A CG  1 
ATOM   676  C  CD  . ARG A 1 119 ? 2.146   -15.206 1.595   1.00 35.88 ? 85  ARG A CD  1 
ATOM   677  N  NE  . ARG A 1 119 ? 1.219   -16.007 0.803   1.00 49.61 ? 85  ARG A NE  1 
ATOM   678  C  CZ  . ARG A 1 119 ? 1.584   -16.961 -0.046  1.00 44.10 ? 85  ARG A CZ  1 
ATOM   679  N  NH1 . ARG A 1 119 ? 2.869   -17.254 -0.216  1.00 37.08 ? 85  ARG A NH1 1 
ATOM   680  N  NH2 . ARG A 1 119 ? 0.656   -17.627 -0.717  1.00 48.78 ? 85  ARG A NH2 1 
ATOM   681  N  N   . VAL A 1 120 ? 3.568   -10.177 3.422   1.00 19.36 ? 86  VAL A N   1 
ATOM   682  C  CA  . VAL A 1 120 ? 3.483   -9.112  4.412   1.00 17.08 ? 86  VAL A CA  1 
ATOM   683  C  C   . VAL A 1 120 ? 3.510   -7.756  3.711   1.00 16.24 ? 86  VAL A C   1 
ATOM   684  O  O   . VAL A 1 120 ? 2.820   -6.830  4.124   1.00 12.37 ? 86  VAL A O   1 
ATOM   685  C  CB  . VAL A 1 120 ? 4.628   -9.196  5.442   1.00 17.34 ? 86  VAL A CB  1 
ATOM   686  C  CG1 . VAL A 1 120 ? 4.510   -8.088  6.483   1.00 17.41 ? 86  VAL A CG1 1 
ATOM   687  C  CG2 . VAL A 1 120 ? 4.639   -10.561 6.119   1.00 16.55 ? 86  VAL A CG2 1 
ATOM   688  N  N   . GLN A 1 121 ? 4.297   -7.649  2.638   1.00 17.54 ? 87  GLN A N   1 
ATOM   689  C  CA  . GLN A 1 121 ? 4.357   -6.412  1.867   1.00 15.10 ? 87  GLN A CA  1 
ATOM   690  C  C   . GLN A 1 121 ? 3.003   -6.088  1.222   1.00 15.00 ? 87  GLN A C   1 
ATOM   691  O  O   . GLN A 1 121 ? 2.617   -4.924  1.133   1.00 14.48 ? 87  GLN A O   1 
ATOM   692  C  CB  . GLN A 1 121 ? 5.473   -6.456  0.803   1.00 17.23 ? 87  GLN A CB  1 
ATOM   693  C  CG  . GLN A 1 121 ? 6.911   -6.430  1.359   1.00 17.78 ? 87  GLN A CG  1 
ATOM   694  C  CD  . GLN A 1 121 ? 7.312   -5.073  1.942   1.00 18.82 ? 87  GLN A CD  1 
ATOM   695  O  OE1 . GLN A 1 121 ? 6.698   -4.047  1.638   1.00 16.70 ? 87  GLN A OE1 1 
ATOM   696  N  NE2 . GLN A 1 121 ? 8.349   -5.068  2.784   1.00 14.33 ? 87  GLN A NE2 1 
ATOM   697  N  N   . GLU A 1 122 ? 2.293   -7.113  0.761   1.00 16.92 ? 88  GLU A N   1 
ATOM   698  C  CA  . GLU A 1 122 ? 0.954   -6.916  0.203   1.00 19.20 ? 88  GLU A CA  1 
ATOM   699  C  C   . GLU A 1 122 ? 0.040   -6.316  1.269   1.00 15.94 ? 88  GLU A C   1 
ATOM   700  O  O   . GLU A 1 122 ? -0.737  -5.406  0.999   1.00 14.56 ? 88  GLU A O   1 
ATOM   701  C  CB  . GLU A 1 122 ? 0.353   -8.236  -0.314  1.00 16.63 ? 88  GLU A CB  1 
ATOM   702  C  CG  . GLU A 1 122 ? 1.031   -8.811  -1.554  1.00 21.72 ? 88  GLU A CG  1 
ATOM   703  C  CD  . GLU A 1 122 ? 1.114   -7.815  -2.708  1.00 27.53 ? 88  GLU A CD  1 
ATOM   704  O  OE1 . GLU A 1 122 ? 0.262   -6.904  -2.786  1.00 29.66 ? 88  GLU A OE1 1 
ATOM   705  O  OE2 . GLU A 1 122 ? 2.037   -7.941  -3.540  1.00 30.74 ? 88  GLU A OE2 1 
ATOM   706  N  N   . VAL A 1 123 ? 0.149   -6.823  2.490   1.00 11.83 ? 89  VAL A N   1 
ATOM   707  C  CA  . VAL A 1 123 ? -0.703  -6.331  3.569   1.00 14.14 ? 89  VAL A CA  1 
ATOM   708  C  C   . VAL A 1 123 ? -0.350  -4.886  3.939   1.00 12.49 ? 89  VAL A C   1 
ATOM   709  O  O   . VAL A 1 123 ? -1.222  -4.112  4.321   1.00 12.41 ? 89  VAL A O   1 
ATOM   710  C  CB  . VAL A 1 123 ? -0.687  -7.272  4.789   1.00 13.46 ? 89  VAL A CB  1 
ATOM   711  C  CG1 . VAL A 1 123 ? -1.514  -6.698  5.938   1.00 13.54 ? 89  VAL A CG1 1 
ATOM   712  C  CG2 . VAL A 1 123 ? -1.219  -8.657  4.389   1.00 12.91 ? 89  VAL A CG2 1 
ATOM   713  N  N   . LEU A 1 124 ? 0.924   -4.525  3.795   1.00 14.66 ? 90  LEU A N   1 
ATOM   714  C  CA  . LEU A 1 124 ? 1.377   -3.157  4.042   1.00 14.11 ? 90  LEU A CA  1 
ATOM   715  C  C   . LEU A 1 124 ? 0.613   -2.202  3.124   1.00 15.79 ? 90  LEU A C   1 
ATOM   716  O  O   . LEU A 1 124 ? 0.144   -1.151  3.562   1.00 15.46 ? 90  LEU A O   1 
ATOM   717  C  CB  . LEU A 1 124 ? 2.876   -3.025  3.771   1.00 15.67 ? 90  LEU A CB  1 
ATOM   718  C  CG  . LEU A 1 124 ? 3.700   -2.027  4.600   1.00 19.22 ? 90  LEU A CG  1 
ATOM   719  C  CD1 . LEU A 1 124 ? 4.862   -1.445  3.804   1.00 13.72 ? 90  LEU A CD1 1 
ATOM   720  C  CD2 . LEU A 1 124 ? 2.870   -0.914  5.212   1.00 13.61 ? 90  LEU A CD2 1 
ATOM   721  N  N   . ALA A 1 125 ? 0.490   -2.583  1.852   1.00 14.34 ? 91  ALA A N   1 
ATOM   722  C  CA  . ALA A 1 125 ? -0.237  -1.782  0.868   1.00 16.30 ? 91  ALA A CA  1 
ATOM   723  C  C   . ALA A 1 125 ? -1.726  -1.659  1.224   1.00 14.23 ? 91  ALA A C   1 
ATOM   724  O  O   . ALA A 1 125 ? -2.328  -0.597  1.067   1.00 14.65 ? 91  ALA A O   1 
ATOM   725  C  CB  . ALA A 1 125 ? -0.062  -2.363  -0.532  1.00 13.85 ? 91  ALA A CB  1 
ATOM   726  N  N   . LYS A 1 126 ? -2.308  -2.746  1.713   1.00 14.27 ? 92  LYS A N   1 
ATOM   727  C  CA  . LYS A 1 126 ? -3.694  -2.720  2.148   1.00 16.53 ? 92  LYS A CA  1 
ATOM   728  C  C   . LYS A 1 126 ? -3.856  -1.836  3.376   1.00 13.76 ? 92  LYS A C   1 
ATOM   729  O  O   . LYS A 1 126 ? -4.801  -1.054  3.464   1.00 15.82 ? 92  LYS A O   1 
ATOM   730  C  CB  . LYS A 1 126 ? -4.202  -4.139  2.435   1.00 17.92 ? 92  LYS A CB  1 
ATOM   731  C  CG  . LYS A 1 126 ? -4.373  -4.992  1.183   1.00 15.67 ? 92  LYS A CG  1 
ATOM   732  C  CD  . LYS A 1 126 ? -4.786  -6.421  1.553   1.00 24.43 ? 92  LYS A CD  1 
ATOM   733  C  CE  . LYS A 1 126 ? -4.582  -7.397  0.389   1.00 28.13 ? 92  LYS A CE  1 
ATOM   734  N  NZ  . LYS A 1 126 ? -5.079  -6.839  -0.899  1.00 30.58 ? 92  LYS A NZ  1 
ATOM   735  N  N   . ALA A 1 127 ? -2.920  -1.944  4.310   1.00 13.11 ? 93  ALA A N   1 
ATOM   736  C  CA  . ALA A 1 127 ? -2.988  -1.149  5.532   1.00 16.26 ? 93  ALA A CA  1 
ATOM   737  C  C   . ALA A 1 127 ? -2.826  0.335   5.226   1.00 14.84 ? 93  ALA A C   1 
ATOM   738  O  O   . ALA A 1 127 ? -3.456  1.181   5.859   1.00 13.43 ? 93  ALA A O   1 
ATOM   739  C  CB  . ALA A 1 127 ? -1.945  -1.607  6.530   1.00 11.17 ? 93  ALA A CB  1 
ATOM   740  N  N   . PHE A 1 128 ? -1.978  0.648   4.252   1.00 14.09 ? 94  PHE A N   1 
ATOM   741  C  CA  . PHE A 1 128 ? -1.800  2.033   3.857   1.00 14.70 ? 94  PHE A CA  1 
ATOM   742  C  C   . PHE A 1 128 ? -3.078  2.576   3.207   1.00 15.86 ? 94  PHE A C   1 
ATOM   743  O  O   . PHE A 1 128 ? -3.451  3.733   3.403   1.00 14.31 ? 94  PHE A O   1 
ATOM   744  C  CB  . PHE A 1 128 ? -0.614  2.198   2.908   1.00 13.45 ? 94  PHE A CB  1 
ATOM   745  C  CG  . PHE A 1 128 ? -0.425  3.608   2.466   1.00 18.26 ? 94  PHE A CG  1 
ATOM   746  C  CD1 . PHE A 1 128 ? 0.127   4.543   3.333   1.00 17.59 ? 94  PHE A CD1 1 
ATOM   747  C  CD2 . PHE A 1 128 ? -0.852  4.020   1.213   1.00 15.26 ? 94  PHE A CD2 1 
ATOM   748  C  CE1 . PHE A 1 128 ? 0.279   5.849   2.951   1.00 17.87 ? 94  PHE A CE1 1 
ATOM   749  C  CE2 . PHE A 1 128 ? -0.711  5.335   0.828   1.00 17.27 ? 94  PHE A CE2 1 
ATOM   750  C  CZ  . PHE A 1 128 ? -0.147  6.251   1.699   1.00 19.35 ? 94  PHE A CZ  1 
ATOM   751  N  N   . ASP A 1 129 ? -3.743  1.729   2.428   1.00 15.72 ? 95  ASP A N   1 
ATOM   752  C  CA  . ASP A 1 129 ? -5.025  2.100   1.849   1.00 16.01 ? 95  ASP A CA  1 
ATOM   753  C  C   . ASP A 1 129 ? -6.029  2.314   2.983   1.00 14.78 ? 95  ASP A C   1 
ATOM   754  O  O   . ASP A 1 129 ? -6.801  3.272   2.974   1.00 14.69 ? 95  ASP A O   1 
ATOM   755  C  CB  . ASP A 1 129 ? -5.511  1.026   0.870   1.00 15.60 ? 95  ASP A CB  1 
ATOM   756  C  CG  . ASP A 1 129 ? -6.802  1.422   0.154   1.00 18.81 ? 95  ASP A CG  1 
ATOM   757  O  OD1 . ASP A 1 129 ? -6.954  2.610   -0.220  1.00 18.26 ? 95  ASP A OD1 1 
ATOM   758  O  OD2 . ASP A 1 129 ? -7.662  0.542   -0.030  1.00 17.65 ? 95  ASP A OD2 1 
ATOM   759  N  N   . GLU A 1 130 ? -5.997  1.424   3.969   1.00 15.41 ? 96  GLU A N   1 
ATOM   760  C  CA  . GLU A 1 130 ? -6.857  1.550   5.144   1.00 17.13 ? 96  GLU A CA  1 
ATOM   761  C  C   . GLU A 1 130 ? -6.650  2.898   5.853   1.00 17.11 ? 96  GLU A C   1 
ATOM   762  O  O   . GLU A 1 130 ? -7.615  3.536   6.268   1.00 18.88 ? 96  GLU A O   1 
ATOM   763  C  CB  . GLU A 1 130 ? -6.613  0.389   6.117   1.00 16.95 ? 96  GLU A CB  1 
ATOM   764  C  CG  . GLU A 1 130 ? -7.508  0.399   7.349   1.00 17.91 ? 96  GLU A CG  1 
ATOM   765  C  CD  . GLU A 1 130 ? -8.971  0.125   7.013   1.00 25.57 ? 96  GLU A CD  1 
ATOM   766  O  OE1 . GLU A 1 130 ? -9.237  -0.684  6.095   1.00 32.85 ? 96  GLU A OE1 1 
ATOM   767  O  OE2 . GLU A 1 130 ? -9.853  0.714   7.667   1.00 22.55 ? 96  GLU A OE2 1 
ATOM   768  N  N   . PHE A 1 131 ? -5.402  3.331   5.996   1.00 14.14 ? 97  PHE A N   1 
ATOM   769  C  CA  . PHE A 1 131 ? -5.140  4.637   6.598   1.00 15.28 ? 97  PHE A CA  1 
ATOM   770  C  C   . PHE A 1 131 ? -5.796  5.764   5.804   1.00 16.18 ? 97  PHE A C   1 
ATOM   771  O  O   . PHE A 1 131 ? -6.460  6.629   6.368   1.00 18.05 ? 97  PHE A O   1 
ATOM   772  C  CB  . PHE A 1 131 ? -3.643  4.940   6.718   1.00 15.66 ? 97  PHE A CB  1 
ATOM   773  C  CG  . PHE A 1 131 ? -3.364  6.387   7.033   1.00 15.07 ? 97  PHE A CG  1 
ATOM   774  C  CD1 . PHE A 1 131 ? -3.629  6.889   8.294   1.00 15.93 ? 97  PHE A CD1 1 
ATOM   775  C  CD2 . PHE A 1 131 ? -2.898  7.253   6.057   1.00 16.73 ? 97  PHE A CD2 1 
ATOM   776  C  CE1 . PHE A 1 131 ? -3.401  8.224   8.594   1.00 17.23 ? 97  PHE A CE1 1 
ATOM   777  C  CE2 . PHE A 1 131 ? -2.683  8.587   6.342   1.00 18.14 ? 97  PHE A CE2 1 
ATOM   778  C  CZ  . PHE A 1 131 ? -2.931  9.073   7.615   1.00 17.90 ? 97  PHE A CZ  1 
ATOM   779  N  N   . CYS A 1 132 ? -5.591  5.752   4.494   1.00 16.53 ? 98  CYS A N   1 
ATOM   780  C  CA  . CYS A 1 132 ? -6.107  6.805   3.637   1.00 19.07 ? 98  CYS A CA  1 
ATOM   781  C  C   . CYS A 1 132 ? -7.636  6.866   3.708   1.00 19.34 ? 98  CYS A C   1 
ATOM   782  O  O   . CYS A 1 132 ? -8.211  7.946   3.776   1.00 19.30 ? 98  CYS A O   1 
ATOM   783  C  CB  . CYS A 1 132 ? -5.632  6.616   2.195   1.00 17.52 ? 98  CYS A CB  1 
ATOM   784  S  SG  . CYS A 1 132 ? -3.843  6.842   1.953   1.00 15.81 ? 98  CYS A SG  1 
ATOM   785  N  N   . LYS A 1 133 ? -8.280  5.703   3.700   1.00 17.50 ? 99  LYS A N   1 
ATOM   786  C  CA  . LYS A 1 133 ? -9.730  5.622   3.864   1.00 20.02 ? 99  LYS A CA  1 
ATOM   787  C  C   . LYS A 1 133 ? -10.214 6.146   5.220   1.00 22.33 ? 99  LYS A C   1 
ATOM   788  O  O   . LYS A 1 133 ? -11.266 6.783   5.309   1.00 23.29 ? 99  LYS A O   1 
ATOM   789  C  CB  . LYS A 1 133 ? -10.215 4.185   3.658   1.00 19.59 ? 99  LYS A CB  1 
ATOM   790  C  CG  . LYS A 1 133 ? -11.659 3.957   4.064   1.00 27.76 ? 99  LYS A CG  1 
ATOM   791  C  CD  . LYS A 1 133 ? -12.199 2.671   3.456   1.00 30.63 ? 99  LYS A CD  1 
ATOM   792  C  CE  . LYS A 1 133 ? -11.072 1.690   3.130   1.00 32.23 ? 99  LYS A CE  1 
ATOM   793  N  NZ  . LYS A 1 133 ? -11.599 0.433   2.492   1.00 34.67 ? 99  LYS A NZ  1 
ATOM   794  N  N   . LYS A 1 134 ? -9.455  5.871   6.274   1.00 17.19 ? 100 LYS A N   1 
ATOM   795  C  CA  . LYS A 1 134 ? -9.827  6.330   7.608   1.00 22.43 ? 100 LYS A CA  1 
ATOM   796  C  C   . LYS A 1 134 ? -9.761  7.854   7.766   1.00 20.54 ? 100 LYS A C   1 
ATOM   797  O  O   . LYS A 1 134 ? -10.547 8.436   8.504   1.00 24.33 ? 100 LYS A O   1 
ATOM   798  C  CB  . LYS A 1 134 ? -8.982  5.630   8.684   1.00 21.67 ? 100 LYS A CB  1 
ATOM   799  C  CG  . LYS A 1 134 ? -9.283  4.139   8.806   1.00 23.94 ? 100 LYS A CG  1 
ATOM   800  C  CD  . LYS A 1 134 ? -8.204  3.405   9.599   1.00 23.73 ? 100 LYS A CD  1 
ATOM   801  C  CE  . LYS A 1 134 ? -8.218  3.835   11.050  1.00 19.46 ? 100 LYS A CE  1 
ATOM   802  N  NZ  . LYS A 1 134 ? -9.483  3.421   11.715  1.00 23.36 ? 100 LYS A NZ  1 
ATOM   803  N  N   . ILE A 1 135 ? -8.837  8.496   7.089   1.00 20.37 ? 101 ILE A N   1 
ATOM   804  C  CA  . ILE A 1 135 ? -8.691  9.915   7.231   1.00 22.71 ? 101 ILE A CA  1 
ATOM   805  C  C   . ILE A 1 135 ? -9.259  10.701  6.073   1.00 24.81 ? 101 ILE A C   1 
ATOM   806  O  O   . ILE A 1 135 ? -9.366  11.859  6.161   1.00 22.56 ? 101 ILE A O   1 
ATOM   807  C  CB  . ILE A 1 135 ? -7.249  10.376  7.531   1.00 25.15 ? 101 ILE A CB  1 
ATOM   808  C  CG1 . ILE A 1 135 ? -6.401  10.342  6.289   1.00 19.80 ? 101 ILE A CG1 1 
ATOM   809  C  CG2 . ILE A 1 135 ? -6.594  9.570   8.655   1.00 27.59 ? 101 ILE A CG2 1 
ATOM   810  C  CD1 . ILE A 1 135 ? -5.445  11.335  6.284   1.00 22.31 ? 101 ILE A CD1 1 
ATOM   811  N  N   . GLU A 1 136 ? -9.656  10.002  5.022   1.00 27.08 ? 102 GLU A N   1 
ATOM   812  C  CA  . GLU A 1 136 ? -10.175 10.535  3.772   1.00 25.73 ? 102 GLU A CA  1 
ATOM   813  C  C   . GLU A 1 136 ? -9.065  10.776  2.818   1.00 24.62 ? 102 GLU A C   1 
ATOM   814  O  O   . GLU A 1 136 ? -8.068  11.312  3.185   1.00 22.58 ? 102 GLU A O   1 
ATOM   815  C  CB  . GLU A 1 136 ? -10.994 11.796  3.938   1.00 30.27 ? 102 GLU A CB  1 
ATOM   816  C  CG  . GLU A 1 136 ? -12.382 11.606  4.442   1.00 34.35 ? 102 GLU A CG  1 
ATOM   817  C  CD  . GLU A 1 136 ? -13.069 12.927  4.797   1.00 39.58 ? 102 GLU A CD  1 
ATOM   818  O  OE1 . GLU A 1 136 ? -12.866 13.916  4.102   1.00 35.93 ? 102 GLU A OE1 1 
ATOM   819  O  OE2 . GLU A 1 136 ? -13.806 12.963  5.767   1.00 42.50 ? 102 GLU A OE2 1 
ATOM   820  N  N   . TYR A 1 137 ? -9.273  10.361  1.587   1.00 17.52 ? 103 TYR A N   1 
ATOM   821  C  CA  . TYR A 1 137 ? -8.278  10.439  0.554   1.00 18.45 ? 103 TYR A CA  1 
ATOM   822  C  C   . TYR A 1 137 ? -7.724  11.830  0.278   1.00 22.05 ? 103 TYR A C   1 
ATOM   823  O  O   . TYR A 1 137 ? -6.561  11.992  0.197   1.00 22.52 ? 103 TYR A O   1 
ATOM   824  C  CB  . TYR A 1 137 ? -8.726  9.686   -0.718  1.00 21.68 ? 103 TYR A CB  1 
ATOM   825  C  CG  . TYR A 1 137 ? -8.784  8.186   -0.534  1.00 20.52 ? 103 TYR A CG  1 
ATOM   826  C  CD1 . TYR A 1 137 ? -7.716  7.404   -0.834  1.00 18.53 ? 103 TYR A CD1 1 
ATOM   827  C  CD2 . TYR A 1 137 ? -9.903  7.570   -0.008  1.00 21.07 ? 103 TYR A CD2 1 
ATOM   828  C  CE1 . TYR A 1 137 ? -7.762  6.080   -0.658  1.00 19.92 ? 103 TYR A CE1 1 
ATOM   829  C  CE2 . TYR A 1 137 ? -9.942  6.247   0.211   1.00 19.29 ? 103 TYR A CE2 1 
ATOM   830  C  CZ  . TYR A 1 137 ? -8.883  5.490   -0.131  1.00 20.91 ? 103 TYR A CZ  1 
ATOM   831  O  OH  . TYR A 1 137 ? -8.906  4.172   0.098   1.00 19.23 ? 103 TYR A OH  1 
ATOM   832  N  N   . LYS A 1 138 ? -8.565  12.829  0.163   1.00 22.28 ? 104 LYS A N   1 
ATOM   833  C  CA  . LYS A 1 138 ? -8.096  14.179  -0.023  1.00 26.64 ? 104 LYS A CA  1 
ATOM   834  C  C   . LYS A 1 138 ? -7.214  14.661  1.118   1.00 26.57 ? 104 LYS A C   1 
ATOM   835  O  O   . LYS A 1 138 ? -6.228  15.275  0.883   1.00 25.02 ? 104 LYS A O   1 
ATOM   836  C  CB  . LYS A 1 138 ? -9.233  15.158  -0.251  1.00 23.17 ? 104 LYS A CB  1 
ATOM   837  C  CG  . LYS A 1 138 ? -8.780  16.515  -0.648  1.00 29.40 ? 104 LYS A CG  1 
ATOM   838  C  CD  . LYS A 1 138 ? -9.941  17.353  -1.130  1.00 33.52 ? 104 LYS A CD  1 
ATOM   839  C  CE  . LYS A 1 138 ? -9.845  18.817  -0.735  1.00 43.32 ? 104 LYS A CE  1 
ATOM   840  N  NZ  . LYS A 1 138 ? -8.721  19.506  -1.322  1.00 35.61 ? 104 LYS A NZ  1 
ATOM   841  N  N   . LYS A 1 139 ? -7.583  14.351  2.343   1.00 24.37 ? 105 LYS A N   1 
ATOM   842  C  CA  . LYS A 1 139 ? -6.790  14.748  3.503   1.00 22.57 ? 105 LYS A CA  1 
ATOM   843  C  C   . LYS A 1 139 ? -5.501  13.936  3.658   1.00 23.16 ? 105 LYS A C   1 
ATOM   844  O  O   . LYS A 1 139 ? -4.582  14.355  4.357   1.00 25.41 ? 105 LYS A O   1 
ATOM   845  C  CB  . LYS A 1 139 ? -7.629  14.646  4.780   1.00 23.87 ? 105 LYS A CB  1 
ATOM   846  C  CG  . LYS A 1 139 ? -8.770  15.652  4.853   1.00 31.63 ? 105 LYS A CG  1 
ATOM   847  C  CD  . LYS A 1 139 ? -9.761  15.291  5.956   1.00 35.14 ? 105 LYS A CD  1 
ATOM   848  C  CE  . LYS A 1 139 ? -10.892 16.307  6.044   1.00 46.36 ? 105 LYS A CE  1 
ATOM   849  N  NZ  . LYS A 1 139 ? -11.738 16.098  7.260   1.00 52.23 ? 105 LYS A NZ  1 
ATOM   850  N  N   . ALA A 1 140 ? -5.440  12.770  3.020   1.00 20.62 ? 106 ALA A N   1 
ATOM   851  C  CA  . ALA A 1 140 ? -4.271  11.905  3.120   1.00 20.91 ? 106 ALA A CA  1 
ATOM   852  C  C   . ALA A 1 140 ? -3.219  12.248  2.074   1.00 21.37 ? 106 ALA A C   1 
ATOM   853  O  O   . ALA A 1 140 ? -2.152  11.640  2.037   1.00 21.05 ? 106 ALA A O   1 
ATOM   854  C  CB  . ALA A 1 140 ? -4.673  10.423  3.008   1.00 21.69 ? 106 ALA A CB  1 
ATOM   855  N  N   . LEU A 1 141 ? -3.521  13.223  1.224   1.00 21.22 ? 107 LEU A N   1 
ATOM   856  C  CA  . LEU A 1 141 ? -2.611  13.592  0.145   1.00 19.44 ? 107 LEU A CA  1 
ATOM   857  C  C   . LEU A 1 141 ? -1.168  13.852  0.594   1.00 20.79 ? 107 LEU A C   1 
ATOM   858  O  O   . LEU A 1 141 ? -0.227  13.378  -0.045  1.00 20.10 ? 107 LEU A O   1 
ATOM   859  C  CB  . LEU A 1 141 ? -3.166  14.770  -0.660  1.00 22.57 ? 107 LEU A CB  1 
ATOM   860  C  CG  . LEU A 1 141 ? -4.402  14.454  -1.520  1.00 21.80 ? 107 LEU A CG  1 
ATOM   861  C  CD1 . LEU A 1 141 ? -4.816  15.666  -2.343  1.00 21.35 ? 107 LEU A CD1 1 
ATOM   862  C  CD2 . LEU A 1 141 ? -4.157  13.251  -2.426  1.00 19.09 ? 107 LEU A CD2 1 
ATOM   863  N  N   . PRO A 1 142 ? -0.985  14.606  1.692   1.00 21.56 ? 108 PRO A N   1 
ATOM   864  C  CA  . PRO A 1 142 ? 0.386   14.867  2.145   1.00 23.31 ? 108 PRO A CA  1 
ATOM   865  C  C   . PRO A 1 142 ? 1.123   13.570  2.490   1.00 21.18 ? 108 PRO A C   1 
ATOM   866  O  O   . PRO A 1 142 ? 2.325   13.447  2.249   1.00 19.31 ? 108 PRO A O   1 
ATOM   867  C  CB  . PRO A 1 142 ? 0.183   15.719  3.406   1.00 21.68 ? 108 PRO A CB  1 
ATOM   868  C  CG  . PRO A 1 142 ? -1.131  16.379  3.197   1.00 23.69 ? 108 PRO A CG  1 
ATOM   869  C  CD  . PRO A 1 142 ? -1.978  15.375  2.461   1.00 19.59 ? 108 PRO A CD  1 
ATOM   870  N  N   . ILE A 1 143 ? 0.406   12.605  3.046   1.00 18.51 ? 109 ILE A N   1 
ATOM   871  C  CA  . ILE A 1 143 ? 1.042   11.352  3.433   1.00 19.73 ? 109 ILE A CA  1 
ATOM   872  C  C   . ILE A 1 143 ? 1.262   10.451  2.221   1.00 16.58 ? 109 ILE A C   1 
ATOM   873  O  O   . ILE A 1 143 ? 2.287   9.776   2.110   1.00 18.18 ? 109 ILE A O   1 
ATOM   874  C  CB  . ILE A 1 143 ? 0.278   10.659  4.577   1.00 24.59 ? 109 ILE A CB  1 
ATOM   875  C  CG1 . ILE A 1 143 ? 0.474   11.475  5.861   1.00 25.68 ? 109 ILE A CG1 1 
ATOM   876  C  CG2 . ILE A 1 143 ? 0.780   9.230   4.785   1.00 18.82 ? 109 ILE A CG2 1 
ATOM   877  C  CD1 . ILE A 1 143 ? -0.690  11.401  6.829   1.00 28.33 ? 109 ILE A CD1 1 
ATOM   878  N  N   . ILE A 1 144 ? 0.320   10.478  1.288   1.00 18.60 ? 110 ILE A N   1 
ATOM   879  C  CA  . ILE A 1 144 ? 0.507   9.781   0.022   1.00 20.28 ? 110 ILE A CA  1 
ATOM   880  C  C   . ILE A 1 144 ? 1.765   10.296  -0.694  1.00 18.09 ? 110 ILE A C   1 
ATOM   881  O  O   . ILE A 1 144 ? 2.573   9.513   -1.182  1.00 18.73 ? 110 ILE A O   1 
ATOM   882  C  CB  . ILE A 1 144 ? -0.731  9.915   -0.887  1.00 16.62 ? 110 ILE A CB  1 
ATOM   883  C  CG1 . ILE A 1 144 ? -1.921  9.170   -0.259  1.00 17.99 ? 110 ILE A CG1 1 
ATOM   884  C  CG2 . ILE A 1 144 ? -0.423  9.381   -2.283  1.00 13.17 ? 110 ILE A CG2 1 
ATOM   885  C  CD1 . ILE A 1 144 ? -3.287  9.606   -0.768  1.00 13.89 ? 110 ILE A CD1 1 
ATOM   886  N  N   . ASP A 1 145 ? 1.934   11.613  -0.731  1.00 17.10 ? 111 ASP A N   1 
ATOM   887  C  CA  . ASP A 1 145 ? 3.091   12.209  -1.390  1.00 20.32 ? 111 ASP A CA  1 
ATOM   888  C  C   . ASP A 1 145 ? 4.391   11.813  -0.703  1.00 19.10 ? 111 ASP A C   1 
ATOM   889  O  O   . ASP A 1 145 ? 5.373   11.472  -1.354  1.00 19.51 ? 111 ASP A O   1 
ATOM   890  C  CB  . ASP A 1 145 ? 2.949   13.734  -1.431  1.00 23.18 ? 111 ASP A CB  1 
ATOM   891  C  CG  . ASP A 1 145 ? 1.991   14.192  -2.511  1.00 28.39 ? 111 ASP A CG  1 
ATOM   892  O  OD1 . ASP A 1 145 ? 1.716   13.382  -3.428  1.00 27.75 ? 111 ASP A OD1 1 
ATOM   893  O  OD2 . ASP A 1 145 ? 1.515   15.347  -2.447  1.00 33.63 ? 111 ASP A OD2 1 
ATOM   894  N  N   . GLU A 1 146 ? 4.378   11.858  0.623   1.00 19.28 ? 112 GLU A N   1 
ATOM   895  C  CA  . GLU A 1 146 ? 5.541   11.502  1.428   1.00 20.18 ? 112 GLU A CA  1 
ATOM   896  C  C   . GLU A 1 146 ? 5.963   10.044  1.218   1.00 21.24 ? 112 GLU A C   1 
ATOM   897  O  O   . GLU A 1 146 ? 7.150   9.752   1.058   1.00 21.49 ? 112 GLU A O   1 
ATOM   898  C  CB  . GLU A 1 146 ? 5.243   11.779  2.902   1.00 19.14 ? 112 GLU A CB  1 
ATOM   899  C  CG  . GLU A 1 146 ? 6.210   11.144  3.878   1.00 25.92 ? 112 GLU A CG  1 
ATOM   900  C  CD  . GLU A 1 146 ? 5.753   11.327  5.311   1.00 27.01 ? 112 GLU A CD  1 
ATOM   901  O  OE1 . GLU A 1 146 ? 5.562   10.314  6.015   1.00 26.95 ? 112 GLU A OE1 1 
ATOM   902  O  OE2 . GLU A 1 146 ? 5.557   12.488  5.721   1.00 38.29 ? 112 GLU A OE2 1 
ATOM   903  N  N   . TRP A 1 147 ? 4.993   9.133   1.199   1.00 19.88 ? 113 TRP A N   1 
ATOM   904  C  CA  . TRP A 1 147 ? 5.289   7.717   0.968   1.00 18.36 ? 113 TRP A CA  1 
ATOM   905  C  C   . TRP A 1 147 ? 5.827   7.477   -0.439  1.00 17.60 ? 113 TRP A C   1 
ATOM   906  O  O   . TRP A 1 147 ? 6.739   6.679   -0.640  1.00 18.12 ? 113 TRP A O   1 
ATOM   907  C  CB  . TRP A 1 147 ? 4.048   6.858   1.217   1.00 18.03 ? 113 TRP A CB  1 
ATOM   908  C  CG  . TRP A 1 147 ? 3.822   6.552   2.666   1.00 19.43 ? 113 TRP A CG  1 
ATOM   909  C  CD1 . TRP A 1 147 ? 3.781   7.451   3.698   1.00 17.65 ? 113 TRP A CD1 1 
ATOM   910  C  CD2 . TRP A 1 147 ? 3.601   5.260   3.251   1.00 17.53 ? 113 TRP A CD2 1 
ATOM   911  N  NE1 . TRP A 1 147 ? 3.552   6.799   4.885   1.00 19.01 ? 113 TRP A NE1 1 
ATOM   912  C  CE2 . TRP A 1 147 ? 3.435   5.454   4.642   1.00 18.98 ? 113 TRP A CE2 1 
ATOM   913  C  CE3 . TRP A 1 147 ? 3.538   3.961   2.739   1.00 16.15 ? 113 TRP A CE3 1 
ATOM   914  C  CZ2 . TRP A 1 147 ? 3.205   4.398   5.525   1.00 16.08 ? 113 TRP A CZ2 1 
ATOM   915  C  CZ3 . TRP A 1 147 ? 3.300   2.909   3.620   1.00 15.89 ? 113 TRP A CZ3 1 
ATOM   916  C  CH2 . TRP A 1 147 ? 3.138   3.137   4.996   1.00 14.92 ? 113 TRP A CH2 1 
ATOM   917  N  N   . LEU A 1 148 ? 5.258   8.181   -1.409  1.00 19.77 ? 114 LEU A N   1 
ATOM   918  C  CA  . LEU A 1 148 ? 5.664   8.034   -2.801  1.00 21.95 ? 114 LEU A CA  1 
ATOM   919  C  C   . LEU A 1 148 ? 7.104   8.506   -3.033  1.00 24.64 ? 114 LEU A C   1 
ATOM   920  O  O   . LEU A 1 148 ? 7.774   8.049   -3.965  1.00 21.19 ? 114 LEU A O   1 
ATOM   921  C  CB  . LEU A 1 148 ? 4.713   8.811   -3.708  1.00 20.83 ? 114 LEU A CB  1 
ATOM   922  C  CG  . LEU A 1 148 ? 3.322   8.216   -3.931  1.00 19.98 ? 114 LEU A CG  1 
ATOM   923  C  CD1 . LEU A 1 148 ? 2.501   9.115   -4.833  1.00 16.95 ? 114 LEU A CD1 1 
ATOM   924  C  CD2 . LEU A 1 148 ? 3.449   6.832   -4.532  1.00 19.51 ? 114 LEU A CD2 1 
ATOM   925  N  N   . LYS A 1 149 ? 7.569   9.419   -2.187  1.00 23.15 ? 115 LYS A N   1 
ATOM   926  C  CA  . LYS A 1 149 ? 8.914   9.972   -2.332  1.00 24.93 ? 115 LYS A CA  1 
ATOM   927  C  C   . LYS A 1 149 ? 9.906   9.389   -1.328  1.00 25.84 ? 115 LYS A C   1 
ATOM   928  O  O   . LYS A 1 149 ? 11.080  9.753   -1.323  1.00 22.69 ? 115 LYS A O   1 
ATOM   929  C  CB  . LYS A 1 149 ? 8.879   11.502  -2.243  1.00 25.85 ? 115 LYS A CB  1 
ATOM   930  C  CG  . LYS A 1 149 ? 8.270   12.151  -3.483  1.00 31.84 ? 115 LYS A CG  1 
ATOM   931  C  CD  . LYS A 1 149 ? 8.332   13.671  -3.447  1.00 38.68 ? 115 LYS A CD  1 
ATOM   932  C  CE  . LYS A 1 149 ? 7.176   14.255  -2.657  1.00 40.71 ? 115 LYS A CE  1 
ATOM   933  N  NZ  . LYS A 1 149 ? 5.855   13.796  -3.191  1.00 38.52 ? 115 LYS A NZ  1 
ATOM   934  N  N   . SER A 1 150 ? 9.436   8.473   -0.486  1.00 24.46 ? 116 SER A N   1 
ATOM   935  C  CA  . SER A 1 150 ? 10.311  7.825   0.484   1.00 22.61 ? 116 SER A CA  1 
ATOM   936  C  C   . SER A 1 150 ? 11.475  7.140   -0.211  1.00 27.12 ? 116 SER A C   1 
ATOM   937  O  O   . SER A 1 150 ? 11.411  6.843   -1.405  1.00 27.24 ? 116 SER A O   1 
ATOM   938  C  CB  . SER A 1 150 ? 9.541   6.810   1.325   1.00 23.01 ? 116 SER A CB  1 
ATOM   939  O  OG  . SER A 1 150 ? 10.427  5.873   1.920   1.00 26.78 ? 116 SER A OG  1 
ATOM   940  N  N   . SER A 1 151 ? 12.536  6.883   0.549   1.00 24.42 ? 117 SER A N   1 
ATOM   941  C  CA  . SER A 1 151 ? 13.739  6.277   0.000   1.00 22.12 ? 117 SER A CA  1 
ATOM   942  C  C   . SER A 1 151 ? 13.639  4.761   0.016   1.00 19.46 ? 117 SER A C   1 
ATOM   943  O  O   . SER A 1 151 ? 14.361  4.085   -0.714  1.00 22.33 ? 117 SER A O   1 
ATOM   944  C  CB  . SER A 1 151 ? 14.982  6.740   0.772   1.00 28.82 ? 117 SER A CB  1 
ATOM   945  O  OG  . SER A 1 151 ? 15.076  6.092   2.032   1.00 30.30 ? 117 SER A OG  1 
ATOM   946  N  N   . ASN A 1 152 ? 12.755  4.221   0.851   1.00 21.51 ? 118 ASN A N   1 
ATOM   947  C  CA  . ASN A 1 152 ? 12.525  2.775   0.860   1.00 20.99 ? 118 ASN A CA  1 
ATOM   948  C  C   . ASN A 1 152 ? 11.623  2.391   -0.298  1.00 18.69 ? 118 ASN A C   1 
ATOM   949  O  O   . ASN A 1 152 ? 10.462  2.804   -0.352  1.00 19.52 ? 118 ASN A O   1 
ATOM   950  C  CB  . ASN A 1 152 ? 11.905  2.301   2.183   1.00 18.48 ? 118 ASN A CB  1 
ATOM   951  C  CG  . ASN A 1 152 ? 11.946  0.781   2.344   1.00 24.99 ? 118 ASN A CG  1 
ATOM   952  O  OD1 . ASN A 1 152 ? 11.987  0.030   1.362   1.00 22.28 ? 118 ASN A OD1 1 
ATOM   953  N  ND2 . ASN A 1 152 ? 11.939  0.322   3.593   1.00 24.09 ? 118 ASN A ND2 1 
ATOM   954  N  N   . LEU A 1 153 ? 12.155  1.603   -1.223  1.00 19.33 ? 119 LEU A N   1 
ATOM   955  C  CA  . LEU A 1 153 ? 11.391  1.199   -2.394  1.00 21.40 ? 119 LEU A CA  1 
ATOM   956  C  C   . LEU A 1 153 ? 10.080  0.500   -2.004  1.00 18.19 ? 119 LEU A C   1 
ATOM   957  O  O   . LEU A 1 153 ? 9.107   0.574   -2.728  1.00 15.36 ? 119 LEU A O   1 
ATOM   958  C  CB  . LEU A 1 153 ? 12.237  0.322   -3.324  1.00 15.74 ? 119 LEU A CB  1 
ATOM   959  C  CG  . LEU A 1 153 ? 12.572  -1.114  -2.895  1.00 21.21 ? 119 LEU A CG  1 
ATOM   960  C  CD1 . LEU A 1 153 ? 11.449  -2.081  -3.266  1.00 17.14 ? 119 LEU A CD1 1 
ATOM   961  C  CD2 . LEU A 1 153 ? 13.897  -1.569  -3.516  1.00 20.29 ? 119 LEU A CD2 1 
ATOM   962  N  N   . HIS A 1 154 ? 10.060  -0.171  -0.856  1.00 19.39 ? 120 HIS A N   1 
ATOM   963  C  CA  . HIS A 1 154 ? 8.848   -0.864  -0.414  1.00 17.43 ? 120 HIS A CA  1 
ATOM   964  C  C   . HIS A 1 154 ? 7.787   0.119   0.067   1.00 14.99 ? 120 HIS A C   1 
ATOM   965  O  O   . HIS A 1 154 ? 6.584   -0.130  -0.061  1.00 20.04 ? 120 HIS A O   1 
ATOM   966  C  CB  . HIS A 1 154 ? 9.159   -1.897  0.666   1.00 16.66 ? 120 HIS A CB  1 
ATOM   967  C  CG  . HIS A 1 154 ? 10.114  -2.959  0.220   1.00 21.95 ? 120 HIS A CG  1 
ATOM   968  N  ND1 . HIS A 1 154 ? 9.697   -4.167  -0.301  1.00 21.31 ? 120 HIS A ND1 1 
ATOM   969  C  CD2 . HIS A 1 154 ? 11.470  -2.994  0.212   1.00 18.64 ? 120 HIS A CD2 1 
ATOM   970  C  CE1 . HIS A 1 154 ? 10.754  -4.898  -0.611  1.00 24.23 ? 120 HIS A CE1 1 
ATOM   971  N  NE2 . HIS A 1 154 ? 11.842  -4.209  -0.312  1.00 23.81 ? 120 HIS A NE2 1 
ATOM   972  N  N   . THR A 1 155 ? 8.232   1.244   0.608   1.00 16.72 ? 121 THR A N   1 
ATOM   973  C  CA  . THR A 1 155 ? 7.312   2.289   1.028   1.00 17.27 ? 121 THR A CA  1 
ATOM   974  C  C   . THR A 1 155 ? 6.623   2.861   -0.207  1.00 17.39 ? 121 THR A C   1 
ATOM   975  O  O   . THR A 1 155 ? 5.408   3.054   -0.223  1.00 16.31 ? 121 THR A O   1 
ATOM   976  C  CB  . THR A 1 155 ? 8.049   3.396   1.799   1.00 17.32 ? 121 THR A CB  1 
ATOM   977  O  OG1 . THR A 1 155 ? 8.638   2.833   2.973   1.00 14.08 ? 121 THR A OG1 1 
ATOM   978  C  CG2 . THR A 1 155 ? 7.097   4.510   2.202   1.00 16.00 ? 121 THR A CG2 1 
ATOM   979  N  N   . ARG A 1 156 ? 7.413   3.103   -1.244  1.00 14.84 ? 122 ARG A N   1 
ATOM   980  C  CA  . ARG A 1 156 ? 6.896   3.635   -2.496  1.00 18.65 ? 122 ARG A CA  1 
ATOM   981  C  C   . ARG A 1 156 ? 5.911   2.663   -3.158  1.00 15.72 ? 122 ARG A C   1 
ATOM   982  O  O   . ARG A 1 156 ? 4.840   3.081   -3.601  1.00 14.35 ? 122 ARG A O   1 
ATOM   983  C  CB  . ARG A 1 156 ? 8.043   4.020   -3.447  1.00 18.18 ? 122 ARG A CB  1 
ATOM   984  C  CG  . ARG A 1 156 ? 9.046   5.027   -2.843  1.00 18.57 ? 122 ARG A CG  1 
ATOM   985  C  CD  . ARG A 1 156 ? 9.909   5.736   -3.916  1.00 21.18 ? 122 ARG A CD  1 
ATOM   986  N  NE  . ARG A 1 156 ? 10.724  4.811   -4.702  1.00 15.03 ? 122 ARG A NE  1 
ATOM   987  C  CZ  . ARG A 1 156 ? 11.861  4.264   -4.277  1.00 19.64 ? 122 ARG A CZ  1 
ATOM   988  N  NH1 . ARG A 1 156 ? 12.328  4.544   -3.064  1.00 19.72 ? 122 ARG A NH1 1 
ATOM   989  N  NH2 . ARG A 1 156 ? 12.534  3.431   -5.060  1.00 19.36 ? 122 ARG A NH2 1 
ATOM   990  N  N   . ARG A 1 157 ? 6.251   1.372   -3.202  1.00 16.74 ? 123 ARG A N   1 
ATOM   991  C  CA  . ARG A 1 157 ? 5.348   0.400   -3.810  1.00 14.67 ? 123 ARG A CA  1 
ATOM   992  C  C   . ARG A 1 157 ? 4.022   0.270   -3.059  1.00 16.28 ? 123 ARG A C   1 
ATOM   993  O  O   . ARG A 1 157 ? 2.969   0.133   -3.686  1.00 15.86 ? 123 ARG A O   1 
ATOM   994  C  CB  . ARG A 1 157 ? 5.975   -0.994  -4.005  1.00 16.63 ? 123 ARG A CB  1 
ATOM   995  C  CG  . ARG A 1 157 ? 5.254   -1.751  -5.143  1.00 26.28 ? 123 ARG A CG  1 
ATOM   996  C  CD  . ARG A 1 157 ? 4.989   -3.262  -4.950  1.00 22.05 ? 123 ARG A CD  1 
ATOM   997  N  NE  . ARG A 1 157 ? 3.974   -3.565  -3.957  1.00 23.08 ? 123 ARG A NE  1 
ATOM   998  C  CZ  . ARG A 1 157 ? 3.103   -4.577  -4.023  1.00 22.07 ? 123 ARG A CZ  1 
ATOM   999  N  NH1 . ARG A 1 157 ? 3.072   -5.398  -5.062  1.00 21.18 ? 123 ARG A NH1 1 
ATOM   1000 N  NH2 . ARG A 1 157 ? 2.233   -4.756  -3.038  1.00 22.76 ? 123 ARG A NH2 1 
ATOM   1001 N  N   . ALA A 1 158 ? 4.082   0.310   -1.727  1.00 16.26 ? 124 ALA A N   1 
ATOM   1002 C  CA  . ALA A 1 158 ? 2.900   0.121   -0.891  1.00 16.55 ? 124 ALA A CA  1 
ATOM   1003 C  C   . ALA A 1 158 ? 1.875   1.208   -1.149  1.00 14.97 ? 124 ALA A C   1 
ATOM   1004 O  O   . ALA A 1 158 ? 0.678   0.941   -1.147  1.00 13.26 ? 124 ALA A O   1 
ATOM   1005 C  CB  . ALA A 1 158 ? 3.273   0.058   0.622   1.00 12.04 ? 124 ALA A CB  1 
ATOM   1006 N  N   . ALA A 1 159 ? 2.346   2.431   -1.374  1.00 14.03 ? 125 ALA A N   1 
ATOM   1007 C  CA  . ALA A 1 159 ? 1.443   3.532   -1.701  1.00 14.60 ? 125 ALA A CA  1 
ATOM   1008 C  C   . ALA A 1 159 ? 0.879   3.362   -3.108  1.00 16.18 ? 125 ALA A C   1 
ATOM   1009 O  O   . ALA A 1 159 ? -0.329  3.497   -3.329  1.00 18.77 ? 125 ALA A O   1 
ATOM   1010 C  CB  . ALA A 1 159 ? 2.158   4.871   -1.581  1.00 14.61 ? 125 ALA A CB  1 
ATOM   1011 N  N   . THR A 1 160 ? 1.760   3.073   -4.062  1.00 12.90 ? 126 THR A N   1 
ATOM   1012 C  CA  . THR A 1 160 ? 1.345   2.930   -5.456  1.00 17.19 ? 126 THR A CA  1 
ATOM   1013 C  C   . THR A 1 160 ? 0.351   1.784   -5.625  1.00 15.90 ? 126 THR A C   1 
ATOM   1014 O  O   . THR A 1 160 ? -0.698  1.948   -6.248  1.00 17.54 ? 126 THR A O   1 
ATOM   1015 C  CB  . THR A 1 160 ? 2.547   2.685   -6.382  1.00 16.52 ? 126 THR A CB  1 
ATOM   1016 O  OG1 . THR A 1 160 ? 3.510   3.728   -6.200  1.00 22.89 ? 126 THR A OG1 1 
ATOM   1017 C  CG2 . THR A 1 160 ? 2.100   2.662   -7.844  1.00 18.23 ? 126 THR A CG2 1 
ATOM   1018 N  N   . GLU A 1 161 ? 0.693   0.631   -5.056  1.00 13.58 ? 127 GLU A N   1 
ATOM   1019 C  CA  . GLU A 1 161 ? -0.110  -0.576  -5.193  1.00 17.14 ? 127 GLU A CA  1 
ATOM   1020 C  C   . GLU A 1 161 ? -1.364  -0.547  -4.323  1.00 16.88 ? 127 GLU A C   1 
ATOM   1021 O  O   . GLU A 1 161 ? -2.421  -1.029  -4.735  1.00 15.76 ? 127 GLU A O   1 
ATOM   1022 C  CB  . GLU A 1 161 ? 0.730   -1.820  -4.856  1.00 16.95 ? 127 GLU A CB  1 
ATOM   1023 C  CG  . GLU A 1 161 ? 0.008   -3.145  -5.075  1.00 20.25 ? 127 GLU A CG  1 
ATOM   1024 C  CD  . GLU A 1 161 ? -0.152  -3.474  -6.550  1.00 15.78 ? 127 GLU A CD  1 
ATOM   1025 O  OE1 . GLU A 1 161 ? 0.629   -2.943  -7.352  1.00 17.43 ? 127 GLU A OE1 1 
ATOM   1026 O  OE2 . GLU A 1 161 ? -1.042  -4.270  -6.909  1.00 21.40 ? 127 GLU A OE2 1 
ATOM   1027 N  N   . GLY A 1 162 ? -1.244  0.012   -3.120  1.00 16.05 ? 128 GLY A N   1 
ATOM   1028 C  CA  . GLY A 1 162 ? -2.330  -0.027  -2.149  1.00 16.51 ? 128 GLY A CA  1 
ATOM   1029 C  C   . GLY A 1 162 ? -3.582  0.739   -2.561  1.00 17.82 ? 128 GLY A C   1 
ATOM   1030 O  O   . GLY A 1 162 ? -4.699  0.361   -2.198  1.00 14.66 ? 128 GLY A O   1 
ATOM   1031 N  N   . LEU A 1 163 ? -3.392  1.825   -3.309  1.00 16.10 ? 129 LEU A N   1 
ATOM   1032 C  CA  . LEU A 1 163 ? -4.511  2.651   -3.765  1.00 16.67 ? 129 LEU A CA  1 
ATOM   1033 C  C   . LEU A 1 163 ? -5.157  2.161   -5.071  1.00 17.16 ? 129 LEU A C   1 
ATOM   1034 O  O   . LEU A 1 163 ? -6.147  2.729   -5.523  1.00 14.89 ? 129 LEU A O   1 
ATOM   1035 C  CB  . LEU A 1 163 ? -4.078  4.123   -3.903  1.00 17.22 ? 129 LEU A CB  1 
ATOM   1036 C  CG  . LEU A 1 163 ? -4.262  4.993   -2.652  1.00 17.95 ? 129 LEU A CG  1 
ATOM   1037 C  CD1 . LEU A 1 163 ? -3.693  4.303   -1.429  1.00 18.60 ? 129 LEU A CD1 1 
ATOM   1038 C  CD2 . LEU A 1 163 ? -3.610  6.361   -2.840  1.00 19.83 ? 129 LEU A CD2 1 
ATOM   1039 N  N   . ARG A 1 164 ? -4.590  1.126   -5.683  1.00 16.10 ? 130 ARG A N   1 
ATOM   1040 C  CA  . ARG A 1 164 ? -5.173  0.583   -6.904  1.00 17.57 ? 130 ARG A CA  1 
ATOM   1041 C  C   . ARG A 1 164 ? -6.534  -0.003  -6.553  1.00 17.41 ? 130 ARG A C   1 
ATOM   1042 O  O   . ARG A 1 164 ? -6.659  -0.681  -5.535  1.00 18.02 ? 130 ARG A O   1 
ATOM   1043 C  CB  . ARG A 1 164 ? -4.281  -0.509  -7.495  1.00 17.67 ? 130 ARG A CB  1 
ATOM   1044 C  CG  . ARG A 1 164 ? -2.923  -0.045  -8.027  1.00 15.02 ? 130 ARG A CG  1 
ATOM   1045 C  CD  . ARG A 1 164 ? -2.189  -1.215  -8.678  1.00 14.98 ? 130 ARG A CD  1 
ATOM   1046 N  NE  . ARG A 1 164 ? -2.945  -1.760  -9.808  1.00 14.63 ? 130 ARG A NE  1 
ATOM   1047 C  CZ  . ARG A 1 164 ? -2.813  -2.998  -10.277 1.00 15.16 ? 130 ARG A CZ  1 
ATOM   1048 N  NH1 . ARG A 1 164 ? -1.949  -3.841  -9.721  1.00 14.74 ? 130 ARG A NH1 1 
ATOM   1049 N  NH2 . ARG A 1 164 ? -3.547  -3.397  -11.303 1.00 15.57 ? 130 ARG A NH2 1 
ATOM   1050 N  N   . ILE A 1 165 ? -7.561  0.267   -7.357  1.00 16.29 ? 131 ILE A N   1 
ATOM   1051 C  CA  . ILE A 1 165 ? -7.497  1.163   -8.511  1.00 16.48 ? 131 ILE A CA  1 
ATOM   1052 C  C   . ILE A 1 165 ? -7.686  2.603   -8.039  1.00 14.74 ? 131 ILE A C   1 
ATOM   1053 O  O   . ILE A 1 165 ? -8.696  2.937   -7.414  1.00 16.01 ? 131 ILE A O   1 
ATOM   1054 C  CB  . ILE A 1 165 ? -8.613  0.813   -9.524  1.00 16.87 ? 131 ILE A CB  1 
ATOM   1055 C  CG1 . ILE A 1 165 ? -8.421  -0.611  -10.071 1.00 18.97 ? 131 ILE A CG1 1 
ATOM   1056 C  CG2 . ILE A 1 165 ? -8.682  1.848   -10.648 1.00 17.37 ? 131 ILE A CG2 1 
ATOM   1057 C  CD1 . ILE A 1 165 ? -9.619  -1.134  -10.861 1.00 16.66 ? 131 ILE A CD1 1 
ATOM   1058 N  N   . TRP A 1 166 ? -6.716  3.458   -8.335  1.00 14.86 ? 132 TRP A N   1 
ATOM   1059 C  CA  . TRP A 1 166 ? -6.684  4.796   -7.743  1.00 15.52 ? 132 TRP A CA  1 
ATOM   1060 C  C   . TRP A 1 166 ? -7.960  5.571   -8.024  1.00 20.59 ? 132 TRP A C   1 
ATOM   1061 O  O   . TRP A 1 166 ? -8.546  6.174   -7.131  1.00 19.53 ? 132 TRP A O   1 
ATOM   1062 C  CB  . TRP A 1 166 ? -5.505  5.584   -8.289  1.00 17.53 ? 132 TRP A CB  1 
ATOM   1063 C  CG  . TRP A 1 166 ? -4.180  5.305   -7.648  1.00 15.77 ? 132 TRP A CG  1 
ATOM   1064 C  CD1 . TRP A 1 166 ? -3.509  4.118   -7.616  1.00 15.64 ? 132 TRP A CD1 1 
ATOM   1065 C  CD2 . TRP A 1 166 ? -3.333  6.264   -7.006  1.00 19.29 ? 132 TRP A CD2 1 
ATOM   1066 N  NE1 . TRP A 1 166 ? -2.297  4.273   -6.972  1.00 16.16 ? 132 TRP A NE1 1 
ATOM   1067 C  CE2 . TRP A 1 166 ? -2.171  5.580   -6.582  1.00 19.12 ? 132 TRP A CE2 1 
ATOM   1068 C  CE3 . TRP A 1 166 ? -3.455  7.629   -6.727  1.00 17.51 ? 132 TRP A CE3 1 
ATOM   1069 C  CZ2 . TRP A 1 166 ? -1.136  6.219   -5.902  1.00 17.91 ? 132 TRP A CZ2 1 
ATOM   1070 C  CZ3 . TRP A 1 166 ? -2.428  8.259   -6.043  1.00 20.06 ? 132 TRP A CZ3 1 
ATOM   1071 C  CH2 . TRP A 1 166 ? -1.283  7.554   -5.645  1.00 18.98 ? 132 TRP A CH2 1 
ATOM   1072 N  N   . THR A 1 167 ? -8.389  5.546   -9.279  1.00 21.85 ? 133 THR A N   1 
ATOM   1073 C  CA  . THR A 1 167 ? -9.536  6.334   -9.699  1.00 21.87 ? 133 THR A CA  1 
ATOM   1074 C  C   . THR A 1 167 ? -10.867 5.688   -9.313  1.00 23.06 ? 133 THR A C   1 
ATOM   1075 O  O   . THR A 1 167 ? -11.924 6.110   -9.776  1.00 28.21 ? 133 THR A O   1 
ATOM   1076 C  CB  . THR A 1 167 ? -9.472  6.653   -11.201 1.00 23.10 ? 133 THR A CB  1 
ATOM   1077 O  OG1 . THR A 1 167 ? -9.113  5.473   -11.930 1.00 17.40 ? 133 THR A OG1 1 
ATOM   1078 C  CG2 . THR A 1 167 ? -8.422  7.735   -11.456 1.00 19.08 ? 133 THR A CG2 1 
ATOM   1079 N  N   . ASN A 1 168 ? -10.803 4.668   -8.458  1.00 21.75 ? 134 ASN A N   1 
ATOM   1080 C  CA  . ASN A 1 168 ? -11.987 4.142   -7.785  1.00 22.10 ? 134 ASN A CA  1 
ATOM   1081 C  C   . ASN A 1 168 ? -12.075 4.653   -6.346  1.00 23.25 ? 134 ASN A C   1 
ATOM   1082 O  O   . ASN A 1 168 ? -13.029 4.350   -5.622  1.00 28.12 ? 134 ASN A O   1 
ATOM   1083 C  CB  . ASN A 1 168 ? -12.002 2.608   -7.795  1.00 20.96 ? 134 ASN A CB  1 
ATOM   1084 C  CG  . ASN A 1 168 ? -12.514 2.036   -9.104  1.00 22.30 ? 134 ASN A CG  1 
ATOM   1085 O  OD1 . ASN A 1 168 ? -12.879 2.774   -10.011 1.00 24.05 ? 134 ASN A OD1 1 
ATOM   1086 N  ND2 . ASN A 1 168 ? -12.543 0.712   -9.204  1.00 17.41 ? 134 ASN A ND2 1 
ATOM   1087 N  N   . ARG A 1 169 ? -11.071 5.415   -5.928  1.00 23.55 ? 135 ARG A N   1 
ATOM   1088 C  CA  . ARG A 1 169 ? -11.063 5.998   -4.588  1.00 23.67 ? 135 ARG A CA  1 
ATOM   1089 C  C   . ARG A 1 169 ? -11.796 7.338   -4.612  1.00 26.70 ? 135 ARG A C   1 
ATOM   1090 O  O   . ARG A 1 169 ? -11.748 8.057   -5.614  1.00 23.69 ? 135 ARG A O   1 
ATOM   1091 C  CB  . ARG A 1 169 ? -9.621  6.223   -4.092  1.00 24.63 ? 135 ARG A CB  1 
ATOM   1092 C  CG  . ARG A 1 169 ? -8.742  4.979   -3.950  1.00 21.51 ? 135 ARG A CG  1 
ATOM   1093 C  CD  . ARG A 1 169 ? -9.430  3.929   -3.110  1.00 21.94 ? 135 ARG A CD  1 
ATOM   1094 N  NE  . ARG A 1 169 ? -8.583  2.785   -2.754  1.00 21.64 ? 135 ARG A NE  1 
ATOM   1095 C  CZ  . ARG A 1 169 ? -8.500  1.656   -3.459  1.00 19.85 ? 135 ARG A CZ  1 
ATOM   1096 N  NH1 . ARG A 1 169 ? -9.174  1.525   -4.595  1.00 20.65 ? 135 ARG A NH1 1 
ATOM   1097 N  NH2 . ARG A 1 169 ? -7.731  0.661   -3.039  1.00 18.06 ? 135 ARG A NH2 1 
ATOM   1098 N  N   . PRO A 1 170 ? -12.483 7.678   -3.510  1.00 26.86 ? 136 PRO A N   1 
ATOM   1099 C  CA  . PRO A 1 170 ? -12.937 9.055   -3.315  1.00 30.06 ? 136 PRO A CA  1 
ATOM   1100 C  C   . PRO A 1 170 ? -11.824 10.041  -3.649  1.00 30.10 ? 136 PRO A C   1 
ATOM   1101 O  O   . PRO A 1 170 ? -10.641 9.727   -3.481  1.00 28.86 ? 136 PRO A O   1 
ATOM   1102 C  CB  . PRO A 1 170 ? -13.237 9.103   -1.815  1.00 31.98 ? 136 PRO A CB  1 
ATOM   1103 C  CG  . PRO A 1 170 ? -13.698 7.714   -1.499  1.00 27.80 ? 136 PRO A CG  1 
ATOM   1104 C  CD  . PRO A 1 170 ? -12.943 6.787   -2.429  1.00 26.15 ? 136 PRO A CD  1 
ATOM   1105 N  N   . TYR A 1 171 ? -12.221 11.219  -4.116  1.00 28.72 ? 137 TYR A N   1 
ATOM   1106 C  CA  . TYR A 1 171 ? -11.314 12.272  -4.560  1.00 25.38 ? 137 TYR A CA  1 
ATOM   1107 C  C   . TYR A 1 171 ? -10.579 11.997  -5.876  1.00 27.36 ? 137 TYR A C   1 
ATOM   1108 O  O   . TYR A 1 171 ? -10.618 12.821  -6.783  1.00 25.00 ? 137 TYR A O   1 
ATOM   1109 C  CB  . TYR A 1 171 ? -10.309 12.681  -3.482  1.00 30.07 ? 137 TYR A CB  1 
ATOM   1110 C  CG  . TYR A 1 171 ? -9.411  13.787  -3.980  1.00 25.01 ? 137 TYR A CG  1 
ATOM   1111 C  CD1 . TYR A 1 171 ? -9.846  15.108  -3.990  1.00 25.20 ? 137 TYR A CD1 1 
ATOM   1112 C  CD2 . TYR A 1 171 ? -8.152  13.505  -4.493  1.00 22.77 ? 137 TYR A CD2 1 
ATOM   1113 C  CE1 . TYR A 1 171 ? -9.032  16.127  -4.473  1.00 25.25 ? 137 TYR A CE1 1 
ATOM   1114 C  CE2 . TYR A 1 171 ? -7.335  14.511  -4.972  1.00 25.79 ? 137 TYR A CE2 1 
ATOM   1115 C  CZ  . TYR A 1 171 ? -7.779  15.821  -4.963  1.00 26.15 ? 137 TYR A CZ  1 
ATOM   1116 O  OH  . TYR A 1 171 ? -6.955  16.819  -5.443  1.00 29.03 ? 137 TYR A OH  1 
ATOM   1117 N  N   . PHE A 1 172 ? -9.888  10.866  -5.975  1.00 25.03 ? 138 PHE A N   1 
ATOM   1118 C  CA  . PHE A 1 172 ? -9.201  10.535  -7.220  1.00 27.69 ? 138 PHE A CA  1 
ATOM   1119 C  C   . PHE A 1 172 ? -10.212 10.198  -8.323  1.00 26.58 ? 138 PHE A C   1 
ATOM   1120 O  O   . PHE A 1 172 ? -9.956  10.416  -9.504  1.00 22.88 ? 138 PHE A O   1 
ATOM   1121 C  CB  . PHE A 1 172 ? -8.185  9.408   -7.008  1.00 20.86 ? 138 PHE A CB  1 
ATOM   1122 C  CG  . PHE A 1 172 ? -7.002  9.811   -6.152  1.00 24.51 ? 138 PHE A CG  1 
ATOM   1123 C  CD1 . PHE A 1 172 ? -6.062  10.721  -6.624  1.00 20.83 ? 138 PHE A CD1 1 
ATOM   1124 C  CD2 . PHE A 1 172 ? -6.836  9.290   -4.876  1.00 21.49 ? 138 PHE A CD2 1 
ATOM   1125 C  CE1 . PHE A 1 172 ? -4.981  11.098  -5.843  1.00 19.98 ? 138 PHE A CE1 1 
ATOM   1126 C  CE2 . PHE A 1 172 ? -5.754  9.667   -4.087  1.00 20.08 ? 138 PHE A CE2 1 
ATOM   1127 C  CZ  . PHE A 1 172 ? -4.825  10.569  -4.573  1.00 19.49 ? 138 PHE A CZ  1 
ATOM   1128 N  N   . LYS A 1 173 ? -11.368 9.682   -7.916  1.00 28.46 ? 139 LYS A N   1 
ATOM   1129 C  CA  . LYS A 1 173 ? -12.482 9.446   -8.832  1.00 31.05 ? 139 LYS A CA  1 
ATOM   1130 C  C   . LYS A 1 173 ? -12.906 10.746  -9.515  1.00 32.05 ? 139 LYS A C   1 
ATOM   1131 O  O   . LYS A 1 173 ? -13.175 10.770  -10.716 1.00 31.21 ? 139 LYS A O   1 
ATOM   1132 C  CB  . LYS A 1 173 ? -13.662 8.840   -8.076  1.00 31.44 ? 139 LYS A CB  1 
ATOM   1133 C  CG  . LYS A 1 173 ? -14.955 8.775   -8.868  1.00 46.89 ? 139 LYS A CG  1 
ATOM   1134 C  CD  . LYS A 1 173 ? -14.846 7.822   -10.049 1.00 45.80 ? 139 LYS A CD  1 
ATOM   1135 C  CE  . LYS A 1 173 ? -16.224 7.454   -10.582 1.00 49.34 ? 139 LYS A CE  1 
ATOM   1136 N  NZ  . LYS A 1 173 ? -16.143 6.410   -11.642 1.00 59.84 ? 139 LYS A NZ  1 
ATOM   1137 N  N   . GLU A 1 174 ? -12.948 11.831  -8.745  1.00 32.12 ? 140 GLU A N   1 
ATOM   1138 C  CA  . GLU A 1 174 ? -13.315 13.142  -9.277  1.00 32.90 ? 140 GLU A CA  1 
ATOM   1139 C  C   . GLU A 1 174 ? -12.124 13.849  -9.916  1.00 31.91 ? 140 GLU A C   1 
ATOM   1140 O  O   . GLU A 1 174 ? -12.296 14.681  -10.805 1.00 29.29 ? 140 GLU A O   1 
ATOM   1141 C  CB  . GLU A 1 174 ? -13.901 14.031  -8.176  1.00 32.64 ? 140 GLU A CB  1 
ATOM   1142 C  CG  . GLU A 1 174 ? -15.346 13.730  -7.812  1.00 36.27 ? 140 GLU A CG  1 
ATOM   1143 C  CD  . GLU A 1 174 ? -15.514 12.398  -7.115  1.00 46.98 ? 140 GLU A CD  1 
ATOM   1144 O  OE1 . GLU A 1 174 ? -14.493 11.821  -6.672  1.00 44.40 ? 140 GLU A OE1 1 
ATOM   1145 O  OE2 . GLU A 1 174 ? -16.673 11.929  -7.006  1.00 53.49 ? 140 GLU A OE2 1 
ATOM   1146 N  N   . ASN A 1 175 ? -10.917 13.506  -9.469  1.00 30.28 ? 141 ASN A N   1 
ATOM   1147 C  CA  . ASN A 1 175 ? -9.712  14.218  -9.893  1.00 28.37 ? 141 ASN A CA  1 
ATOM   1148 C  C   . ASN A 1 175 ? -8.613  13.320  -10.467 1.00 28.76 ? 141 ASN A C   1 
ATOM   1149 O  O   . ASN A 1 175 ? -7.501  13.277  -9.942  1.00 26.02 ? 141 ASN A O   1 
ATOM   1150 C  CB  . ASN A 1 175 ? -9.162  15.046  -8.730  1.00 29.45 ? 141 ASN A CB  1 
ATOM   1151 C  CG  . ASN A 1 175 ? -10.184 16.017  -8.173  1.00 27.14 ? 141 ASN A CG  1 
ATOM   1152 O  OD1 . ASN A 1 175 ? -10.177 17.194  -8.515  1.00 31.31 ? 141 ASN A OD1 1 
ATOM   1153 N  ND2 . ASN A 1 175 ? -11.079 15.521  -7.326  1.00 27.54 ? 141 ASN A ND2 1 
ATOM   1154 N  N   . PRO A 1 176 ? -8.918  12.630  -11.577 1.00 29.90 ? 142 PRO A N   1 
ATOM   1155 C  CA  . PRO A 1 176 ? -8.067  11.603  -12.189 1.00 26.90 ? 142 PRO A CA  1 
ATOM   1156 C  C   . PRO A 1 176 ? -6.619  12.031  -12.398 1.00 24.13 ? 142 PRO A C   1 
ATOM   1157 O  O   . PRO A 1 176 ? -5.715  11.228  -12.166 1.00 24.86 ? 142 PRO A O   1 
ATOM   1158 C  CB  . PRO A 1 176 ? -8.733  11.362  -13.546 1.00 31.57 ? 142 PRO A CB  1 
ATOM   1159 C  CG  . PRO A 1 176 ? -10.137 11.775  -13.355 1.00 29.83 ? 142 PRO A CG  1 
ATOM   1160 C  CD  . PRO A 1 176 ? -10.119 12.903  -12.386 1.00 29.20 ? 142 PRO A CD  1 
ATOM   1161 N  N   . ASN A 1 177 ? -6.397  13.263  -12.844 1.00 25.48 ? 143 ASN A N   1 
ATOM   1162 C  CA  . ASN A 1 177 ? -5.029  13.749  -13.041 1.00 30.28 ? 143 ASN A CA  1 
ATOM   1163 C  C   . ASN A 1 177 ? -4.189  13.754  -11.771 1.00 26.29 ? 143 ASN A C   1 
ATOM   1164 O  O   . ASN A 1 177 ? -2.971  13.580  -11.833 1.00 26.05 ? 143 ASN A O   1 
ATOM   1165 C  CB  . ASN A 1 177 ? -5.015  15.134  -13.686 1.00 35.50 ? 143 ASN A CB  1 
ATOM   1166 C  CG  . ASN A 1 177 ? -5.295  15.077  -15.173 1.00 40.42 ? 143 ASN A CG  1 
ATOM   1167 O  OD1 . ASN A 1 177 ? -5.887  15.997  -15.741 1.00 41.26 ? 143 ASN A OD1 1 
ATOM   1168 N  ND2 . ASN A 1 177 ? -4.878  13.984  -15.811 1.00 30.30 ? 143 ASN A ND2 1 
ATOM   1169 N  N   . GLU A 1 178 ? -4.845  13.955  -10.630 1.00 25.48 ? 144 GLU A N   1 
ATOM   1170 C  CA  . GLU A 1 178 ? -4.173  13.918  -9.336  1.00 23.80 ? 144 GLU A CA  1 
ATOM   1171 C  C   . GLU A 1 178 ? -3.548  12.547  -9.092  1.00 25.06 ? 144 GLU A C   1 
ATOM   1172 O  O   . GLU A 1 178 ? -2.538  12.425  -8.396  1.00 23.63 ? 144 GLU A O   1 
ATOM   1173 C  CB  . GLU A 1 178 ? -5.165  14.239  -8.222  1.00 25.57 ? 144 GLU A CB  1 
ATOM   1174 C  CG  . GLU A 1 178 ? -5.667  15.667  -8.247  1.00 33.96 ? 144 GLU A CG  1 
ATOM   1175 C  CD  . GLU A 1 178 ? -4.549  16.657  -8.042  1.00 36.34 ? 144 GLU A CD  1 
ATOM   1176 O  OE1 . GLU A 1 178 ? -3.641  16.354  -7.241  1.00 35.78 ? 144 GLU A OE1 1 
ATOM   1177 O  OE2 . GLU A 1 178 ? -4.573  17.730  -8.678  1.00 45.65 ? 144 GLU A OE2 1 
ATOM   1178 N  N   . ALA A 1 179 ? -4.170  11.519  -9.661  1.00 21.67 ? 145 ALA A N   1 
ATOM   1179 C  CA  . ALA A 1 179 ? -3.664  10.158  -9.568  1.00 21.71 ? 145 ALA A CA  1 
ATOM   1180 C  C   . ALA A 1 179 ? -2.598  9.937   -10.626 1.00 19.28 ? 145 ALA A C   1 
ATOM   1181 O  O   . ALA A 1 179 ? -1.470  9.545   -10.314 1.00 23.60 ? 145 ALA A O   1 
ATOM   1182 C  CB  . ALA A 1 179 ? -4.802  9.148   -9.730  1.00 19.52 ? 145 ALA A CB  1 
ATOM   1183 N  N   . ILE A 1 180 ? -2.954  10.209  -11.876 1.00 18.75 ? 146 ILE A N   1 
ATOM   1184 C  CA  . ILE A 1 180 ? -2.028  10.041  -12.992 1.00 21.21 ? 146 ILE A CA  1 
ATOM   1185 C  C   . ILE A 1 180 ? -0.674  10.699  -12.747 1.00 22.41 ? 146 ILE A C   1 
ATOM   1186 O  O   . ILE A 1 180 ? 0.377   10.080  -12.952 1.00 21.78 ? 146 ILE A O   1 
ATOM   1187 C  CB  . ILE A 1 180 ? -2.601  10.623  -14.301 1.00 22.92 ? 146 ILE A CB  1 
ATOM   1188 C  CG1 . ILE A 1 180 ? -3.825  9.821   -14.752 1.00 22.72 ? 146 ILE A CG1 1 
ATOM   1189 C  CG2 . ILE A 1 180 ? -1.530  10.635  -15.380 1.00 18.28 ? 146 ILE A CG2 1 
ATOM   1190 C  CD1 . ILE A 1 180 ? -4.392  10.276  -16.090 1.00 28.70 ? 146 ILE A CD1 1 
ATOM   1191 N  N   . ARG A 1 181 ? -0.715  11.958  -12.318 1.00 25.08 ? 147 ARG A N   1 
ATOM   1192 C  CA  . ARG A 1 181 ? 0.485   12.763  -12.104 1.00 23.87 ? 147 ARG A CA  1 
ATOM   1193 C  C   . ARG A 1 181 ? 1.358   12.189  -10.989 1.00 24.49 ? 147 ARG A C   1 
ATOM   1194 O  O   . ARG A 1 181 ? 2.570   12.030  -11.158 1.00 24.62 ? 147 ARG A O   1 
ATOM   1195 C  CB  . ARG A 1 181 ? 0.104   14.221  -11.821 1.00 29.56 ? 147 ARG A CB  1 
ATOM   1196 C  CG  . ARG A 1 181 ? 1.232   15.080  -11.264 1.00 47.35 ? 147 ARG A CG  1 
ATOM   1197 C  CD  . ARG A 1 181 ? 0.929   16.579  -11.391 1.00 50.43 ? 147 ARG A CD  1 
ATOM   1198 N  NE  . ARG A 1 181 ? -0.382  16.951  -10.854 1.00 55.56 ? 147 ARG A NE  1 
ATOM   1199 C  CZ  . ARG A 1 181 ? -1.456  17.195  -11.602 1.00 47.07 ? 147 ARG A CZ  1 
ATOM   1200 N  NH1 . ARG A 1 181 ? -1.382  17.106  -12.923 1.00 51.14 ? 147 ARG A NH1 1 
ATOM   1201 N  NH2 . ARG A 1 181 ? -2.605  17.529  -11.030 1.00 44.26 ? 147 ARG A NH2 1 
ATOM   1202 N  N   . ARG A 1 182 ? 0.745   11.857  -9.858  1.00 19.98 ? 148 ARG A N   1 
ATOM   1203 C  CA  . ARG A 1 182 ? 1.492   11.215  -8.779  1.00 19.80 ? 148 ARG A CA  1 
ATOM   1204 C  C   . ARG A 1 182 ? 2.113   9.889   -9.202  1.00 22.82 ? 148 ARG A C   1 
ATOM   1205 O  O   . ARG A 1 182 ? 3.305   9.660   -8.963  1.00 24.73 ? 148 ARG A O   1 
ATOM   1206 C  CB  . ARG A 1 182 ? 0.619   11.026  -7.539  1.00 22.36 ? 148 ARG A CB  1 
ATOM   1207 C  CG  . ARG A 1 182 ? 0.267   12.327  -6.878  1.00 23.74 ? 148 ARG A CG  1 
ATOM   1208 C  CD  . ARG A 1 182 ? -0.550  12.125  -5.613  1.00 25.54 ? 148 ARG A CD  1 
ATOM   1209 N  NE  . ARG A 1 182 ? -0.526  13.339  -4.818  1.00 25.08 ? 148 ARG A NE  1 
ATOM   1210 C  CZ  . ARG A 1 182 ? -1.267  14.407  -5.081  1.00 28.85 ? 148 ARG A CZ  1 
ATOM   1211 N  NH1 . ARG A 1 182 ? -2.108  14.386  -6.104  1.00 26.31 ? 148 ARG A NH1 1 
ATOM   1212 N  NH2 . ARG A 1 182 ? -1.173  15.484  -4.317  1.00 25.30 ? 148 ARG A NH2 1 
ATOM   1213 N  N   . ILE A 1 183 ? 1.323   9.021   -9.837  1.00 19.35 ? 149 ILE A N   1 
ATOM   1214 C  CA  . ILE A 1 183 ? 1.840   7.718   -10.262 1.00 19.19 ? 149 ILE A CA  1 
ATOM   1215 C  C   . ILE A 1 183 ? 2.973   7.882   -11.278 1.00 18.36 ? 149 ILE A C   1 
ATOM   1216 O  O   . ILE A 1 183 ? 4.059   7.324   -11.105 1.00 20.32 ? 149 ILE A O   1 
ATOM   1217 C  CB  . ILE A 1 183 ? 0.721   6.802   -10.853 1.00 21.07 ? 149 ILE A CB  1 
ATOM   1218 C  CG1 . ILE A 1 183 ? -0.352  6.510   -9.796  1.00 18.55 ? 149 ILE A CG1 1 
ATOM   1219 C  CG2 . ILE A 1 183 ? 1.317   5.503   -11.379 1.00 14.31 ? 149 ILE A CG2 1 
ATOM   1220 C  CD1 . ILE A 1 183 ? -1.672  6.028   -10.366 1.00 17.62 ? 149 ILE A CD1 1 
ATOM   1221 N  N   . ALA A 1 184 ? 2.710   8.660   -12.326 1.00 21.99 ? 150 ALA A N   1 
ATOM   1222 C  CA  . ALA A 1 184 ? 3.657   8.877   -13.425 1.00 22.78 ? 150 ALA A CA  1 
ATOM   1223 C  C   . ALA A 1 184 ? 5.010   9.411   -12.967 1.00 23.53 ? 150 ALA A C   1 
ATOM   1224 O  O   . ALA A 1 184 ? 6.041   9.156   -13.601 1.00 25.00 ? 150 ALA A O   1 
ATOM   1225 C  CB  . ALA A 1 184 ? 3.046   9.813   -14.476 1.00 23.20 ? 150 ALA A CB  1 
ATOM   1226 N  N   . ASP A 1 185 ? 5.005   10.154  -11.867 1.00 23.90 ? 151 ASP A N   1 
ATOM   1227 C  CA  . ASP A 1 185 ? 6.243   10.668  -11.293 1.00 24.70 ? 151 ASP A CA  1 
ATOM   1228 C  C   . ASP A 1 185 ? 7.254   9.579   -10.950 1.00 28.86 ? 151 ASP A C   1 
ATOM   1229 O  O   . ASP A 1 185 ? 8.451   9.855   -10.835 1.00 25.81 ? 151 ASP A O   1 
ATOM   1230 C  CB  . ASP A 1 185 ? 5.951   11.519  -10.059 1.00 28.23 ? 151 ASP A CB  1 
ATOM   1231 C  CG  . ASP A 1 185 ? 6.332   12.967  -10.258 1.00 47.41 ? 151 ASP A CG  1 
ATOM   1232 O  OD1 . ASP A 1 185 ? 7.536   13.279  -10.094 1.00 47.52 ? 151 ASP A OD1 1 
ATOM   1233 O  OD2 . ASP A 1 185 ? 5.435   13.783  -10.579 1.00 45.89 ? 151 ASP A OD2 1 
ATOM   1234 N  N   . LEU A 1 186 ? 6.780   8.346   -10.788 1.00 19.98 ? 152 LEU A N   1 
ATOM   1235 C  CA  . LEU A 1 186 ? 7.684   7.243   -10.457 1.00 20.39 ? 152 LEU A CA  1 
ATOM   1236 C  C   . LEU A 1 186 ? 8.002   6.385   -11.679 1.00 18.75 ? 152 LEU A C   1 
ATOM   1237 O  O   . LEU A 1 186 ? 8.476   5.255   -11.550 1.00 23.01 ? 152 LEU A O   1 
ATOM   1238 C  CB  . LEU A 1 186 ? 7.106   6.379   -9.319  1.00 20.41 ? 152 LEU A CB  1 
ATOM   1239 C  CG  . LEU A 1 186 ? 7.131   6.925   -7.880  1.00 22.55 ? 152 LEU A CG  1 
ATOM   1240 C  CD1 . LEU A 1 186 ? 6.539   8.327   -7.768  1.00 21.51 ? 152 LEU A CD1 1 
ATOM   1241 C  CD2 . LEU A 1 186 ? 6.411   5.967   -6.926  1.00 23.28 ? 152 LEU A CD2 1 
ATOM   1242 N  N   . LYS A 1 187 ? 7.758   6.927   -12.869 1.00 21.50 ? 153 LYS A N   1 
ATOM   1243 C  CA  . LYS A 1 187 ? 7.926   6.151   -14.098 1.00 26.56 ? 153 LYS A CA  1 
ATOM   1244 C  C   . LYS A 1 187 ? 9.375   5.735   -14.349 1.00 26.20 ? 153 LYS A C   1 
ATOM   1245 O  O   . LYS A 1 187 ? 9.637   4.777   -15.080 1.00 25.04 ? 153 LYS A O   1 
ATOM   1246 C  CB  . LYS A 1 187 ? 7.355   6.894   -15.310 1.00 26.91 ? 153 LYS A CB  1 
ATOM   1247 C  CG  . LYS A 1 187 ? 8.050   8.207   -15.655 1.00 29.39 ? 153 LYS A CG  1 
ATOM   1248 C  CD  . LYS A 1 187 ? 7.288   8.927   -16.770 1.00 28.91 ? 153 LYS A CD  1 
ATOM   1249 C  CE  . LYS A 1 187 ? 7.896   10.283  -17.100 1.00 31.43 ? 153 LYS A CE  1 
ATOM   1250 N  NZ  . LYS A 1 187 ? 7.561   11.297  -16.069 1.00 30.04 ? 153 LYS A NZ  1 
ATOM   1251 N  N   . GLU A 1 188 ? 10.314  6.442   -13.737 1.00 23.12 ? 154 GLU A N   1 
ATOM   1252 C  CA  . GLU A 1 188 ? 11.722  6.091   -13.881 1.00 29.14 ? 154 GLU A CA  1 
ATOM   1253 C  C   . GLU A 1 188 ? 12.314  5.582   -12.569 1.00 29.87 ? 154 GLU A C   1 
ATOM   1254 O  O   . GLU A 1 188 ? 13.501  5.777   -12.292 1.00 28.74 ? 154 GLU A O   1 
ATOM   1255 C  CB  . GLU A 1 188 ? 12.520  7.278   -14.424 1.00 32.59 ? 154 GLU A CB  1 
ATOM   1256 C  CG  . GLU A 1 188 ? 12.137  7.654   -15.855 1.00 37.20 ? 154 GLU A CG  1 
ATOM   1257 C  CD  . GLU A 1 188 ? 12.730  8.983   -16.291 1.00 54.39 ? 154 GLU A CD  1 
ATOM   1258 O  OE1 . GLU A 1 188 ? 12.092  9.681   -17.115 1.00 51.36 ? 154 GLU A OE1 1 
ATOM   1259 O  OE2 . GLU A 1 188 ? 13.831  9.331   -15.806 1.00 58.26 ? 154 GLU A OE2 1 
ATOM   1260 N  N   . ASP A 1 189 ? 11.478  4.921   -11.770 1.00 26.69 ? 155 ASP A N   1 
ATOM   1261 C  CA  . ASP A 1 189 ? 11.917  4.372   -10.490 1.00 22.83 ? 155 ASP A CA  1 
ATOM   1262 C  C   . ASP A 1 189 ? 12.973  3.282   -10.672 1.00 24.70 ? 155 ASP A C   1 
ATOM   1263 O  O   . ASP A 1 189 ? 12.868  2.429   -11.565 1.00 25.86 ? 155 ASP A O   1 
ATOM   1264 C  CB  . ASP A 1 189 ? 10.727  3.834   -9.687  1.00 22.19 ? 155 ASP A CB  1 
ATOM   1265 C  CG  . ASP A 1 189 ? 11.038  3.701   -8.202  1.00 20.03 ? 155 ASP A CG  1 
ATOM   1266 O  OD1 . ASP A 1 189 ? 11.702  2.721   -7.806  1.00 22.57 ? 155 ASP A OD1 1 
ATOM   1267 O  OD2 . ASP A 1 189 ? 10.613  4.578   -7.429  1.00 20.83 ? 155 ASP A OD2 1 
ATOM   1268 N  N   . VAL A 1 190 ? 13.986  3.327   -9.814  1.00 23.36 ? 156 VAL A N   1 
ATOM   1269 C  CA  . VAL A 1 190 ? 15.086  2.370   -9.823  1.00 25.39 ? 156 VAL A CA  1 
ATOM   1270 C  C   . VAL A 1 190 ? 14.627  0.938   -9.545  1.00 25.01 ? 156 VAL A C   1 
ATOM   1271 O  O   . VAL A 1 190 ? 15.236  -0.024  -10.015 1.00 28.78 ? 156 VAL A O   1 
ATOM   1272 C  CB  . VAL A 1 190 ? 16.149  2.770   -8.774  1.00 28.16 ? 156 VAL A CB  1 
ATOM   1273 C  CG1 . VAL A 1 190 ? 17.160  1.654   -8.575  1.00 33.81 ? 156 VAL A CG1 1 
ATOM   1274 C  CG2 . VAL A 1 190 ? 16.840  4.053   -9.201  1.00 35.56 ? 156 VAL A CG2 1 
ATOM   1275 N  N   . SER A 1 191 ? 13.550  0.802   -8.780  1.00 23.57 ? 157 SER A N   1 
ATOM   1276 C  CA  . SER A 1 191 ? 13.032  -0.512  -8.408  1.00 24.42 ? 157 SER A CA  1 
ATOM   1277 C  C   . SER A 1 191 ? 12.028  -1.035  -9.440  1.00 23.33 ? 157 SER A C   1 
ATOM   1278 O  O   . SER A 1 191 ? 11.035  -0.369  -9.738  1.00 20.06 ? 157 SER A O   1 
ATOM   1279 C  CB  . SER A 1 191 ? 12.373  -0.441  -7.026  1.00 22.06 ? 157 SER A CB  1 
ATOM   1280 O  OG  . SER A 1 191 ? 11.857  -1.702  -6.636  1.00 19.26 ? 157 SER A OG  1 
ATOM   1281 N  N   . GLU A 1 192 ? 12.290  -2.224  -9.982  1.00 25.01 ? 158 GLU A N   1 
ATOM   1282 C  CA  . GLU A 1 192 ? 11.352  -2.859  -10.902 1.00 27.29 ? 158 GLU A CA  1 
ATOM   1283 C  C   . GLU A 1 192 ? 10.050  -3.167  -10.164 1.00 23.38 ? 158 GLU A C   1 
ATOM   1284 O  O   . GLU A 1 192 ? 8.958   -2.936  -10.679 1.00 20.23 ? 158 GLU A O   1 
ATOM   1285 C  CB  . GLU A 1 192 ? 11.934  -4.138  -11.510 1.00 25.87 ? 158 GLU A CB  1 
ATOM   1286 C  CG  . GLU A 1 192 ? 10.965  -4.821  -12.465 1.00 29.79 ? 158 GLU A CG  1 
ATOM   1287 C  CD  . GLU A 1 192 ? 11.558  -6.031  -13.163 1.00 36.56 ? 158 GLU A CD  1 
ATOM   1288 O  OE1 . GLU A 1 192 ? 12.362  -6.754  -12.538 1.00 40.79 ? 158 GLU A OE1 1 
ATOM   1289 O  OE2 . GLU A 1 192 ? 11.208  -6.266  -14.340 1.00 42.47 ? 158 GLU A OE2 1 
ATOM   1290 N  N   . TYR A 1 193 ? 10.191  -3.691  -8.953  1.00 23.92 ? 159 TYR A N   1 
ATOM   1291 C  CA  . TYR A 1 193 ? 9.066   -3.909  -8.049  1.00 22.78 ? 159 TYR A CA  1 
ATOM   1292 C  C   . TYR A 1 193 ? 8.143   -2.688  -8.025  1.00 18.62 ? 159 TYR A C   1 
ATOM   1293 O  O   . TYR A 1 193 ? 6.935   -2.813  -8.170  1.00 18.22 ? 159 TYR A O   1 
ATOM   1294 C  CB  . TYR A 1 193 ? 9.614   -4.198  -6.654  1.00 19.87 ? 159 TYR A CB  1 
ATOM   1295 C  CG  . TYR A 1 193 ? 8.612   -4.602  -5.600  1.00 23.41 ? 159 TYR A CG  1 
ATOM   1296 C  CD1 . TYR A 1 193 ? 7.834   -5.744  -5.743  1.00 22.69 ? 159 TYR A CD1 1 
ATOM   1297 C  CD2 . TYR A 1 193 ? 8.488   -3.866  -4.428  1.00 21.57 ? 159 TYR A CD2 1 
ATOM   1298 C  CE1 . TYR A 1 193 ? 6.937   -6.120  -4.762  1.00 22.68 ? 159 TYR A CE1 1 
ATOM   1299 C  CE2 . TYR A 1 193 ? 7.607   -4.236  -3.445  1.00 21.85 ? 159 TYR A CE2 1 
ATOM   1300 C  CZ  . TYR A 1 193 ? 6.836   -5.363  -3.613  1.00 21.42 ? 159 TYR A CZ  1 
ATOM   1301 O  OH  . TYR A 1 193 ? 5.962   -5.724  -2.629  1.00 21.67 ? 159 TYR A OH  1 
ATOM   1302 N  N   . VAL A 1 194 ? 8.717   -1.506  -7.833  1.00 21.57 ? 160 VAL A N   1 
ATOM   1303 C  CA  . VAL A 1 194 ? 7.944   -0.273  -7.874  1.00 17.34 ? 160 VAL A CA  1 
ATOM   1304 C  C   . VAL A 1 194 ? 7.381   -0.019  -9.279  1.00 22.72 ? 160 VAL A C   1 
ATOM   1305 O  O   . VAL A 1 194 ? 6.211   0.354   -9.450  1.00 21.12 ? 160 VAL A O   1 
ATOM   1306 C  CB  . VAL A 1 194 ? 8.802   0.929   -7.454  1.00 15.07 ? 160 VAL A CB  1 
ATOM   1307 C  CG1 . VAL A 1 194 ? 8.060   2.234   -7.724  1.00 11.52 ? 160 VAL A CG1 1 
ATOM   1308 C  CG2 . VAL A 1 194 ? 9.172   0.816   -5.979  1.00 18.53 ? 160 VAL A CG2 1 
ATOM   1309 N  N   . ARG A 1 195 ? 8.220   -0.229  -10.284 1.00 18.01 ? 161 ARG A N   1 
ATOM   1310 C  CA  . ARG A 1 195 ? 7.851   0.097   -11.652 1.00 22.75 ? 161 ARG A CA  1 
ATOM   1311 C  C   . ARG A 1 195 ? 6.635   -0.699  -12.139 1.00 21.24 ? 161 ARG A C   1 
ATOM   1312 O  O   . ARG A 1 195 ? 5.765   -0.156  -12.818 1.00 18.26 ? 161 ARG A O   1 
ATOM   1313 C  CB  . ARG A 1 195 ? 9.045   -0.080  -12.589 1.00 23.28 ? 161 ARG A CB  1 
ATOM   1314 C  CG  . ARG A 1 195 ? 10.100  1.005   -12.434 1.00 21.91 ? 161 ARG A CG  1 
ATOM   1315 C  CD  . ARG A 1 195 ? 11.023  1.043   -13.636 1.00 21.03 ? 161 ARG A CD  1 
ATOM   1316 N  NE  . ARG A 1 195 ? 11.509  -0.286  -13.988 1.00 22.84 ? 161 ARG A NE  1 
ATOM   1317 C  CZ  . ARG A 1 195 ? 12.599  -0.847  -13.474 1.00 23.92 ? 161 ARG A CZ  1 
ATOM   1318 N  NH1 . ARG A 1 195 ? 13.321  -0.196  -12.571 1.00 24.41 ? 161 ARG A NH1 1 
ATOM   1319 N  NH2 . ARG A 1 195 ? 12.962  -2.065  -13.855 1.00 25.39 ? 161 ARG A NH2 1 
ATOM   1320 N  N   . LYS A 1 196 ? 6.582   -1.977  -11.782 1.00 17.75 ? 162 LYS A N   1 
ATOM   1321 C  CA  . LYS A 1 196 ? 5.447   -2.825  -12.133 1.00 22.01 ? 162 LYS A CA  1 
ATOM   1322 C  C   . LYS A 1 196 ? 4.150   -2.261  -11.556 1.00 19.30 ? 162 LYS A C   1 
ATOM   1323 O  O   . LYS A 1 196 ? 3.122   -2.233  -12.220 1.00 18.62 ? 162 LYS A O   1 
ATOM   1324 C  CB  . LYS A 1 196 ? 5.673   -4.256  -11.635 1.00 22.95 ? 162 LYS A CB  1 
ATOM   1325 C  CG  . LYS A 1 196 ? 6.748   -5.012  -12.403 1.00 27.22 ? 162 LYS A CG  1 
ATOM   1326 C  CD  . LYS A 1 196 ? 6.775   -6.479  -12.006 1.00 33.27 ? 162 LYS A CD  1 
ATOM   1327 C  CE  . LYS A 1 196 ? 7.741   -7.267  -12.880 1.00 40.65 ? 162 LYS A CE  1 
ATOM   1328 N  NZ  . LYS A 1 196 ? 7.933   -8.665  -12.394 1.00 46.41 ? 162 LYS A NZ  1 
ATOM   1329 N  N   . SER A 1 197 ? 4.223   -1.803  -10.315 1.00 20.26 ? 163 SER A N   1 
ATOM   1330 C  CA  . SER A 1 197 ? 3.088   -1.194  -9.643  1.00 20.61 ? 163 SER A CA  1 
ATOM   1331 C  C   . SER A 1 197 ? 2.635   0.079   -10.365 1.00 19.95 ? 163 SER A C   1 
ATOM   1332 O  O   . SER A 1 197 ? 1.443   0.271   -10.621 1.00 17.64 ? 163 SER A O   1 
ATOM   1333 C  CB  . SER A 1 197 ? 3.479   -0.857  -8.205  1.00 18.67 ? 163 SER A CB  1 
ATOM   1334 O  OG  . SER A 1 197 ? 2.561   -1.408  -7.297  1.00 22.52 ? 163 SER A OG  1 
ATOM   1335 N  N   . VAL A 1 198 ? 3.600   0.943   -10.669 1.00 17.75 ? 164 VAL A N   1 
ATOM   1336 C  CA  . VAL A 1 198 ? 3.377   2.179   -11.417 1.00 16.17 ? 164 VAL A CA  1 
ATOM   1337 C  C   . VAL A 1 198 ? 2.688   1.894   -12.757 1.00 18.62 ? 164 VAL A C   1 
ATOM   1338 O  O   . VAL A 1 198 ? 1.636   2.457   -13.060 1.00 20.21 ? 164 VAL A O   1 
ATOM   1339 C  CB  . VAL A 1 198 ? 4.734   2.902   -11.662 1.00 21.80 ? 164 VAL A CB  1 
ATOM   1340 C  CG1 . VAL A 1 198 ? 4.584   4.112   -12.609 1.00 17.20 ? 164 VAL A CG1 1 
ATOM   1341 C  CG2 . VAL A 1 198 ? 5.354   3.313   -10.332 1.00 14.73 ? 164 VAL A CG2 1 
ATOM   1342 N  N   . GLY A 1 199 ? 3.275   0.999   -13.545 1.00 20.12 ? 165 GLY A N   1 
ATOM   1343 C  CA  . GLY A 1 199 ? 2.707   0.611   -14.821 1.00 20.95 ? 165 GLY A CA  1 
ATOM   1344 C  C   . GLY A 1 199 ? 1.271   0.126   -14.710 1.00 18.88 ? 165 GLY A C   1 
ATOM   1345 O  O   . GLY A 1 199 ? 0.410   0.528   -15.486 1.00 17.38 ? 165 GLY A O   1 
ATOM   1346 N  N   . ASN A 1 200 ? 1.009   -0.737  -13.737 1.00 19.56 ? 166 ASN A N   1 
ATOM   1347 C  CA  . ASN A 1 200 ? -0.327  -1.292  -13.567 1.00 15.96 ? 166 ASN A CA  1 
ATOM   1348 C  C   . ASN A 1 200 ? -1.329  -0.279  -13.033 1.00 15.59 ? 166 ASN A C   1 
ATOM   1349 O  O   . ASN A 1 200 ? -2.509  -0.321  -13.382 1.00 17.62 ? 166 ASN A O   1 
ATOM   1350 C  CB  . ASN A 1 200 ? -0.282  -2.531  -12.670 1.00 17.71 ? 166 ASN A CB  1 
ATOM   1351 C  CG  . ASN A 1 200 ? 0.321   -3.727  -13.369 1.00 19.37 ? 166 ASN A CG  1 
ATOM   1352 O  OD1 . ASN A 1 200 ? 0.118   -3.925  -14.558 1.00 18.01 ? 166 ASN A OD1 1 
ATOM   1353 N  ND2 . ASN A 1 200 ? 1.072   -4.528  -12.631 1.00 22.72 ? 166 ASN A ND2 1 
ATOM   1354 N  N   . ALA A 1 201 ? -0.865  0.628   -12.181 1.00 16.42 ? 167 ALA A N   1 
ATOM   1355 C  CA  . ALA A 1 201 ? -1.740  1.644   -11.623 1.00 15.21 ? 167 ALA A CA  1 
ATOM   1356 C  C   . ALA A 1 201 ? -2.226  2.576   -12.737 1.00 17.63 ? 167 ALA A C   1 
ATOM   1357 O  O   . ALA A 1 201 ? -3.397  2.953   -12.767 1.00 18.22 ? 167 ALA A O   1 
ATOM   1358 C  CB  . ALA A 1 201 ? -1.037  2.426   -10.501 1.00 15.35 ? 167 ALA A CB  1 
ATOM   1359 N  N   . LEU A 1 202 ? -1.327  2.921   -13.656 1.00 14.08 ? 168 LEU A N   1 
ATOM   1360 C  CA  . LEU A 1 202 ? -1.674  3.726   -14.828 1.00 18.95 ? 168 LEU A CA  1 
ATOM   1361 C  C   . LEU A 1 202 ? -2.568  2.945   -15.794 1.00 17.91 ? 168 LEU A C   1 
ATOM   1362 O  O   . LEU A 1 202 ? -3.479  3.503   -16.407 1.00 15.11 ? 168 LEU A O   1 
ATOM   1363 C  CB  . LEU A 1 202 ? -0.405  4.189   -15.561 1.00 16.13 ? 168 LEU A CB  1 
ATOM   1364 C  CG  . LEU A 1 202 ? 0.423   5.277   -14.870 1.00 19.94 ? 168 LEU A CG  1 
ATOM   1365 C  CD1 . LEU A 1 202 ? 1.752   5.480   -15.578 1.00 18.32 ? 168 LEU A CD1 1 
ATOM   1366 C  CD2 . LEU A 1 202 ? -0.354  6.576   -14.804 1.00 18.39 ? 168 LEU A CD2 1 
ATOM   1367 N  N   . ARG A 1 203 ? -2.282  1.654   -15.927 1.00 15.28 ? 169 ARG A N   1 
ATOM   1368 C  CA  . ARG A 1 203 ? -3.087  0.751   -16.740 1.00 17.81 ? 169 ARG A CA  1 
ATOM   1369 C  C   . ARG A 1 203 ? -4.525  0.665   -16.205 1.00 19.96 ? 169 ARG A C   1 
ATOM   1370 O  O   . ARG A 1 203 ? -5.476  0.716   -16.987 1.00 19.65 ? 169 ARG A O   1 
ATOM   1371 C  CB  . ARG A 1 203 ? -2.424  -0.623  -16.760 1.00 17.25 ? 169 ARG A CB  1 
ATOM   1372 C  CG  . ARG A 1 203 ? -2.896  -1.608  -17.810 1.00 21.53 ? 169 ARG A CG  1 
ATOM   1373 C  CD  . ARG A 1 203 ? -2.360  -2.991  -17.414 1.00 25.90 ? 169 ARG A CD  1 
ATOM   1374 N  NE  . ARG A 1 203 ? -2.630  -4.062  -18.368 1.00 26.73 ? 169 ARG A NE  1 
ATOM   1375 C  CZ  . ARG A 1 203 ? -1.757  -4.496  -19.277 1.00 31.14 ? 169 ARG A CZ  1 
ATOM   1376 N  NH1 . ARG A 1 203 ? -0.561  -3.930  -19.386 1.00 25.56 ? 169 ARG A NH1 1 
ATOM   1377 N  NH2 . ARG A 1 203 ? -2.085  -5.489  -20.091 1.00 30.43 ? 169 ARG A NH2 1 
ATOM   1378 N  N   . ASP A 1 204 ? -4.685  0.539   -14.884 1.00 18.20 ? 170 ASP A N   1 
ATOM   1379 C  CA  . ASP A 1 204 ? -6.018  0.541   -14.268 1.00 17.89 ? 170 ASP A CA  1 
ATOM   1380 C  C   . ASP A 1 204 ? -6.768  1.778   -14.744 1.00 20.39 ? 170 ASP A C   1 
ATOM   1381 O  O   . ASP A 1 204 ? -7.904  1.697   -15.194 1.00 19.70 ? 170 ASP A O   1 
ATOM   1382 C  CB  . ASP A 1 204 ? -5.958  0.642   -12.740 1.00 15.01 ? 170 ASP A CB  1 
ATOM   1383 C  CG  . ASP A 1 204 ? -5.286  -0.539  -12.074 1.00 16.64 ? 170 ASP A CG  1 
ATOM   1384 O  OD1 . ASP A 1 204 ? -5.262  -1.648  -12.652 1.00 15.83 ? 170 ASP A OD1 1 
ATOM   1385 O  OD2 . ASP A 1 204 ? -4.790  -0.345  -10.935 1.00 17.06 ? 170 ASP A OD2 1 
ATOM   1386 N  N   . ILE A 1 205 ? -6.117  2.930   -14.616 1.00 17.50 ? 171 ILE A N   1 
ATOM   1387 C  CA  . ILE A 1 205 ? -6.759  4.212   -14.898 1.00 19.19 ? 171 ILE A CA  1 
ATOM   1388 C  C   . ILE A 1 205 ? -7.111  4.385   -16.383 1.00 16.69 ? 171 ILE A C   1 
ATOM   1389 O  O   . ILE A 1 205 ? -8.155  4.927   -16.714 1.00 18.46 ? 171 ILE A O   1 
ATOM   1390 C  CB  . ILE A 1 205 ? -5.895  5.381   -14.377 1.00 16.99 ? 171 ILE A CB  1 
ATOM   1391 C  CG1 . ILE A 1 205 ? -5.649  5.205   -12.874 1.00 16.47 ? 171 ILE A CG1 1 
ATOM   1392 C  CG2 . ILE A 1 205 ? -6.555  6.723   -14.648 1.00 15.66 ? 171 ILE A CG2 1 
ATOM   1393 C  CD1 . ILE A 1 205 ? -4.586  6.129   -12.330 1.00 15.58 ? 171 ILE A CD1 1 
ATOM   1394 N  N   . SER A 1 206 ? -6.235  3.903   -17.258 1.00 16.19 ? 172 SER A N   1 
ATOM   1395 C  CA  . SER A 1 206 ? -6.421  3.975   -18.699 1.00 18.63 ? 172 SER A CA  1 
ATOM   1396 C  C   . SER A 1 206 ? -7.746  3.356   -19.149 1.00 19.74 ? 172 SER A C   1 
ATOM   1397 O  O   . SER A 1 206 ? -8.319  3.769   -20.152 1.00 19.72 ? 172 SER A O   1 
ATOM   1398 C  CB  . SER A 1 206 ? -5.274  3.249   -19.402 1.00 18.77 ? 172 SER A CB  1 
ATOM   1399 O  OG  . SER A 1 206 ? -5.492  1.841   -19.406 1.00 16.49 ? 172 SER A OG  1 
ATOM   1400 N  N   . LYS A 1 207 ? -8.216  2.358   -18.410 1.00 20.41 ? 173 LYS A N   1 
ATOM   1401 C  CA  . LYS A 1 207 ? -9.450  1.660   -18.750 1.00 20.41 ? 173 LYS A CA  1 
ATOM   1402 C  C   . LYS A 1 207 ? -10.695 2.532   -18.556 1.00 23.07 ? 173 LYS A C   1 
ATOM   1403 O  O   . LYS A 1 207 ? -11.720 2.298   -19.194 1.00 24.32 ? 173 LYS A O   1 
ATOM   1404 C  CB  . LYS A 1 207 ? -9.566  0.351   -17.954 1.00 17.93 ? 173 LYS A CB  1 
ATOM   1405 C  CG  . LYS A 1 207 ? -8.578  -0.727  -18.402 1.00 20.62 ? 173 LYS A CG  1 
ATOM   1406 C  CD  . LYS A 1 207 ? -8.514  -1.886  -17.409 1.00 21.97 ? 173 LYS A CD  1 
ATOM   1407 C  CE  . LYS A 1 207 ? -7.183  -2.609  -17.503 1.00 21.93 ? 173 LYS A CE  1 
ATOM   1408 N  NZ  . LYS A 1 207 ? -7.019  -3.646  -16.462 1.00 22.82 ? 173 LYS A NZ  1 
ATOM   1409 N  N   . LYS A 1 208 ? -10.605 3.539   -17.687 1.00 24.94 ? 174 LYS A N   1 
ATOM   1410 C  CA  . LYS A 1 208 ? -11.733 4.448   -17.455 1.00 24.63 ? 174 LYS A CA  1 
ATOM   1411 C  C   . LYS A 1 208 ? -11.464 5.886   -17.911 1.00 25.84 ? 174 LYS A C   1 
ATOM   1412 O  O   . LYS A 1 208 ? -12.395 6.613   -18.238 1.00 24.62 ? 174 LYS A O   1 
ATOM   1413 C  CB  . LYS A 1 208 ? -12.166 4.434   -15.989 1.00 28.27 ? 174 LYS A CB  1 
ATOM   1414 C  CG  . LYS A 1 208 ? -12.790 3.130   -15.539 1.00 33.74 ? 174 LYS A CG  1 
ATOM   1415 C  CD  . LYS A 1 208 ? -13.418 3.272   -14.160 1.00 38.83 ? 174 LYS A CD  1 
ATOM   1416 C  CE  . LYS A 1 208 ? -14.429 4.409   -14.140 1.00 47.35 ? 174 LYS A CE  1 
ATOM   1417 N  NZ  . LYS A 1 208 ? -15.651 4.086   -14.930 1.00 52.50 ? 174 LYS A NZ  1 
ATOM   1418 N  N   . PHE A 1 209 ? -10.195 6.290   -17.932 1.00 22.62 ? 175 PHE A N   1 
ATOM   1419 C  CA  . PHE A 1 209 ? -9.820  7.614   -18.430 1.00 20.48 ? 175 PHE A CA  1 
ATOM   1420 C  C   . PHE A 1 209 ? -8.761  7.500   -19.522 1.00 22.63 ? 175 PHE A C   1 
ATOM   1421 O  O   . PHE A 1 209 ? -7.647  7.995   -19.364 1.00 20.60 ? 175 PHE A O   1 
ATOM   1422 C  CB  . PHE A 1 209 ? -9.322  8.507   -17.285 1.00 22.40 ? 175 PHE A CB  1 
ATOM   1423 C  CG  . PHE A 1 209 ? -10.310 8.649   -16.157 1.00 23.25 ? 175 PHE A CG  1 
ATOM   1424 C  CD1 . PHE A 1 209 ? -11.200 9.713   -16.124 1.00 31.18 ? 175 PHE A CD1 1 
ATOM   1425 C  CD2 . PHE A 1 209 ? -10.367 7.707   -15.145 1.00 23.33 ? 175 PHE A CD2 1 
ATOM   1426 C  CE1 . PHE A 1 209 ? -12.120 9.837   -15.092 1.00 31.08 ? 175 PHE A CE1 1 
ATOM   1427 C  CE2 . PHE A 1 209 ? -11.279 7.825   -14.109 1.00 25.30 ? 175 PHE A CE2 1 
ATOM   1428 C  CZ  . PHE A 1 209 ? -12.157 8.890   -14.083 1.00 28.83 ? 175 PHE A CZ  1 
ATOM   1429 N  N   . PRO A 1 210 ? -9.113  6.835   -20.638 1.00 25.18 ? 176 PRO A N   1 
ATOM   1430 C  CA  . PRO A 1 210 ? -8.194  6.574   -21.753 1.00 23.58 ? 176 PRO A CA  1 
ATOM   1431 C  C   . PRO A 1 210 ? -7.486  7.835   -22.235 1.00 23.72 ? 176 PRO A C   1 
ATOM   1432 O  O   . PRO A 1 210 ? -6.266  7.822   -22.405 1.00 26.17 ? 176 PRO A O   1 
ATOM   1433 C  CB  . PRO A 1 210 ? -9.117  6.046   -22.852 1.00 22.59 ? 176 PRO A CB  1 
ATOM   1434 C  CG  . PRO A 1 210 ? -10.259 5.449   -22.128 1.00 28.39 ? 176 PRO A CG  1 
ATOM   1435 C  CD  . PRO A 1 210 ? -10.452 6.271   -20.883 1.00 23.21 ? 176 PRO A CD  1 
ATOM   1436 N  N   . ASP A 1 211 ? -8.250  8.900   -22.453 1.00 26.65 ? 177 ASP A N   1 
ATOM   1437 C  CA  . ASP A 1 211 ? -7.718  10.158  -22.976 1.00 29.52 ? 177 ASP A CA  1 
ATOM   1438 C  C   . ASP A 1 211 ? -6.696  10.793  -22.042 1.00 26.33 ? 177 ASP A C   1 
ATOM   1439 O  O   . ASP A 1 211 ? -5.615  11.185  -22.480 1.00 26.09 ? 177 ASP A O   1 
ATOM   1440 C  CB  . ASP A 1 211 ? -8.855  11.150  -23.266 1.00 29.24 ? 177 ASP A CB  1 
ATOM   1441 C  CG  . ASP A 1 211 ? -9.736  10.706  -24.420 1.00 42.01 ? 177 ASP A CG  1 
ATOM   1442 O  OD1 . ASP A 1 211 ? -10.958 10.969  -24.380 1.00 45.75 ? 177 ASP A OD1 1 
ATOM   1443 O  OD2 . ASP A 1 211 ? -9.209  10.087  -25.369 1.00 47.71 ? 177 ASP A OD2 1 
ATOM   1444 N  N   . LEU A 1 212 ? -7.042  10.898  -20.760 1.00 28.16 ? 178 LEU A N   1 
ATOM   1445 C  CA  . LEU A 1 212 ? -6.131  11.481  -19.771 1.00 27.49 ? 178 LEU A CA  1 
ATOM   1446 C  C   . LEU A 1 212 ? -4.808  10.738  -19.757 1.00 27.10 ? 178 LEU A C   1 
ATOM   1447 O  O   . LEU A 1 212 ? -3.744  11.349  -19.721 1.00 30.45 ? 178 LEU A O   1 
ATOM   1448 C  CB  . LEU A 1 212 ? -6.743  11.470  -18.366 1.00 25.68 ? 178 LEU A CB  1 
ATOM   1449 C  CG  . LEU A 1 212 ? -7.976  12.344  -18.149 1.00 29.91 ? 178 LEU A CG  1 
ATOM   1450 C  CD1 . LEU A 1 212 ? -8.234  12.547  -16.663 1.00 29.96 ? 178 LEU A CD1 1 
ATOM   1451 C  CD2 . LEU A 1 212 ? -7.806  13.688  -18.859 1.00 31.90 ? 178 LEU A CD2 1 
ATOM   1452 N  N   . VAL A 1 213 ? -4.882  9.413   -19.791 1.00 26.52 ? 179 VAL A N   1 
ATOM   1453 C  CA  . VAL A 1 213 ? -3.679  8.591   -19.774 1.00 29.10 ? 179 VAL A CA  1 
ATOM   1454 C  C   . VAL A 1 213 ? -2.862  8.751   -21.060 1.00 29.68 ? 179 VAL A C   1 
ATOM   1455 O  O   . VAL A 1 213 ? -1.632  8.795   -21.022 1.00 25.99 ? 179 VAL A O   1 
ATOM   1456 C  CB  . VAL A 1 213 ? -4.015  7.103   -19.531 1.00 25.06 ? 179 VAL A CB  1 
ATOM   1457 C  CG1 . VAL A 1 213 ? -2.769  6.246   -19.675 1.00 24.89 ? 179 VAL A CG1 1 
ATOM   1458 C  CG2 . VAL A 1 213 ? -4.636  6.931   -18.150 1.00 24.83 ? 179 VAL A CG2 1 
ATOM   1459 N  N   . LYS A 1 214 ? -3.548  8.841   -22.198 1.00 32.72 ? 180 LYS A N   1 
ATOM   1460 C  CA  . LYS A 1 214 ? -2.862  9.051   -23.472 1.00 31.81 ? 180 LYS A CA  1 
ATOM   1461 C  C   . LYS A 1 214 ? -2.115  10.379  -23.462 1.00 30.49 ? 180 LYS A C   1 
ATOM   1462 O  O   . LYS A 1 214 ? -0.954  10.454  -23.865 1.00 35.62 ? 180 LYS A O   1 
ATOM   1463 C  CB  . LYS A 1 214 ? -3.847  9.017   -24.645 1.00 38.39 ? 180 LYS A CB  1 
ATOM   1464 C  CG  . LYS A 1 214 ? -3.168  9.165   -26.000 1.00 36.99 ? 180 LYS A CG  1 
ATOM   1465 C  CD  . LYS A 1 214 ? -4.145  9.594   -27.070 1.00 45.40 ? 180 LYS A CD  1 
ATOM   1466 C  CE  . LYS A 1 214 ? -3.486  9.606   -28.440 1.00 50.52 ? 180 LYS A CE  1 
ATOM   1467 N  NZ  . LYS A 1 214 ? -4.461  9.988   -29.505 1.00 64.01 ? 180 LYS A NZ  1 
ATOM   1468 N  N   . ILE A 1 215 ? -2.788  11.421  -22.991 1.00 27.11 ? 181 ILE A N   1 
ATOM   1469 C  CA  . ILE A 1 215 ? -2.187  12.748  -22.875 1.00 32.78 ? 181 ILE A CA  1 
ATOM   1470 C  C   . ILE A 1 215 ? -0.904  12.734  -22.039 1.00 34.97 ? 181 ILE A C   1 
ATOM   1471 O  O   . ILE A 1 215 ? 0.107   13.321  -22.425 1.00 36.08 ? 181 ILE A O   1 
ATOM   1472 C  CB  . ILE A 1 215 ? -3.178  13.748  -22.259 1.00 31.73 ? 181 ILE A CB  1 
ATOM   1473 C  CG1 . ILE A 1 215 ? -4.306  14.050  -23.252 1.00 33.29 ? 181 ILE A CG1 1 
ATOM   1474 C  CG2 . ILE A 1 215 ? -2.457  15.028  -21.849 1.00 33.94 ? 181 ILE A CG2 1 
ATOM   1475 C  CD1 . ILE A 1 215 ? -5.580  14.537  -22.595 1.00 33.09 ? 181 ILE A CD1 1 
ATOM   1476 N  N   . GLU A 1 216 ? -0.949  12.059  -20.894 1.00 33.18 ? 182 GLU A N   1 
ATOM   1477 C  CA  . GLU A 1 216 ? 0.209   11.972  -20.017 1.00 28.58 ? 182 GLU A CA  1 
ATOM   1478 C  C   . GLU A 1 216 ? 1.335   11.191  -20.686 1.00 31.94 ? 182 GLU A C   1 
ATOM   1479 O  O   . GLU A 1 216 ? 2.495   11.599  -20.648 1.00 33.10 ? 182 GLU A O   1 
ATOM   1480 C  CB  . GLU A 1 216 ? -0.179  11.308  -18.697 1.00 28.08 ? 182 GLU A CB  1 
ATOM   1481 C  CG  . GLU A 1 216 ? 1.004   10.841  -17.868 1.00 29.94 ? 182 GLU A CG  1 
ATOM   1482 C  CD  . GLU A 1 216 ? 1.838   11.988  -17.343 1.00 30.22 ? 182 GLU A CD  1 
ATOM   1483 O  OE1 . GLU A 1 216 ? 1.251   13.008  -16.923 1.00 32.18 ? 182 GLU A OE1 1 
ATOM   1484 O  OE2 . GLU A 1 216 ? 3.079   11.865  -17.345 1.00 26.85 ? 182 GLU A OE2 1 
ATOM   1485 N  N   . LEU A 1 217 ? 0.987   10.065  -21.298 1.00 31.87 ? 183 LEU A N   1 
ATOM   1486 C  CA  . LEU A 1 217 ? 1.976   9.223   -21.960 1.00 29.84 ? 183 LEU A CA  1 
ATOM   1487 C  C   . LEU A 1 217 ? 2.611   9.899   -23.175 1.00 34.56 ? 183 LEU A C   1 
ATOM   1488 O  O   . LEU A 1 217 ? 3.765   9.626   -23.503 1.00 31.92 ? 183 LEU A O   1 
ATOM   1489 C  CB  . LEU A 1 217 ? 1.365   7.876   -22.365 1.00 31.67 ? 183 LEU A CB  1 
ATOM   1490 C  CG  . LEU A 1 217 ? 1.607   6.720   -21.384 1.00 33.18 ? 183 LEU A CG  1 
ATOM   1491 C  CD1 . LEU A 1 217 ? 1.394   7.163   -19.942 1.00 27.75 ? 183 LEU A CD1 1 
ATOM   1492 C  CD2 . LEU A 1 217 ? 0.738   5.522   -21.727 1.00 28.85 ? 183 LEU A CD2 1 
ATOM   1493 N  N   . LYS A 1 218 ? 1.857   10.771  -23.839 1.00 34.85 ? 184 LYS A N   1 
ATOM   1494 C  CA  . LYS A 1 218 ? 2.356   11.441  -25.036 1.00 40.91 ? 184 LYS A CA  1 
ATOM   1495 C  C   . LYS A 1 218 ? 3.609   12.251  -24.736 1.00 40.91 ? 184 LYS A C   1 
ATOM   1496 O  O   . LYS A 1 218 ? 4.428   12.482  -25.619 1.00 45.68 ? 184 LYS A O   1 
ATOM   1497 C  CB  . LYS A 1 218 ? 1.286   12.346  -25.658 1.00 39.22 ? 184 LYS A CB  1 
ATOM   1498 C  CG  . LYS A 1 218 ? 0.188   11.595  -26.391 1.00 41.62 ? 184 LYS A CG  1 
ATOM   1499 C  CD  . LYS A 1 218 ? -0.451  12.443  -27.485 1.00 49.71 ? 184 LYS A CD  1 
ATOM   1500 C  CE  . LYS A 1 218 ? -1.108  13.698  -26.930 1.00 51.67 ? 184 LYS A CE  1 
ATOM   1501 N  NZ  . LYS A 1 218 ? -1.940  14.378  -27.969 1.00 56.32 ? 184 LYS A NZ  1 
ATOM   1502 N  N   . ASN A 1 219 ? 3.758   12.671  -23.485 1.00 38.54 ? 185 ASN A N   1 
ATOM   1503 C  CA  . ASN A 1 219 ? 4.887   13.506  -23.098 1.00 41.41 ? 185 ASN A CA  1 
ATOM   1504 C  C   . ASN A 1 219 ? 6.132   12.725  -22.677 1.00 38.60 ? 185 ASN A C   1 
ATOM   1505 O  O   . ASN A 1 219 ? 7.142   13.318  -22.307 1.00 34.81 ? 185 ASN A O   1 
ATOM   1506 C  CB  . ASN A 1 219 ? 4.470   14.475  -21.991 1.00 47.18 ? 185 ASN A CB  1 
ATOM   1507 C  CG  . ASN A 1 219 ? 3.374   15.427  -22.436 1.00 56.02 ? 185 ASN A CG  1 
ATOM   1508 O  OD1 . ASN A 1 219 ? 3.202   15.676  -23.633 1.00 53.54 ? 185 ASN A OD1 1 
ATOM   1509 N  ND2 . ASN A 1 219 ? 2.625   15.963  -21.474 1.00 58.12 ? 185 ASN A ND2 1 
ATOM   1510 N  N   . TRP A 1 220 ? 6.064   11.399  -22.752 1.00 33.83 ? 186 TRP A N   1 
ATOM   1511 C  CA  . TRP A 1 220 ? 7.163   10.559  -22.282 1.00 36.09 ? 186 TRP A CA  1 
ATOM   1512 C  C   . TRP A 1 220 ? 8.208   10.316  -23.365 1.00 35.87 ? 186 TRP A C   1 
ATOM   1513 O  O   . TRP A 1 220 ? 7.876   9.971   -24.503 1.00 32.25 ? 186 TRP A O   1 
ATOM   1514 C  CB  . TRP A 1 220 ? 6.642   9.204   -21.797 1.00 36.87 ? 186 TRP A CB  1 
ATOM   1515 C  CG  . TRP A 1 220 ? 5.782   9.244   -20.567 1.00 31.58 ? 186 TRP A CG  1 
ATOM   1516 C  CD1 . TRP A 1 220 ? 5.141   10.326  -20.042 1.00 28.52 ? 186 TRP A CD1 1 
ATOM   1517 C  CD2 . TRP A 1 220 ? 5.445   8.133   -19.731 1.00 29.93 ? 186 TRP A CD2 1 
ATOM   1518 N  NE1 . TRP A 1 220 ? 4.436   9.961   -18.923 1.00 30.65 ? 186 TRP A NE1 1 
ATOM   1519 C  CE2 . TRP A 1 220 ? 4.605   8.617   -18.711 1.00 29.25 ? 186 TRP A CE2 1 
ATOM   1520 C  CE3 . TRP A 1 220 ? 5.779   6.773   -19.743 1.00 26.03 ? 186 TRP A CE3 1 
ATOM   1521 C  CZ2 . TRP A 1 220 ? 4.092   7.792   -17.714 1.00 23.99 ? 186 TRP A CZ2 1 
ATOM   1522 C  CZ3 . TRP A 1 220 ? 5.271   5.957   -18.752 1.00 25.09 ? 186 TRP A CZ3 1 
ATOM   1523 C  CH2 . TRP A 1 220 ? 4.438   6.470   -17.750 1.00 25.10 ? 186 TRP A CH2 1 
ATOM   1524 N  N   . LYS A 1 221 ? 9.472   10.481  -22.992 1.00 30.75 ? 187 LYS A N   1 
ATOM   1525 C  CA  . LYS A 1 221 ? 10.579  10.131  -23.862 1.00 34.67 ? 187 LYS A CA  1 
ATOM   1526 C  C   . LYS A 1 221 ? 11.124  8.774   -23.437 1.00 34.96 ? 187 LYS A C   1 
ATOM   1527 O  O   . LYS A 1 221 ? 11.704  8.629   -22.360 1.00 33.74 ? 187 LYS A O   1 
ATOM   1528 C  CB  . LYS A 1 221 ? 11.668  11.206  -23.801 1.00 41.58 ? 187 LYS A CB  1 
ATOM   1529 C  CG  . LYS A 1 221 ? 11.182  12.592  -24.224 1.00 38.08 ? 187 LYS A CG  1 
ATOM   1530 C  CD  . LYS A 1 221 ? 10.667  12.581  -25.663 1.00 44.49 ? 187 LYS A CD  1 
ATOM   1531 C  CE  . LYS A 1 221 ? 10.143  13.946  -26.083 1.00 41.19 ? 187 LYS A CE  1 
ATOM   1532 N  NZ  . LYS A 1 221 ? 9.079   14.427  -25.153 1.00 49.21 ? 187 LYS A NZ  1 
ATOM   1533 N  N   . LEU A 1 222 ? 10.919  7.777   -24.288 1.00 33.72 ? 188 LEU A N   1 
ATOM   1534 C  CA  . LEU A 1 222 ? 11.264  6.402   -23.951 1.00 36.03 ? 188 LEU A CA  1 
ATOM   1535 C  C   . LEU A 1 222 ? 12.764  6.145   -24.115 1.00 38.36 ? 188 LEU A C   1 
ATOM   1536 O  O   . LEU A 1 222 ? 13.193  5.421   -25.019 1.00 34.68 ? 188 LEU A O   1 
ATOM   1537 C  CB  . LEU A 1 222 ? 10.433  5.433   -24.797 1.00 35.40 ? 188 LEU A CB  1 
ATOM   1538 C  CG  . LEU A 1 222 ? 8.982   5.193   -24.350 1.00 39.67 ? 188 LEU A CG  1 
ATOM   1539 C  CD1 . LEU A 1 222 ? 8.297   6.469   -23.876 1.00 30.27 ? 188 LEU A CD1 1 
ATOM   1540 C  CD2 . LEU A 1 222 ? 8.168   4.519   -25.454 1.00 35.13 ? 188 LEU A CD2 1 
ATOM   1541 N  N   . GLU A 1 223 ? 13.553  6.734   -23.221 1.00 34.03 ? 189 GLU A N   1 
ATOM   1542 C  CA  . GLU A 1 223 ? 15.006  6.756   -23.382 1.00 34.40 ? 189 GLU A CA  1 
ATOM   1543 C  C   . GLU A 1 223 ? 15.746  5.865   -22.384 1.00 36.54 ? 189 GLU A C   1 
ATOM   1544 O  O   . GLU A 1 223 ? 16.971  5.928   -22.279 1.00 33.40 ? 189 GLU A O   1 
ATOM   1545 C  CB  . GLU A 1 223 ? 15.521  8.200   -23.315 1.00 35.53 ? 189 GLU A CB  1 
ATOM   1546 C  CG  . GLU A 1 223 ? 15.094  9.050   -24.515 1.00 42.19 ? 189 GLU A CG  1 
ATOM   1547 C  CD  . GLU A 1 223 ? 15.346  10.539  -24.327 1.00 48.42 ? 189 GLU A CD  1 
ATOM   1548 O  OE1 . GLU A 1 223 ? 15.596  10.976  -23.181 1.00 49.07 ? 189 GLU A OE1 1 
ATOM   1549 O  OE2 . GLU A 1 223 ? 15.292  11.275  -25.336 1.00 50.58 ? 189 GLU A OE2 1 
ATOM   1550 N  N   . SER A 1 224 ? 15.003  5.038   -21.656 1.00 36.46 ? 190 SER A N   1 
ATOM   1551 C  CA  . SER A 1 224 ? 15.611  4.079   -20.737 1.00 31.03 ? 190 SER A CA  1 
ATOM   1552 C  C   . SER A 1 224 ? 14.753  2.831   -20.567 1.00 34.18 ? 190 SER A C   1 
ATOM   1553 O  O   . SER A 1 224 ? 13.545  2.849   -20.800 1.00 32.68 ? 190 SER A O   1 
ATOM   1554 C  CB  . SER A 1 224 ? 15.886  4.718   -19.374 1.00 33.80 ? 190 SER A CB  1 
ATOM   1555 O  OG  . SER A 1 224 ? 14.683  5.075   -18.714 1.00 35.09 ? 190 SER A OG  1 
ATOM   1556 N  N   . LYS A 1 225 ? 15.404  1.747   -20.166 1.00 35.10 ? 191 LYS A N   1 
ATOM   1557 C  CA  . LYS A 1 225 ? 14.742  0.476   -19.924 1.00 33.73 ? 191 LYS A CA  1 
ATOM   1558 C  C   . LYS A 1 225 ? 13.665  0.613   -18.858 1.00 34.66 ? 191 LYS A C   1 
ATOM   1559 O  O   . LYS A 1 225 ? 12.668  -0.108  -18.881 1.00 32.35 ? 191 LYS A O   1 
ATOM   1560 C  CB  . LYS A 1 225 ? 15.780  -0.565  -19.504 1.00 36.41 ? 191 LYS A CB  1 
ATOM   1561 C  CG  . LYS A 1 225 ? 15.297  -1.568  -18.480 1.00 43.91 ? 191 LYS A CG  1 
ATOM   1562 C  CD  . LYS A 1 225 ? 16.461  -2.355  -17.907 1.00 50.12 ? 191 LYS A CD  1 
ATOM   1563 C  CE  . LYS A 1 225 ? 17.520  -1.419  -17.345 1.00 49.76 ? 191 LYS A CE  1 
ATOM   1564 N  NZ  . LYS A 1 225 ? 18.712  -2.159  -16.836 1.00 53.14 ? 191 LYS A NZ  1 
ATOM   1565 N  N   . GLU A 1 226 ? 13.865  1.548   -17.930 1.00 33.52 ? 192 GLU A N   1 
ATOM   1566 C  CA  . GLU A 1 226 ? 12.923  1.761   -16.838 1.00 31.43 ? 192 GLU A CA  1 
ATOM   1567 C  C   . GLU A 1 226 ? 11.591  2.304   -17.342 1.00 31.98 ? 192 GLU A C   1 
ATOM   1568 O  O   . GLU A 1 226 ? 10.538  1.692   -17.148 1.00 26.31 ? 192 GLU A O   1 
ATOM   1569 C  CB  . GLU A 1 226 ? 13.501  2.721   -15.790 1.00 28.79 ? 192 GLU A CB  1 
ATOM   1570 C  CG  . GLU A 1 226 ? 14.622  2.135   -14.944 1.00 32.31 ? 192 GLU A CG  1 
ATOM   1571 C  CD  . GLU A 1 226 ? 15.944  2.084   -15.687 1.00 38.43 ? 192 GLU A CD  1 
ATOM   1572 O  OE1 . GLU A 1 226 ? 16.143  2.908   -16.601 1.00 37.67 ? 192 GLU A OE1 1 
ATOM   1573 O  OE2 . GLU A 1 226 ? 16.785  1.221   -15.358 1.00 45.04 ? 192 GLU A OE2 1 
ATOM   1574 N  N   . ILE A 1 227 ? 11.643  3.468   -17.976 1.00 32.20 ? 193 ILE A N   1 
ATOM   1575 C  CA  . ILE A 1 227 ? 10.431  4.137   -18.418 1.00 30.67 ? 193 ILE A CA  1 
ATOM   1576 C  C   . ILE A 1 227 ? 9.720   3.320   -19.502 1.00 29.30 ? 193 ILE A C   1 
ATOM   1577 O  O   . ILE A 1 227 ? 8.498   3.349   -19.611 1.00 27.11 ? 193 ILE A O   1 
ATOM   1578 C  CB  . ILE A 1 227 ? 10.721  5.567   -18.899 1.00 28.63 ? 193 ILE A CB  1 
ATOM   1579 C  CG1 . ILE A 1 227 ? 9.417   6.341   -19.095 1.00 28.30 ? 193 ILE A CG1 1 
ATOM   1580 C  CG2 . ILE A 1 227 ? 11.558  5.541   -20.176 1.00 34.38 ? 193 ILE A CG2 1 
ATOM   1581 C  CD1 . ILE A 1 227 ? 9.617   7.774   -19.539 1.00 27.96 ? 193 ILE A CD1 1 
ATOM   1582 N  N   . ASN A 1 228 ? 10.489  2.575   -20.287 1.00 31.86 ? 194 ASN A N   1 
ATOM   1583 C  CA  . ASN A 1 228 ? 9.903   1.699   -21.297 1.00 34.05 ? 194 ASN A CA  1 
ATOM   1584 C  C   . ASN A 1 228 ? 9.081   0.553   -20.718 1.00 29.15 ? 194 ASN A C   1 
ATOM   1585 O  O   . ASN A 1 228 ? 8.031   0.203   -21.261 1.00 25.56 ? 194 ASN A O   1 
ATOM   1586 C  CB  . ASN A 1 228 ? 10.966  1.161   -22.249 1.00 29.18 ? 194 ASN A CB  1 
ATOM   1587 C  CG  . ASN A 1 228 ? 10.896  1.817   -23.606 1.00 45.05 ? 194 ASN A CG  1 
ATOM   1588 O  OD1 . ASN A 1 228 ? 10.144  1.380   -24.480 1.00 44.03 ? 194 ASN A OD1 1 
ATOM   1589 N  ND2 . ASN A 1 228 ? 11.668  2.885   -23.788 1.00 41.18 ? 194 ASN A ND2 1 
ATOM   1590 N  N   . GLN A 1 229 ? 9.580   -0.034  -19.634 1.00 26.22 ? 195 GLN A N   1 
ATOM   1591 C  CA  . GLN A 1 229 ? 8.842   -1.056  -18.909 1.00 28.49 ? 195 GLN A CA  1 
ATOM   1592 C  C   . GLN A 1 229 ? 7.528   -0.454  -18.440 1.00 29.09 ? 195 GLN A C   1 
ATOM   1593 O  O   . GLN A 1 229 ? 6.459   -1.001  -18.710 1.00 28.74 ? 195 GLN A O   1 
ATOM   1594 C  CB  . GLN A 1 229 ? 9.649   -1.569  -17.713 1.00 32.30 ? 195 GLN A CB  1 
ATOM   1595 C  CG  . GLN A 1 229 ? 8.966   -2.685  -16.932 1.00 31.67 ? 195 GLN A CG  1 
ATOM   1596 C  CD  . GLN A 1 229 ? 9.882   -3.303  -15.888 1.00 36.58 ? 195 GLN A CD  1 
ATOM   1597 O  OE1 . GLN A 1 229 ? 10.637  -2.599  -15.214 1.00 30.35 ? 195 GLN A OE1 1 
ATOM   1598 N  NE2 . GLN A 1 229 ? 9.825   -4.624  -15.755 1.00 31.15 ? 195 GLN A NE2 1 
ATOM   1599 N  N   . VAL A 1 230 ? 7.606   0.690   -17.765 1.00 25.76 ? 196 VAL A N   1 
ATOM   1600 C  CA  . VAL A 1 230 ? 6.402   1.374   -17.305 1.00 26.27 ? 196 VAL A CA  1 
ATOM   1601 C  C   . VAL A 1 230 ? 5.468   1.712   -18.466 1.00 24.87 ? 196 VAL A C   1 
ATOM   1602 O  O   . VAL A 1 230 ? 4.254   1.561   -18.357 1.00 21.64 ? 196 VAL A O   1 
ATOM   1603 C  CB  . VAL A 1 230 ? 6.727   2.663   -16.520 1.00 25.01 ? 196 VAL A CB  1 
ATOM   1604 C  CG1 . VAL A 1 230 ? 5.440   3.429   -16.199 1.00 20.40 ? 196 VAL A CG1 1 
ATOM   1605 C  CG2 . VAL A 1 230 ? 7.493   2.331   -15.240 1.00 24.77 ? 196 VAL A CG2 1 
ATOM   1606 N  N   . TYR A 1 231 ? 6.043   2.165   -19.576 1.00 25.28 ? 197 TYR A N   1 
ATOM   1607 C  CA  . TYR A 1 231 ? 5.251   2.585   -20.729 1.00 24.17 ? 197 TYR A CA  1 
ATOM   1608 C  C   . TYR A 1 231 ? 4.461   1.435   -21.348 1.00 24.44 ? 197 TYR A C   1 
ATOM   1609 O  O   . TYR A 1 231 ? 3.288   1.592   -21.684 1.00 21.66 ? 197 TYR A O   1 
ATOM   1610 C  CB  . TYR A 1 231 ? 6.131   3.239   -21.796 1.00 25.99 ? 197 TYR A CB  1 
ATOM   1611 C  CG  . TYR A 1 231 ? 5.360   3.630   -23.038 1.00 26.59 ? 197 TYR A CG  1 
ATOM   1612 C  CD1 . TYR A 1 231 ? 4.641   4.815   -23.082 1.00 30.06 ? 197 TYR A CD1 1 
ATOM   1613 C  CD2 . TYR A 1 231 ? 5.339   2.809   -24.155 1.00 28.42 ? 197 TYR A CD2 1 
ATOM   1614 C  CE1 . TYR A 1 231 ? 3.933   5.179   -24.206 1.00 27.32 ? 197 TYR A CE1 1 
ATOM   1615 C  CE2 . TYR A 1 231 ? 4.631   3.164   -25.286 1.00 32.25 ? 197 TYR A CE2 1 
ATOM   1616 C  CZ  . TYR A 1 231 ? 3.929   4.353   -25.305 1.00 31.21 ? 197 TYR A CZ  1 
ATOM   1617 O  OH  . TYR A 1 231 ? 3.209   4.717   -26.426 1.00 32.02 ? 197 TYR A OH  1 
ATOM   1618 N  N   . LYS A 1 232 ? 5.121   0.292   -21.511 1.00 24.93 ? 198 LYS A N   1 
ATOM   1619 C  CA  . LYS A 1 232 ? 4.481   -0.895  -22.061 1.00 28.37 ? 198 LYS A CA  1 
ATOM   1620 C  C   . LYS A 1 232 ? 3.272   -1.317  -21.225 1.00 26.70 ? 198 LYS A C   1 
ATOM   1621 O  O   . LYS A 1 232 ? 2.206   -1.602  -21.765 1.00 23.98 ? 198 LYS A O   1 
ATOM   1622 C  CB  . LYS A 1 232 ? 5.481   -2.048  -22.162 1.00 32.83 ? 198 LYS A CB  1 
ATOM   1623 C  CG  . LYS A 1 232 ? 6.618   -1.792  -23.137 1.00 38.06 ? 198 LYS A CG  1 
ATOM   1624 C  CD  . LYS A 1 232 ? 6.098   -1.631  -24.558 1.00 42.29 ? 198 LYS A CD  1 
ATOM   1625 C  CE  . LYS A 1 232 ? 5.539   -2.946  -25.099 1.00 52.38 ? 198 LYS A CE  1 
ATOM   1626 N  NZ  . LYS A 1 232 ? 4.774   -2.734  -26.361 1.00 48.18 ? 198 LYS A NZ  1 
ATOM   1627 N  N   . LEU A 1 233 ? 3.446   -1.351  -19.907 1.00 25.62 ? 199 LEU A N   1 
ATOM   1628 C  CA  . LEU A 1 233 ? 2.359   -1.707  -18.999 1.00 24.54 ? 199 LEU A CA  1 
ATOM   1629 C  C   . LEU A 1 233 ? 1.201   -0.714  -19.080 1.00 21.73 ? 199 LEU A C   1 
ATOM   1630 O  O   . LEU A 1 233 ? 0.033   -1.101  -19.071 1.00 20.58 ? 199 LEU A O   1 
ATOM   1631 C  CB  . LEU A 1 233 ? 2.867   -1.795  -17.552 1.00 19.88 ? 199 LEU A CB  1 
ATOM   1632 C  CG  . LEU A 1 233 ? 3.771   -2.988  -17.227 1.00 21.54 ? 199 LEU A CG  1 
ATOM   1633 C  CD1 . LEU A 1 233 ? 4.374   -2.875  -15.828 1.00 19.53 ? 199 LEU A CD1 1 
ATOM   1634 C  CD2 . LEU A 1 233 ? 3.023   -4.309  -17.394 1.00 18.52 ? 199 LEU A CD2 1 
ATOM   1635 N  N   . ALA A 1 234 ? 1.532   0.567   -19.171 1.00 22.83 ? 200 ALA A N   1 
ATOM   1636 C  CA  . ALA A 1 234 ? 0.528   1.618   -19.028 1.00 23.33 ? 200 ALA A CA  1 
ATOM   1637 C  C   . ALA A 1 234 ? -0.262  1.907   -20.303 1.00 25.67 ? 200 ALA A C   1 
ATOM   1638 O  O   . ALA A 1 234 ? -1.345  2.486   -20.244 1.00 27.78 ? 200 ALA A O   1 
ATOM   1639 C  CB  . ALA A 1 234 ? 1.181   2.890   -18.517 1.00 23.20 ? 200 ALA A CB  1 
ATOM   1640 N  N   . SER A 1 235 ? 0.270   1.496   -21.450 1.00 27.17 ? 201 SER A N   1 
ATOM   1641 C  CA  . SER A 1 235 ? -0.292  1.913   -22.731 1.00 29.82 ? 201 SER A CA  1 
ATOM   1642 C  C   . SER A 1 235 ? -1.045  0.821   -23.495 1.00 28.79 ? 201 SER A C   1 
ATOM   1643 O  O   . SER A 1 235 ? -1.478  1.049   -24.618 1.00 29.80 ? 201 SER A O   1 
ATOM   1644 C  CB  . SER A 1 235 ? 0.805   2.506   -23.624 1.00 29.52 ? 201 SER A CB  1 
ATOM   1645 O  OG  . SER A 1 235 ? 1.695   1.496   -24.067 1.00 29.76 ? 201 SER A OG  1 
ATOM   1646 N  N   . LYS A 1 236 ? -1.205  -0.351  -22.890 1.00 24.41 ? 202 LYS A N   1 
ATOM   1647 C  CA  . LYS A 1 236 ? -1.899  -1.464  -23.539 1.00 28.61 ? 202 LYS A CA  1 
ATOM   1648 C  C   . LYS A 1 236 ? -3.210  -1.047  -24.213 1.00 30.04 ? 202 LYS A C   1 
ATOM   1649 O  O   . LYS A 1 236 ? -3.501  -1.437  -25.349 1.00 24.61 ? 202 LYS A O   1 
ATOM   1650 C  CB  . LYS A 1 236 ? -2.192  -2.567  -22.517 1.00 28.98 ? 202 LYS A CB  1 
ATOM   1651 C  CG  . LYS A 1 236 ? -3.004  -3.731  -23.058 1.00 30.88 ? 202 LYS A CG  1 
ATOM   1652 C  CD  . LYS A 1 236 ? -2.204  -4.515  -24.086 1.00 38.71 ? 202 LYS A CD  1 
ATOM   1653 C  CE  . LYS A 1 236 ? -2.782  -5.906  -24.303 1.00 40.90 ? 202 LYS A CE  1 
ATOM   1654 N  NZ  . LYS A 1 236 ? -2.022  -6.656  -25.348 1.00 39.59 ? 202 LYS A NZ  1 
ATOM   1655 N  N   . PHE A 1 237 ? -3.994  -0.239  -23.511 1.00 25.01 ? 203 PHE A N   1 
ATOM   1656 C  CA  . PHE A 1 237 ? -5.347  0.058   -23.949 1.00 24.46 ? 203 PHE A CA  1 
ATOM   1657 C  C   . PHE A 1 237 ? -5.529  1.476   -24.471 1.00 24.94 ? 203 PHE A C   1 
ATOM   1658 O  O   . PHE A 1 237 ? -6.648  1.956   -24.613 1.00 27.70 ? 203 PHE A O   1 
ATOM   1659 C  CB  . PHE A 1 237 ? -6.329  -0.258  -22.820 1.00 22.11 ? 203 PHE A CB  1 
ATOM   1660 C  CG  . PHE A 1 237 ? -6.309  -1.698  -22.415 1.00 25.11 ? 203 PHE A CG  1 
ATOM   1661 C  CD1 . PHE A 1 237 ? -6.781  -2.673  -23.280 1.00 23.33 ? 203 PHE A CD1 1 
ATOM   1662 C  CD2 . PHE A 1 237 ? -5.787  -2.085  -21.190 1.00 24.67 ? 203 PHE A CD2 1 
ATOM   1663 C  CE1 . PHE A 1 237 ? -6.746  -4.007  -22.931 1.00 26.09 ? 203 PHE A CE1 1 
ATOM   1664 C  CE2 . PHE A 1 237 ? -5.752  -3.416  -20.829 1.00 28.48 ? 203 PHE A CE2 1 
ATOM   1665 C  CZ  . PHE A 1 237 ? -6.234  -4.384  -21.702 1.00 27.88 ? 203 PHE A CZ  1 
ATOM   1666 N  N   . ILE A 1 238 ? -4.425  2.145   -24.770 1.00 26.77 ? 204 ILE A N   1 
ATOM   1667 C  CA  . ILE A 1 238 ? -4.523  3.481   -25.333 1.00 33.36 ? 204 ILE A CA  1 
ATOM   1668 C  C   . ILE A 1 238 ? -4.044  3.507   -26.785 1.00 34.64 ? 204 ILE A C   1 
ATOM   1669 O  O   . ILE A 1 238 ? -3.134  2.771   -27.173 1.00 33.37 ? 204 ILE A O   1 
ATOM   1670 C  CB  . ILE A 1 238 ? -3.803  4.544   -24.458 1.00 34.23 ? 204 ILE A CB  1 
ATOM   1671 C  CG1 . ILE A 1 238 ? -2.303  4.272   -24.382 1.00 36.11 ? 204 ILE A CG1 1 
ATOM   1672 C  CG2 . ILE A 1 238 ? -4.411  4.587   -23.052 1.00 28.11 ? 204 ILE A CG2 1 
ATOM   1673 C  CD1 . ILE A 1 238 ? -1.510  4.854   -25.539 1.00 42.79 ? 204 ILE A CD1 1 
ATOM   1674 N  N   . ASP A 1 239 ? -4.687  4.355   -27.578 1.00 32.20 ? 205 ASP A N   1 
ATOM   1675 C  CA  . ASP A 1 239 ? -4.379  4.496   -28.992 1.00 40.00 ? 205 ASP A CA  1 
ATOM   1676 C  C   . ASP A 1 239 ? -3.009  5.141   -29.198 1.00 42.95 ? 205 ASP A C   1 
ATOM   1677 O  O   . ASP A 1 239 ? -2.822  6.322   -28.915 1.00 43.90 ? 205 ASP A O   1 
ATOM   1678 C  CB  . ASP A 1 239 ? -5.464  5.336   -29.670 1.00 43.07 ? 205 ASP A CB  1 
ATOM   1679 C  CG  . ASP A 1 239 ? -5.459  5.188   -31.174 1.00 49.43 ? 205 ASP A CG  1 
ATOM   1680 O  OD1 . ASP A 1 239 ? -4.751  4.287   -31.677 1.00 45.64 ? 205 ASP A OD1 1 
ATOM   1681 O  OD2 . ASP A 1 239 ? -6.164  5.972   -31.848 1.00 45.96 ? 205 ASP A OD2 1 
HETATM 1682 N  N1  . EPE B 2 .   ? 12.443  -6.938  -3.900  1.00 39.19 ? 207 EPE A N1  1 
HETATM 1683 C  C2  . EPE B 2 .   ? 12.954  -7.301  -2.562  1.00 33.00 ? 207 EPE A C2  1 
HETATM 1684 C  C3  . EPE B 2 .   ? 12.004  -8.237  -1.816  1.00 31.78 ? 207 EPE A C3  1 
HETATM 1685 N  N4  . EPE B 2 .   ? 10.602  -7.888  -1.980  1.00 36.18 ? 207 EPE A N4  1 
HETATM 1686 C  C5  . EPE B 2 .   ? 10.150  -7.493  -3.297  1.00 25.72 ? 207 EPE A C5  1 
HETATM 1687 C  C6  . EPE B 2 .   ? 11.068  -6.414  -3.841  1.00 29.13 ? 207 EPE A C6  1 
HETATM 1688 C  C7  . EPE B 2 .   ? 9.623   -8.517  -1.112  1.00 29.43 ? 207 EPE A C7  1 
HETATM 1689 C  C8  . EPE B 2 .   ? 10.174  -8.766  0.282   1.00 24.98 ? 207 EPE A C8  1 
HETATM 1690 O  O8  . EPE B 2 .   ? 10.105  -7.563  1.008   1.00 29.24 ? 207 EPE A O8  1 
HETATM 1691 C  C9  . EPE B 2 .   ? 13.291  -5.883  -4.474  1.00 34.86 ? 207 EPE A C9  1 
HETATM 1692 C  C10 . EPE B 2 .   ? 12.624  -5.471  -5.773  1.00 36.14 ? 207 EPE A C10 1 
HETATM 1693 S  S   . EPE B 2 .   ? 13.682  -4.644  -6.978  1.00 36.60 ? 207 EPE A S   1 
HETATM 1694 O  O1S . EPE B 2 .   ? 13.017  -4.810  -8.267  1.00 34.92 ? 207 EPE A O1S 1 
HETATM 1695 O  O2S . EPE B 2 .   ? 14.995  -5.280  -7.003  1.00 31.41 ? 207 EPE A O2S 1 
HETATM 1696 O  O3S . EPE B 2 .   ? 13.815  -3.223  -6.673  1.00 28.16 ? 207 EPE A O3S 1 
HETATM 1697 O  O   . HOH C 3 .   ? -10.097 -1.001  -6.312  1.00 22.00 ? 208 HOH A O   1 
HETATM 1698 O  O   . HOH C 3 .   ? 5.943   -2.724  -0.639  1.00 14.29 ? 209 HOH A O   1 
HETATM 1699 O  O   . HOH C 3 .   ? -4.718  2.366   -10.287 1.00 15.21 ? 210 HOH A O   1 
HETATM 1700 O  O   . HOH C 3 .   ? -3.615  0.872   -21.008 1.00 21.10 ? 211 HOH A O   1 
HETATM 1701 O  O   . HOH C 3 .   ? -8.828  -1.373  19.240  1.00 23.72 ? 212 HOH A O   1 
HETATM 1702 O  O   . HOH C 3 .   ? -5.392  -2.659  7.755   1.00 15.39 ? 213 HOH A O   1 
HETATM 1703 O  O   . HOH C 3 .   ? 7.095   4.742   15.203  1.00 19.08 ? 214 HOH A O   1 
HETATM 1704 O  O   . HOH C 3 .   ? -4.710  -2.662  -15.078 1.00 20.55 ? 215 HOH A O   1 
HETATM 1705 O  O   . HOH C 3 .   ? 7.101   -5.312  16.259  1.00 19.37 ? 216 HOH A O   1 
HETATM 1706 O  O   . HOH C 3 .   ? 3.246   -2.992  -0.959  1.00 18.10 ? 217 HOH A O   1 
HETATM 1707 O  O   . HOH C 3 .   ? 4.600   -8.119  -2.637  1.00 22.84 ? 218 HOH A O   1 
HETATM 1708 O  O   . HOH C 3 .   ? 5.001   -4.461  -7.576  1.00 21.70 ? 219 HOH A O   1 
HETATM 1709 O  O   . HOH C 3 .   ? 0.260   17.646  -1.204  1.00 37.86 ? 220 HOH A O   1 
HETATM 1710 O  O   . HOH C 3 .   ? 3.638   8.873   7.391   1.00 22.62 ? 221 HOH A O   1 
# 
